data_6CMO
#
_entry.id   6CMO
#
_cell.length_a   1.0
_cell.length_b   1.0
_cell.length_c   1.0
_cell.angle_alpha   90.00
_cell.angle_beta   90.00
_cell.angle_gamma   90.00
#
_symmetry.space_group_name_H-M   'P 1'
#
loop_
_entity.id
_entity.type
_entity.pdbx_description
1 polymer 'chimera protein of Soluble cytochrome b562 and Rhodopsin'
2 polymer 'Guanine nucleotide-binding protein G(i) subunit alpha-1'
3 polymer 'Guanine nucleotide-binding protein G(I)/G(S)/G(T) subunit beta-1'
4 polymer 'Guanine nucleotide-binding protein G(I)/G(S)/G(O) subunit gamma-2'
5 polymer 'Fab light chain'
6 polymer 'Fab Heavy chain'
7 branched 2-acetamido-2-deoxy-beta-D-glucopyranose-(1-4)-2-acetamido-2-deoxy-beta-D-glucopyranose
#
loop_
_entity_poly.entity_id
_entity_poly.type
_entity_poly.pdbx_seq_one_letter_code
_entity_poly.pdbx_strand_id
1 'polypeptide(L)'
;FADYKDDDDAKLQTMHHHHHHHHHHENLYFQGGTADLEDNWETLNDNLKVIEKADNAAQVKDALTKMRAAALDAQKATPP
KLEDKSPDSPEMKDFRHGFDILVGQIDDALKLANEGKVKEAQAAAEQLKTTRNAYIQKYLMCGTEGPNFYVPFSNATGVV
RSPFEYPQYYLAEPWQFSMLAAYMFLLIVLGFPINFLTLYVTVQHKKLRTPLNYILLNLAVADLFMVLGGFTSTLYTSLH
GYFVFGPTGCNLQGFFATLGGEIALWSLVVLAIERYVVVCKPMSNFRFGENHAIMGVAFTWVMALACAAPPLAGWSRYIP
EGLQCSCGIDYYTLKPEVNNESFVIYMFVVHFTIPMIIIFFCYGQLVFTVKEAAAQQQESATTQKAEKEVTRMVIIYVIA
FLICWVPYASVAFYIFTHQGSCFGPIFMTIPAFFAKSAAIYNPVIYIMMNKQFRNCMLTTICC
;
R
2 'polypeptide(L)'
;MGCTLSAEDKAAVERSKMIDRNLREDGEKAAREVKLLLLGAGESGKSTIVKQMKIIHEAGYSEEECKQYKAVVYSNTIQS
IIAIIRAMGRLKIDFGDSARADDARQLFVLAGAAEEGFMTAELAGVIKRLWKDSGVQACFNRSREYQLNDSAAYYLNDLD
RIAQPNYIPTQQDVLRTRVKTTGIVETHFTFKDLHFKMFDVGAQRSERKKWIHCFEGVTAIIFCVALSDYDLVLAEDEEM
NRMHESMKLFDSICNNKWFTDTSIILFLNKKDLFEEKIKKSPLTICYPEYAGSNTYEEAAAYIQCQFEDLNKRKDTKEIY
THFTCSTDTKNVQFVFDAVTDVIIKNNLKDCGLF
;
A
3 'polypeptide(L)'
;MGSLLQSELDQLRQEAEQLKNQIRDARKACADATLSQITNNIDPVGRIQMRTRRTLRGHLAKIYAMHWGTDSRLLVSASQ
DGKLIIWDSYTTNKVHAIPLRSSWVMTCAYAPSGNYVACGGLDNICSIYNLKTREGNVRVSRELAGHTGYLSCCRFLDDN
QIVTSSGDTTCALWDIETGQQTTTFTGHTGDVMSLSLAPDTRLFVSGACDASAKLWDVREGMCRQTFTGHESDINAICFF
PNGNAFATGSDDATCRLFDLRADQELMTYSHDNIICGITSVSFSKSGRLLLAGYDDFNCNVWDALKADRAGVLAGHDNRV
SCLGVTDDGMAVATGSWDSFLKIWN
;
B
4 'polypeptide(L)' MASNNTASIAQARKLVEQLKMEANIDRIKVSKAAADLMAYCEAHAKEDPLLTPVPASENPFREKKFFC G
5 'polypeptide(L)'
;SDIQMTQSPSSLSASVGDRVTITCRASQSVSSAVAWYQQKPGKAPKLLIYSASSLYSGVPSRFSGSRSGTDFTLTISSLQ
PEDFATYYCQQSSSSLITFGQGTKVEIKRTVAAPSVFIFPPSDSQLKSGTASVVCLLNNFYPREAKVQWKVDNALQSGNS
QESVTEQDSKDSTYSLSSTLTLSKADYEKHKVYACEVTHQGLSSPVTKSFNRGEC
;
L
6 'polypeptide(L)'
;EISEVQLVESGGGLVQPGGSLRLSCAASGFNFYYSSIHWVRQAPGKGLEWVASIYSYSGSTSYADSVKGRFTISADTSKN
TAYLQMNSLRAEDTAVYYCARYPWYWWMEKPYLSLYGMDYWGQGTLVTVSSASTKGPSVFPLAPSSKSTSGGTAALGCLV
KDYFPEPVTVSWNSGALTSGVHTFPAVLQSSGLYSLSSVVTVPSSSLGTQTYICNVNHKPSNTKVDKKVEPKSCDKTHT
;
H
#
loop_
_chem_comp.id
_chem_comp.type
_chem_comp.name
_chem_comp.formula
NAG D-saccharide, beta linking 2-acetamido-2-deoxy-beta-D-glucopyranose 'C8 H15 N O6'
#
# COMPACT_ATOMS: atom_id res chain seq x y z
N MET A 141 -62.34 -25.94 59.00
CA MET A 141 -61.11 -25.30 58.56
C MET A 141 -60.27 -24.95 59.77
N CYS A 142 -58.95 -25.11 59.62
CA CYS A 142 -58.02 -24.90 60.74
C CYS A 142 -57.87 -23.45 61.15
N GLY A 143 -58.27 -22.50 60.31
CA GLY A 143 -58.17 -21.12 60.68
C GLY A 143 -59.12 -20.24 59.90
N THR A 144 -58.83 -18.95 59.90
CA THR A 144 -59.68 -17.94 59.29
C THR A 144 -58.97 -17.31 58.09
N GLU A 145 -59.75 -16.60 57.28
CA GLU A 145 -59.19 -15.92 56.12
C GLU A 145 -60.04 -14.68 55.83
N GLY A 146 -59.51 -13.84 54.95
CA GLY A 146 -60.20 -12.64 54.51
C GLY A 146 -59.87 -12.35 53.07
N PRO A 147 -59.63 -11.07 52.74
CA PRO A 147 -59.29 -10.71 51.36
C PRO A 147 -57.96 -11.28 50.90
N ASN A 148 -56.91 -11.17 51.72
CA ASN A 148 -55.60 -11.63 51.31
C ASN A 148 -54.78 -12.32 52.40
N PHE A 149 -55.38 -12.70 53.52
CA PHE A 149 -54.63 -13.34 54.59
C PHE A 149 -55.20 -14.71 54.92
N TYR A 150 -54.36 -15.54 55.53
CA TYR A 150 -54.78 -16.82 56.09
C TYR A 150 -53.84 -17.18 57.24
N VAL A 151 -54.41 -17.75 58.30
CA VAL A 151 -53.65 -18.22 59.45
C VAL A 151 -53.99 -19.68 59.68
N PRO A 152 -53.01 -20.58 59.82
CA PRO A 152 -53.32 -22.00 60.05
C PRO A 152 -53.75 -22.30 61.48
N PHE A 153 -53.46 -21.43 62.43
CA PHE A 153 -53.76 -21.70 63.83
C PHE A 153 -55.25 -21.52 64.09
N SER A 154 -55.74 -22.27 65.09
CA SER A 154 -57.17 -22.27 65.43
C SER A 154 -57.63 -20.91 65.96
N ASN A 155 -58.83 -20.51 65.54
CA ASN A 155 -59.48 -19.30 66.02
C ASN A 155 -60.64 -19.64 66.95
N ALA A 156 -60.75 -20.92 67.35
CA ALA A 156 -61.83 -21.39 68.22
C ALA A 156 -61.93 -20.63 69.54
N THR A 157 -60.80 -20.12 70.04
CA THR A 157 -60.78 -19.31 71.25
C THR A 157 -61.07 -17.83 70.97
N GLY A 158 -61.11 -17.42 69.70
CA GLY A 158 -61.49 -16.06 69.37
C GLY A 158 -60.44 -15.01 69.62
N VAL A 159 -59.17 -15.36 69.55
CA VAL A 159 -58.10 -14.41 69.84
C VAL A 159 -57.46 -13.85 68.56
N VAL A 160 -57.58 -14.58 67.44
CA VAL A 160 -56.95 -14.18 66.18
C VAL A 160 -57.53 -12.86 65.65
N ARG A 161 -56.64 -11.96 65.23
CA ARG A 161 -56.97 -10.65 64.69
C ARG A 161 -56.09 -10.42 63.47
N SER A 162 -56.50 -9.44 62.63
CA SER A 162 -55.85 -9.00 61.39
C SER A 162 -54.35 -8.87 61.52
N PRO A 163 -53.57 -9.31 60.53
CA PRO A 163 -52.10 -9.34 60.69
C PRO A 163 -51.43 -7.99 60.70
N PHE A 164 -52.02 -6.98 60.08
CA PHE A 164 -51.38 -5.67 59.95
C PHE A 164 -51.85 -4.69 61.01
N GLU A 165 -52.59 -5.14 62.01
CA GLU A 165 -53.14 -4.26 63.03
C GLU A 165 -52.42 -4.40 64.37
N TYR A 166 -52.34 -5.61 64.92
CA TYR A 166 -51.77 -5.83 66.23
C TYR A 166 -50.56 -6.76 66.14
N PRO A 167 -49.61 -6.66 67.08
CA PRO A 167 -48.45 -7.55 67.04
C PRO A 167 -48.83 -8.98 67.43
N GLN A 168 -48.40 -9.94 66.63
CA GLN A 168 -48.77 -11.34 66.81
C GLN A 168 -47.56 -12.06 67.41
N TYR A 169 -47.45 -11.99 68.74
CA TYR A 169 -46.28 -12.52 69.43
C TYR A 169 -46.54 -13.85 70.11
N TYR A 170 -47.80 -14.24 70.29
CA TYR A 170 -48.12 -15.54 70.86
C TYR A 170 -47.83 -16.69 69.90
N LEU A 171 -47.70 -16.40 68.60
CA LEU A 171 -47.66 -17.43 67.58
C LEU A 171 -46.37 -18.24 67.65
N ALA A 172 -45.26 -17.63 68.05
CA ALA A 172 -43.98 -18.32 68.11
C ALA A 172 -43.13 -17.73 69.23
N GLU A 173 -41.95 -18.32 69.41
CA GLU A 173 -41.02 -17.87 70.45
C GLU A 173 -40.44 -16.51 70.07
N PRO A 174 -40.35 -15.56 71.00
CA PRO A 174 -39.84 -14.22 70.65
C PRO A 174 -38.37 -14.16 70.28
N TRP A 175 -37.52 -14.82 71.09
CA TRP A 175 -36.07 -14.74 70.86
C TRP A 175 -35.65 -15.40 69.55
N GLN A 176 -36.34 -16.47 69.13
CA GLN A 176 -35.97 -17.12 67.88
C GLN A 176 -36.23 -16.24 66.66
N PHE A 177 -37.36 -15.51 66.61
CA PHE A 177 -37.57 -14.71 65.41
C PHE A 177 -36.79 -13.41 65.48
N SER A 178 -36.58 -12.86 66.68
CA SER A 178 -35.66 -11.74 66.84
C SER A 178 -34.26 -12.12 66.39
N MET A 179 -33.78 -13.28 66.84
CA MET A 179 -32.46 -13.75 66.47
C MET A 179 -32.36 -14.07 64.99
N LEU A 180 -33.45 -14.54 64.37
CA LEU A 180 -33.37 -14.77 62.93
C LEU A 180 -33.39 -13.47 62.15
N ALA A 181 -33.99 -12.42 62.70
CA ALA A 181 -33.81 -11.09 62.11
C ALA A 181 -32.35 -10.65 62.22
N ALA A 182 -31.72 -10.93 63.37
CA ALA A 182 -30.30 -10.62 63.53
C ALA A 182 -29.41 -11.37 62.55
N TYR A 183 -29.67 -12.66 62.29
CA TYR A 183 -28.85 -13.30 61.25
C TYR A 183 -29.29 -12.89 59.86
N MET A 184 -30.51 -12.35 59.67
CA MET A 184 -30.79 -11.71 58.38
C MET A 184 -29.86 -10.52 58.16
N PHE A 185 -29.61 -9.73 59.21
CA PHE A 185 -28.64 -8.64 59.12
C PHE A 185 -27.23 -9.17 58.86
N LEU A 186 -26.85 -10.22 59.59
CA LEU A 186 -25.55 -10.87 59.37
C LEU A 186 -25.43 -11.42 57.95
N LEU A 187 -26.53 -11.94 57.39
CA LEU A 187 -26.50 -12.51 56.05
C LEU A 187 -26.40 -11.45 54.97
N ILE A 188 -27.07 -10.31 55.14
CA ILE A 188 -26.96 -9.27 54.11
C ILE A 188 -25.58 -8.60 54.17
N VAL A 189 -25.05 -8.33 55.37
CA VAL A 189 -23.71 -7.76 55.45
C VAL A 189 -22.65 -8.80 55.03
N LEU A 190 -22.96 -10.09 55.16
CA LEU A 190 -22.06 -11.12 54.64
C LEU A 190 -22.12 -11.17 53.12
N GLY A 191 -23.31 -10.95 52.55
CA GLY A 191 -23.51 -11.19 51.13
C GLY A 191 -23.12 -10.05 50.23
N PHE A 192 -23.21 -8.80 50.70
CA PHE A 192 -22.92 -7.66 49.84
C PHE A 192 -21.47 -7.54 49.31
N PRO A 193 -20.39 -7.71 50.10
CA PRO A 193 -19.06 -7.36 49.55
C PRO A 193 -18.56 -8.26 48.41
N ILE A 194 -18.97 -9.53 48.33
CA ILE A 194 -18.62 -10.35 47.19
C ILE A 194 -19.30 -9.83 45.93
N ASN A 195 -20.55 -9.36 46.07
CA ASN A 195 -21.26 -8.71 44.98
C ASN A 195 -20.58 -7.40 44.57
N PHE A 196 -20.08 -6.64 45.54
CA PHE A 196 -19.40 -5.38 45.23
C PHE A 196 -18.10 -5.64 44.48
N LEU A 197 -17.33 -6.63 44.92
CA LEU A 197 -16.12 -7.00 44.19
C LEU A 197 -16.44 -7.59 42.82
N THR A 198 -17.61 -8.22 42.68
CA THR A 198 -18.07 -8.67 41.37
C THR A 198 -18.33 -7.48 40.45
N LEU A 199 -18.92 -6.41 41.00
CA LEU A 199 -19.08 -5.17 40.24
C LEU A 199 -17.73 -4.54 39.89
N TYR A 200 -16.75 -4.66 40.79
CA TYR A 200 -15.44 -4.07 40.54
C TYR A 200 -14.69 -4.82 39.44
N VAL A 201 -14.77 -6.15 39.44
CA VAL A 201 -14.18 -6.93 38.34
C VAL A 201 -14.95 -6.67 37.05
N THR A 202 -16.27 -6.45 37.16
CA THR A 202 -17.11 -6.15 35.99
C THR A 202 -16.68 -4.86 35.30
N VAL A 203 -16.46 -3.79 36.07
CA VAL A 203 -16.14 -2.50 35.47
C VAL A 203 -14.64 -2.38 35.19
N GLN A 204 -13.79 -2.78 36.14
CA GLN A 204 -12.36 -2.47 36.07
C GLN A 204 -11.64 -3.32 35.03
N HIS A 205 -11.84 -4.63 35.05
CA HIS A 205 -11.01 -5.57 34.29
C HIS A 205 -11.71 -5.91 32.98
N LYS A 206 -11.20 -5.34 31.89
CA LYS A 206 -11.75 -5.56 30.56
C LYS A 206 -11.32 -6.88 29.95
N LYS A 207 -10.30 -7.53 30.51
CA LYS A 207 -9.73 -8.74 29.91
C LYS A 207 -10.68 -9.93 29.97
N LEU A 208 -11.62 -9.94 30.92
CA LEU A 208 -12.41 -11.12 31.21
C LEU A 208 -13.72 -11.18 30.43
N ARG A 209 -13.94 -10.28 29.48
CA ARG A 209 -15.21 -10.26 28.76
C ARG A 209 -15.27 -11.35 27.70
N THR A 210 -16.43 -11.97 27.62
CA THR A 210 -16.72 -13.13 26.78
C THR A 210 -18.24 -13.33 26.78
N PRO A 211 -18.80 -13.99 25.76
CA PRO A 211 -20.26 -14.21 25.75
C PRO A 211 -20.85 -14.96 26.94
N LEU A 212 -20.12 -15.88 27.58
CA LEU A 212 -20.67 -16.54 28.77
C LEU A 212 -20.63 -15.65 30.01
N ASN A 213 -19.65 -14.75 30.12
CA ASN A 213 -19.65 -13.85 31.27
C ASN A 213 -20.75 -12.81 31.21
N TYR A 214 -21.40 -12.60 30.06
CA TYR A 214 -22.66 -11.86 30.04
C TYR A 214 -23.73 -12.58 30.85
N ILE A 215 -23.81 -13.91 30.70
CA ILE A 215 -24.76 -14.71 31.46
C ILE A 215 -24.42 -14.67 32.94
N LEU A 216 -23.11 -14.77 33.25
CA LEU A 216 -22.70 -14.78 34.66
C LEU A 216 -22.92 -13.43 35.34
N LEU A 217 -22.65 -12.33 34.62
CA LEU A 217 -22.92 -11.02 35.20
C LEU A 217 -24.42 -10.76 35.31
N ASN A 218 -25.21 -11.34 34.38
CA ASN A 218 -26.67 -11.26 34.49
C ASN A 218 -27.16 -11.94 35.76
N LEU A 219 -26.61 -13.12 36.06
CA LEU A 219 -26.94 -13.81 37.30
C LEU A 219 -26.54 -12.98 38.52
N ALA A 220 -25.36 -12.36 38.45
CA ALA A 220 -24.85 -11.60 39.59
C ALA A 220 -25.69 -10.36 39.87
N VAL A 221 -25.81 -9.45 38.89
CA VAL A 221 -26.48 -8.17 39.16
C VAL A 221 -27.99 -8.35 39.27
N ALA A 222 -28.55 -9.35 38.57
CA ALA A 222 -29.93 -9.72 38.80
C ALA A 222 -30.15 -10.14 40.25
N ASP A 223 -29.21 -10.96 40.78
CA ASP A 223 -29.29 -11.39 42.17
C ASP A 223 -29.15 -10.20 43.11
N LEU A 224 -28.33 -9.19 42.74
CA LEU A 224 -28.26 -7.93 43.49
C LEU A 224 -29.62 -7.25 43.57
N PHE A 225 -30.33 -7.20 42.45
CA PHE A 225 -31.60 -6.48 42.37
C PHE A 225 -32.64 -7.13 43.25
N MET A 226 -32.75 -8.48 43.16
CA MET A 226 -33.74 -9.19 43.95
C MET A 226 -33.40 -9.17 45.45
N VAL A 227 -32.11 -9.36 45.81
CA VAL A 227 -31.71 -9.38 47.22
C VAL A 227 -31.95 -8.01 47.86
N LEU A 228 -31.70 -6.93 47.11
CA LEU A 228 -31.93 -5.59 47.63
C LEU A 228 -33.40 -5.32 47.85
N GLY A 229 -34.22 -5.41 46.78
CA GLY A 229 -35.62 -5.07 46.93
C GLY A 229 -36.39 -5.98 47.87
N GLY A 230 -36.41 -7.27 47.55
CA GLY A 230 -37.17 -8.21 48.36
C GLY A 230 -36.56 -8.41 49.74
N PHE A 231 -35.24 -8.56 49.81
CA PHE A 231 -34.69 -8.99 51.08
C PHE A 231 -34.52 -7.81 52.06
N THR A 232 -34.21 -6.60 51.56
CA THR A 232 -34.30 -5.45 52.46
C THR A 232 -35.74 -5.17 52.87
N SER A 233 -36.72 -5.51 52.02
CA SER A 233 -38.12 -5.42 52.44
C SER A 233 -38.39 -6.38 53.62
N THR A 234 -37.86 -7.61 53.54
CA THR A 234 -38.01 -8.57 54.64
C THR A 234 -37.32 -8.08 55.91
N LEU A 235 -36.13 -7.48 55.77
CA LEU A 235 -35.40 -6.98 56.94
C LEU A 235 -36.15 -5.83 57.61
N TYR A 236 -36.71 -4.91 56.82
CA TYR A 236 -37.43 -3.78 57.41
C TYR A 236 -38.73 -4.22 58.07
N THR A 237 -39.51 -5.09 57.40
CA THR A 237 -40.76 -5.56 58.01
C THR A 237 -40.50 -6.46 59.20
N SER A 238 -39.36 -7.15 59.25
CA SER A 238 -39.00 -7.88 60.46
C SER A 238 -38.51 -6.94 61.54
N LEU A 239 -37.92 -5.80 61.16
CA LEU A 239 -37.48 -4.80 62.13
C LEU A 239 -38.65 -4.13 62.83
N HIS A 240 -39.75 -3.87 62.11
CA HIS A 240 -40.90 -3.27 62.78
C HIS A 240 -41.61 -4.27 63.70
N GLY A 241 -41.43 -5.57 63.48
CA GLY A 241 -42.00 -6.59 64.31
C GLY A 241 -43.16 -7.35 63.67
N TYR A 242 -43.90 -6.74 62.75
CA TYR A 242 -44.98 -7.42 62.08
C TYR A 242 -45.23 -6.76 60.72
N PHE A 243 -46.36 -7.08 60.11
CA PHE A 243 -46.66 -6.78 58.71
C PHE A 243 -47.13 -5.33 58.57
N VAL A 244 -46.24 -4.47 58.09
CA VAL A 244 -46.50 -3.03 58.04
C VAL A 244 -46.78 -2.51 56.63
N PHE A 245 -46.19 -3.11 55.59
CA PHE A 245 -46.19 -2.51 54.25
C PHE A 245 -47.55 -2.52 53.57
N GLY A 246 -48.48 -3.37 54.00
CA GLY A 246 -49.76 -3.46 53.35
C GLY A 246 -49.74 -4.45 52.21
N PRO A 247 -50.87 -4.59 51.51
CA PRO A 247 -50.97 -5.63 50.46
C PRO A 247 -50.07 -5.41 49.26
N THR A 248 -50.00 -4.17 48.76
CA THR A 248 -49.24 -3.86 47.55
C THR A 248 -47.74 -4.09 47.74
N GLY A 249 -47.21 -3.74 48.91
CA GLY A 249 -45.79 -3.91 49.19
C GLY A 249 -45.33 -5.35 49.11
N CYS A 250 -46.15 -6.30 49.59
CA CYS A 250 -45.74 -7.69 49.50
C CYS A 250 -46.29 -8.40 48.28
N ASN A 251 -47.23 -7.79 47.54
CA ASN A 251 -47.40 -8.18 46.14
C ASN A 251 -46.12 -7.95 45.36
N LEU A 252 -45.58 -6.72 45.47
CA LEU A 252 -44.36 -6.33 44.77
C LEU A 252 -43.18 -7.19 45.22
N GLN A 253 -43.02 -7.31 46.54
CA GLN A 253 -42.03 -8.18 47.15
C GLN A 253 -42.23 -9.64 46.77
N GLY A 254 -43.50 -10.03 46.55
CA GLY A 254 -43.78 -11.42 46.21
C GLY A 254 -43.30 -11.79 44.83
N PHE A 255 -43.62 -10.95 43.82
CA PHE A 255 -43.15 -11.34 42.49
C PHE A 255 -41.67 -11.07 42.30
N PHE A 256 -41.11 -10.10 43.03
CA PHE A 256 -39.66 -9.94 43.00
C PHE A 256 -38.94 -11.16 43.58
N ALA A 257 -39.32 -11.61 44.79
CA ALA A 257 -38.67 -12.77 45.40
C ALA A 257 -38.83 -14.04 44.56
N THR A 258 -40.05 -14.31 44.08
CA THR A 258 -40.29 -15.55 43.35
C THR A 258 -39.64 -15.50 41.96
N LEU A 259 -39.84 -14.38 41.25
CA LEU A 259 -39.15 -14.18 39.98
C LEU A 259 -37.64 -14.23 40.11
N GLY A 260 -37.10 -13.83 41.26
CA GLY A 260 -35.66 -13.94 41.47
C GLY A 260 -35.19 -15.38 41.56
N GLY A 261 -35.91 -16.20 42.34
CA GLY A 261 -35.58 -17.61 42.42
C GLY A 261 -35.65 -18.34 41.08
N GLU A 262 -36.72 -18.10 40.33
CA GLU A 262 -36.83 -18.80 39.05
C GLU A 262 -35.90 -18.24 37.98
N ILE A 263 -35.56 -16.94 37.98
CA ILE A 263 -34.55 -16.50 37.01
C ILE A 263 -33.17 -17.02 37.39
N ALA A 264 -32.93 -17.26 38.68
CA ALA A 264 -31.72 -17.98 39.06
C ALA A 264 -31.70 -19.37 38.44
N LEU A 265 -32.85 -20.07 38.48
CA LEU A 265 -32.95 -21.39 37.86
C LEU A 265 -32.74 -21.34 36.35
N TRP A 266 -33.39 -20.39 35.67
CA TRP A 266 -33.26 -20.29 34.21
C TRP A 266 -31.86 -19.91 33.79
N SER A 267 -31.20 -19.05 34.57
CA SER A 267 -29.81 -18.70 34.30
C SER A 267 -28.89 -19.91 34.44
N LEU A 268 -29.15 -20.75 35.45
CA LEU A 268 -28.35 -21.98 35.59
C LEU A 268 -28.56 -22.94 34.43
N VAL A 269 -29.80 -23.11 33.97
CA VAL A 269 -30.02 -24.10 32.91
C VAL A 269 -29.51 -23.59 31.56
N VAL A 270 -29.62 -22.28 31.30
CA VAL A 270 -29.08 -21.74 30.04
C VAL A 270 -27.56 -21.79 30.06
N LEU A 271 -26.93 -21.57 31.23
CA LEU A 271 -25.50 -21.77 31.38
C LEU A 271 -25.11 -23.22 31.10
N ALA A 272 -25.92 -24.17 31.57
CA ALA A 272 -25.63 -25.59 31.39
C ALA A 272 -25.67 -26.00 29.91
N ILE A 273 -26.75 -25.65 29.21
CA ILE A 273 -26.84 -25.99 27.79
C ILE A 273 -25.81 -25.22 26.97
N GLU A 274 -25.45 -24.00 27.40
CA GLU A 274 -24.43 -23.23 26.69
C GLU A 274 -23.06 -23.88 26.81
N ARG A 275 -22.70 -24.34 28.02
CA ARG A 275 -21.45 -25.08 28.19
C ARG A 275 -21.46 -26.37 27.39
N TYR A 276 -22.61 -27.07 27.37
CA TYR A 276 -22.71 -28.31 26.60
C TYR A 276 -22.48 -28.10 25.11
N VAL A 277 -23.17 -27.11 24.53
CA VAL A 277 -23.02 -26.83 23.10
C VAL A 277 -21.60 -26.35 22.77
N VAL A 278 -20.99 -25.56 23.66
CA VAL A 278 -19.63 -25.07 23.40
C VAL A 278 -18.61 -26.21 23.45
N VAL A 279 -18.54 -26.93 24.57
CA VAL A 279 -17.42 -27.86 24.68
C VAL A 279 -17.68 -29.16 23.91
N CYS A 280 -18.94 -29.60 23.78
CA CYS A 280 -19.17 -30.96 23.28
C CYS A 280 -19.21 -31.04 21.76
N LYS A 281 -19.53 -29.94 21.07
CA LYS A 281 -19.62 -29.81 19.61
C LYS A 281 -20.61 -30.84 19.05
N PRO A 282 -21.93 -30.70 19.30
CA PRO A 282 -22.89 -31.68 18.77
C PRO A 282 -22.90 -31.76 17.25
N MET A 283 -22.89 -30.61 16.57
CA MET A 283 -22.82 -30.56 15.13
C MET A 283 -21.71 -29.63 14.71
N SER A 284 -21.10 -29.93 13.56
CA SER A 284 -19.88 -29.25 13.13
C SER A 284 -20.13 -27.80 12.72
N ASN A 285 -21.33 -27.49 12.23
CA ASN A 285 -21.57 -26.24 11.52
C ASN A 285 -21.74 -25.02 12.43
N PHE A 286 -21.64 -25.16 13.74
CA PHE A 286 -21.89 -24.05 14.65
C PHE A 286 -20.62 -23.58 15.33
N ARG A 287 -20.50 -22.25 15.51
CA ARG A 287 -19.51 -21.63 16.37
C ARG A 287 -20.20 -20.57 17.22
N PHE A 288 -19.61 -20.25 18.36
CA PHE A 288 -20.29 -19.44 19.37
C PHE A 288 -20.23 -17.96 19.03
N GLY A 289 -21.30 -17.24 19.40
CA GLY A 289 -21.38 -15.81 19.19
C GLY A 289 -22.33 -15.11 20.14
N GLU A 290 -22.62 -13.84 19.86
CA GLU A 290 -23.47 -13.02 20.73
C GLU A 290 -24.94 -13.37 20.62
N ASN A 291 -25.35 -13.96 19.48
CA ASN A 291 -26.76 -14.09 19.13
C ASN A 291 -27.50 -14.99 20.11
N HIS A 292 -27.01 -16.22 20.31
CA HIS A 292 -27.65 -17.13 21.25
C HIS A 292 -27.48 -16.68 22.70
N ALA A 293 -26.46 -15.86 22.99
CA ALA A 293 -26.32 -15.29 24.33
C ALA A 293 -27.44 -14.30 24.62
N ILE A 294 -27.66 -13.33 23.74
CA ILE A 294 -28.73 -12.36 23.98
C ILE A 294 -30.10 -13.00 23.84
N MET A 295 -30.23 -14.04 23.00
CA MET A 295 -31.45 -14.84 23.02
C MET A 295 -31.62 -15.61 24.32
N GLY A 296 -30.51 -15.96 24.98
CA GLY A 296 -30.61 -16.60 26.28
C GLY A 296 -31.03 -15.64 27.38
N VAL A 297 -30.50 -14.42 27.36
CA VAL A 297 -30.88 -13.40 28.34
C VAL A 297 -32.35 -12.99 28.13
N ALA A 298 -32.70 -12.66 26.89
CA ALA A 298 -34.08 -12.31 26.57
C ALA A 298 -35.03 -13.47 26.83
N PHE A 299 -34.59 -14.69 26.55
CA PHE A 299 -35.35 -15.90 26.90
C PHE A 299 -35.59 -15.99 28.40
N THR A 300 -34.57 -15.67 29.20
CA THR A 300 -34.70 -15.71 30.65
C THR A 300 -35.69 -14.67 31.15
N TRP A 301 -35.63 -13.45 30.62
CA TRP A 301 -36.54 -12.43 31.11
C TRP A 301 -37.96 -12.56 30.57
N VAL A 302 -38.15 -13.16 29.39
CA VAL A 302 -39.53 -13.46 28.99
C VAL A 302 -40.07 -14.66 29.76
N MET A 303 -39.18 -15.53 30.26
CA MET A 303 -39.63 -16.49 31.27
C MET A 303 -39.98 -15.81 32.59
N ALA A 304 -39.31 -14.69 32.91
CA ALA A 304 -39.65 -13.93 34.11
C ALA A 304 -41.02 -13.28 33.98
N LEU A 305 -41.32 -12.71 32.81
CA LEU A 305 -42.66 -12.20 32.58
C LEU A 305 -43.69 -13.31 32.40
N ALA A 306 -43.24 -14.51 32.00
CA ALA A 306 -44.14 -15.66 31.97
C ALA A 306 -44.54 -16.07 33.38
N CYS A 307 -43.59 -16.01 34.32
CA CYS A 307 -43.91 -16.31 35.71
C CYS A 307 -44.66 -15.17 36.39
N ALA A 308 -44.45 -13.93 35.93
CA ALA A 308 -45.08 -12.76 36.54
C ALA A 308 -46.46 -12.46 35.98
N ALA A 309 -46.79 -12.96 34.79
CA ALA A 309 -48.06 -12.60 34.16
C ALA A 309 -49.32 -13.07 34.90
N PRO A 310 -49.43 -14.29 35.43
CA PRO A 310 -50.67 -14.64 36.18
C PRO A 310 -50.88 -13.85 37.46
N PRO A 311 -49.88 -13.61 38.35
CA PRO A 311 -50.20 -12.81 39.54
C PRO A 311 -50.39 -11.33 39.28
N LEU A 312 -49.82 -10.80 38.19
CA LEU A 312 -49.99 -9.38 37.89
C LEU A 312 -51.25 -9.08 37.09
N ALA A 313 -51.59 -9.93 36.11
CA ALA A 313 -52.76 -9.69 35.27
C ALA A 313 -54.09 -9.95 35.97
N GLY A 314 -54.07 -10.53 37.17
CA GLY A 314 -55.29 -10.87 37.87
C GLY A 314 -55.66 -12.34 37.80
N TRP A 315 -54.76 -13.18 37.30
CA TRP A 315 -54.98 -14.60 37.14
C TRP A 315 -54.47 -15.42 38.32
N SER A 316 -53.75 -14.80 39.27
CA SER A 316 -53.27 -15.50 40.47
C SER A 316 -53.34 -14.56 41.66
N ARG A 317 -52.80 -15.00 42.79
CA ARG A 317 -52.99 -14.32 44.07
C ARG A 317 -51.78 -14.54 44.96
N TYR A 318 -51.40 -13.49 45.70
CA TYR A 318 -50.32 -13.55 46.69
C TYR A 318 -50.87 -13.35 48.09
N ILE A 319 -50.36 -14.15 49.03
CA ILE A 319 -50.75 -14.07 50.44
C ILE A 319 -49.50 -14.22 51.29
N PRO A 320 -49.53 -13.74 52.54
CA PRO A 320 -48.46 -14.09 53.48
C PRO A 320 -48.44 -15.58 53.81
N GLU A 321 -47.26 -16.07 54.21
CA GLU A 321 -47.09 -17.45 54.64
C GLU A 321 -46.19 -17.50 55.86
N GLY A 322 -46.38 -18.57 56.65
CA GLY A 322 -45.52 -18.86 57.78
C GLY A 322 -45.62 -17.85 58.90
N LEU A 323 -44.52 -17.14 59.15
CA LEU A 323 -44.46 -16.05 60.12
C LEU A 323 -45.00 -14.74 59.58
N GLN A 324 -45.67 -14.76 58.41
CA GLN A 324 -46.43 -13.68 57.76
C GLN A 324 -45.64 -12.38 57.62
N CYS A 325 -44.31 -12.45 57.59
CA CYS A 325 -43.48 -11.32 57.22
C CYS A 325 -43.00 -11.38 55.78
N SER A 326 -43.42 -12.41 55.03
CA SER A 326 -43.11 -12.51 53.61
C SER A 326 -44.33 -13.06 52.89
N CYS A 327 -44.49 -12.66 51.63
CA CYS A 327 -45.64 -13.05 50.81
C CYS A 327 -45.15 -13.89 49.63
N GLY A 328 -45.42 -15.19 49.67
CA GLY A 328 -45.07 -16.08 48.57
C GLY A 328 -46.29 -16.64 47.86
N ILE A 329 -46.38 -17.96 47.72
CA ILE A 329 -47.48 -18.61 47.05
C ILE A 329 -48.16 -19.59 48.01
N ASP A 330 -49.41 -19.94 47.67
CA ASP A 330 -50.27 -20.71 48.56
C ASP A 330 -50.25 -22.20 48.23
N TYR A 331 -50.60 -23.00 49.23
CA TYR A 331 -50.67 -24.46 49.08
C TYR A 331 -52.01 -25.07 49.45
N TYR A 332 -52.73 -24.48 50.40
CA TYR A 332 -53.95 -25.10 50.93
C TYR A 332 -55.20 -24.26 50.69
N THR A 333 -55.12 -22.95 50.94
CA THR A 333 -56.29 -22.07 50.94
C THR A 333 -56.98 -22.06 49.58
N LEU A 334 -58.29 -22.32 49.60
CA LEU A 334 -59.06 -22.56 48.39
C LEU A 334 -59.82 -21.31 47.98
N LYS A 335 -59.78 -21.00 46.68
CA LYS A 335 -60.46 -19.83 46.13
C LYS A 335 -61.33 -20.25 44.95
N PRO A 336 -62.65 -20.31 45.13
CA PRO A 336 -63.55 -20.72 44.03
C PRO A 336 -63.62 -19.74 42.86
N GLU A 337 -63.11 -18.52 43.01
CA GLU A 337 -63.18 -17.53 41.93
C GLU A 337 -62.30 -17.92 40.76
N VAL A 338 -61.01 -18.15 41.00
CA VAL A 338 -60.05 -18.47 39.96
C VAL A 338 -59.79 -19.96 39.87
N ASN A 339 -59.69 -20.63 41.03
CA ASN A 339 -59.29 -22.05 41.16
C ASN A 339 -57.89 -22.27 40.57
N ASN A 340 -56.92 -21.56 41.14
CA ASN A 340 -55.57 -21.44 40.61
C ASN A 340 -54.71 -22.70 40.77
N GLU A 341 -55.25 -23.74 41.40
CA GLU A 341 -54.48 -24.93 41.76
C GLU A 341 -53.96 -25.67 40.52
N SER A 342 -54.76 -25.73 39.46
CA SER A 342 -54.40 -26.56 38.31
C SER A 342 -53.23 -25.98 37.51
N PHE A 343 -53.19 -24.67 37.32
CA PHE A 343 -52.04 -24.13 36.61
C PHE A 343 -50.85 -23.85 37.51
N VAL A 344 -51.05 -23.67 38.83
CA VAL A 344 -49.85 -23.63 39.65
C VAL A 344 -49.22 -25.02 39.77
N ILE A 345 -50.01 -26.10 39.71
CA ILE A 345 -49.36 -27.40 39.66
C ILE A 345 -48.82 -27.68 38.26
N TYR A 346 -49.40 -27.06 37.22
CA TYR A 346 -48.77 -27.10 35.88
C TYR A 346 -47.37 -26.52 35.90
N MET A 347 -47.24 -25.25 36.33
CA MET A 347 -45.94 -24.59 36.37
C MET A 347 -45.00 -25.26 37.35
N PHE A 348 -45.54 -25.79 38.45
CA PHE A 348 -44.74 -26.56 39.40
C PHE A 348 -44.13 -27.80 38.76
N VAL A 349 -44.96 -28.62 38.10
CA VAL A 349 -44.45 -29.90 37.62
C VAL A 349 -43.53 -29.71 36.41
N VAL A 350 -43.83 -28.72 35.55
CA VAL A 350 -42.95 -28.43 34.42
C VAL A 350 -41.61 -27.88 34.90
N HIS A 351 -41.67 -26.79 35.68
CA HIS A 351 -40.47 -26.09 36.13
C HIS A 351 -39.63 -26.95 37.08
N PHE A 352 -40.25 -27.92 37.74
CA PHE A 352 -39.47 -28.89 38.49
C PHE A 352 -38.83 -29.94 37.57
N THR A 353 -39.59 -30.47 36.59
CA THR A 353 -39.09 -31.68 35.95
C THR A 353 -38.04 -31.39 34.87
N ILE A 354 -38.15 -30.28 34.15
CA ILE A 354 -37.30 -30.07 32.97
C ILE A 354 -35.82 -29.78 33.26
N PRO A 355 -35.44 -28.75 34.08
CA PRO A 355 -34.00 -28.41 34.17
C PRO A 355 -33.12 -29.47 34.80
N MET A 356 -33.61 -30.23 35.79
CA MET A 356 -32.77 -31.22 36.47
C MET A 356 -32.38 -32.36 35.54
N ILE A 357 -33.31 -32.84 34.71
CA ILE A 357 -32.94 -33.90 33.78
C ILE A 357 -32.08 -33.35 32.65
N ILE A 358 -32.28 -32.08 32.27
CA ILE A 358 -31.37 -31.45 31.28
C ILE A 358 -29.94 -31.43 31.81
N ILE A 359 -29.76 -30.91 33.04
CA ILE A 359 -28.44 -30.81 33.66
C ILE A 359 -27.81 -32.20 33.84
N PHE A 360 -28.64 -33.19 34.21
CA PHE A 360 -28.13 -34.54 34.42
C PHE A 360 -27.62 -35.17 33.12
N PHE A 361 -28.40 -35.12 32.04
CA PHE A 361 -27.96 -35.83 30.84
C PHE A 361 -26.83 -35.09 30.15
N CYS A 362 -26.85 -33.74 30.17
CA CYS A 362 -25.79 -32.99 29.51
C CYS A 362 -24.46 -33.13 30.23
N TYR A 363 -24.47 -32.90 31.56
CA TYR A 363 -23.23 -33.05 32.33
C TYR A 363 -22.74 -34.49 32.37
N GLY A 364 -23.68 -35.46 32.36
CA GLY A 364 -23.27 -36.86 32.29
C GLY A 364 -22.58 -37.19 30.98
N GLN A 365 -23.14 -36.71 29.86
CA GLN A 365 -22.55 -36.94 28.55
C GLN A 365 -21.17 -36.29 28.42
N LEU A 366 -21.00 -35.06 28.93
CA LEU A 366 -19.68 -34.43 28.85
C LEU A 366 -18.66 -35.12 29.75
N VAL A 367 -19.07 -35.53 30.95
CA VAL A 367 -18.16 -36.23 31.87
C VAL A 367 -17.71 -37.56 31.27
N PHE A 368 -18.64 -38.31 30.67
CA PHE A 368 -18.26 -39.55 29.98
C PHE A 368 -17.35 -39.29 28.79
N THR A 369 -17.62 -38.20 28.04
CA THR A 369 -16.78 -37.81 26.92
C THR A 369 -15.33 -37.53 27.35
N VAL A 370 -15.17 -36.77 28.43
CA VAL A 370 -13.83 -36.50 28.98
C VAL A 370 -13.19 -37.78 29.49
N LYS A 371 -13.99 -38.69 30.05
CA LYS A 371 -13.46 -39.94 30.58
C LYS A 371 -12.92 -40.84 29.48
N GLU A 372 -13.68 -41.03 28.39
CA GLU A 372 -13.19 -41.84 27.28
C GLU A 372 -12.04 -41.17 26.55
N ALA A 373 -12.06 -39.83 26.46
CA ALA A 373 -10.94 -39.09 25.87
C ALA A 373 -9.67 -39.30 26.68
N ALA A 374 -9.79 -39.35 28.00
CA ALA A 374 -8.66 -39.75 28.85
C ALA A 374 -8.29 -41.20 28.61
N ALA A 375 -9.28 -42.06 28.32
CA ALA A 375 -9.04 -43.49 28.19
C ALA A 375 -8.27 -43.84 26.92
N GLN A 376 -8.46 -43.06 25.85
CA GLN A 376 -7.70 -43.33 24.63
C GLN A 376 -6.31 -42.71 24.63
N GLN A 377 -6.08 -41.65 25.43
CA GLN A 377 -4.85 -40.88 25.33
C GLN A 377 -3.72 -41.52 26.13
N GLN A 378 -3.91 -41.67 27.44
CA GLN A 378 -3.16 -42.51 28.38
C GLN A 378 -1.72 -42.07 28.66
N GLU A 379 -1.26 -40.92 28.18
CA GLU A 379 0.09 -40.49 28.56
C GLU A 379 0.15 -39.14 29.25
N SER A 380 -0.71 -38.19 28.90
CA SER A 380 -0.62 -36.84 29.46
C SER A 380 -1.23 -36.81 30.86
N ALA A 381 -0.45 -36.34 31.83
CA ALA A 381 -0.94 -36.22 33.21
C ALA A 381 -2.02 -35.15 33.31
N THR A 382 -1.93 -34.12 32.47
CA THR A 382 -2.88 -33.01 32.48
C THR A 382 -4.29 -33.47 32.13
N THR A 383 -4.39 -34.55 31.35
CA THR A 383 -5.68 -35.10 30.97
C THR A 383 -6.42 -35.71 32.16
N GLN A 384 -5.73 -36.54 32.96
CA GLN A 384 -6.40 -37.11 34.13
C GLN A 384 -6.57 -36.06 35.23
N LYS A 385 -5.70 -35.05 35.30
CA LYS A 385 -5.99 -33.90 36.16
C LYS A 385 -7.28 -33.20 35.72
N ALA A 386 -7.50 -33.13 34.41
CA ALA A 386 -8.72 -32.50 33.89
C ALA A 386 -9.96 -33.32 34.23
N GLU A 387 -9.91 -34.65 34.03
CA GLU A 387 -11.07 -35.48 34.36
C GLU A 387 -11.33 -35.51 35.86
N LYS A 388 -10.27 -35.41 36.68
CA LYS A 388 -10.45 -35.30 38.12
C LYS A 388 -11.15 -34.00 38.49
N GLU A 389 -10.71 -32.89 37.89
CA GLU A 389 -11.31 -31.58 38.15
C GLU A 389 -12.78 -31.53 37.73
N VAL A 390 -13.08 -31.97 36.51
CA VAL A 390 -14.46 -31.94 36.04
C VAL A 390 -15.31 -32.95 36.81
N THR A 391 -14.70 -34.05 37.29
CA THR A 391 -15.46 -35.03 38.05
C THR A 391 -15.91 -34.47 39.40
N ARG A 392 -14.95 -33.93 40.17
CA ARG A 392 -15.25 -33.37 41.49
C ARG A 392 -16.19 -32.18 41.38
N MET A 393 -15.87 -31.28 40.45
CA MET A 393 -16.61 -30.04 40.29
C MET A 393 -18.03 -30.28 39.78
N VAL A 394 -18.20 -31.23 38.86
CA VAL A 394 -19.55 -31.56 38.38
C VAL A 394 -20.38 -32.25 39.46
N ILE A 395 -19.78 -33.18 40.23
CA ILE A 395 -20.59 -33.87 41.24
C ILE A 395 -20.95 -32.93 42.39
N ILE A 396 -20.09 -31.97 42.72
CA ILE A 396 -20.49 -31.00 43.75
C ILE A 396 -21.55 -30.04 43.20
N TYR A 397 -21.57 -29.80 41.88
CA TYR A 397 -22.69 -29.06 41.29
C TYR A 397 -24.00 -29.81 41.50
N VAL A 398 -23.97 -31.13 41.24
CA VAL A 398 -25.20 -31.93 41.32
C VAL A 398 -25.69 -32.06 42.76
N ILE A 399 -24.79 -32.31 43.71
CA ILE A 399 -25.25 -32.50 45.09
C ILE A 399 -25.62 -31.15 45.72
N ALA A 400 -24.89 -30.08 45.39
CA ALA A 400 -25.23 -28.77 45.94
C ALA A 400 -26.55 -28.26 45.39
N PHE A 401 -26.76 -28.40 44.09
CA PHE A 401 -28.00 -27.96 43.44
C PHE A 401 -29.19 -28.79 43.90
N LEU A 402 -29.00 -30.12 43.98
CA LEU A 402 -30.04 -31.05 44.45
C LEU A 402 -30.47 -30.72 45.87
N ILE A 403 -29.50 -30.61 46.78
CA ILE A 403 -29.79 -30.35 48.19
C ILE A 403 -30.43 -28.97 48.37
N CYS A 404 -29.94 -27.95 47.67
CA CYS A 404 -30.47 -26.61 47.90
C CYS A 404 -31.87 -26.43 47.30
N TRP A 405 -32.17 -27.05 46.15
CA TRP A 405 -33.46 -26.78 45.52
C TRP A 405 -34.56 -27.81 45.79
N VAL A 406 -34.26 -29.10 45.90
CA VAL A 406 -35.28 -30.15 45.90
C VAL A 406 -36.26 -30.20 47.09
N PRO A 407 -35.87 -29.99 48.37
CA PRO A 407 -36.85 -30.10 49.46
C PRO A 407 -38.05 -29.15 49.42
N TYR A 408 -37.92 -27.97 48.81
CA TYR A 408 -39.05 -27.07 48.64
C TYR A 408 -40.12 -27.69 47.74
N ALA A 409 -39.70 -28.32 46.65
CA ALA A 409 -40.64 -29.01 45.78
C ALA A 409 -41.21 -30.25 46.46
N SER A 410 -40.40 -30.93 47.28
CA SER A 410 -40.86 -32.11 48.01
C SER A 410 -42.00 -31.77 48.95
N VAL A 411 -41.77 -30.80 49.86
CA VAL A 411 -42.81 -30.38 50.79
C VAL A 411 -43.99 -29.73 50.05
N ALA A 412 -43.74 -29.14 48.88
CA ALA A 412 -44.85 -28.61 48.09
C ALA A 412 -45.77 -29.74 47.61
N PHE A 413 -45.19 -30.85 47.15
CA PHE A 413 -46.02 -31.97 46.69
C PHE A 413 -46.70 -32.69 47.86
N TYR A 414 -45.99 -32.88 48.98
CA TYR A 414 -46.59 -33.63 50.08
C TYR A 414 -47.65 -32.82 50.83
N ILE A 415 -47.43 -31.51 50.99
CA ILE A 415 -48.46 -30.66 51.57
C ILE A 415 -49.64 -30.51 50.62
N PHE A 416 -49.38 -30.40 49.30
CA PHE A 416 -50.48 -30.33 48.35
C PHE A 416 -51.26 -31.64 48.27
N THR A 417 -50.63 -32.76 48.57
CA THR A 417 -51.31 -34.05 48.50
C THR A 417 -52.08 -34.36 49.79
N HIS A 418 -51.49 -34.11 50.95
CA HIS A 418 -52.11 -34.45 52.23
C HIS A 418 -52.76 -33.19 52.77
N GLN A 419 -54.03 -32.98 52.40
CA GLN A 419 -54.77 -31.77 52.75
C GLN A 419 -55.64 -31.94 53.98
N GLY A 420 -55.71 -33.14 54.57
CA GLY A 420 -56.64 -33.37 55.65
C GLY A 420 -56.15 -32.87 56.99
N SER A 421 -54.84 -32.76 57.18
CA SER A 421 -54.25 -32.37 58.45
C SER A 421 -53.50 -31.05 58.27
N CYS A 422 -53.54 -30.21 59.31
CA CYS A 422 -52.79 -28.96 59.34
C CYS A 422 -51.57 -29.12 60.23
N PHE A 423 -50.43 -28.60 59.77
CA PHE A 423 -49.14 -28.83 60.39
C PHE A 423 -48.65 -27.60 61.12
N GLY A 424 -47.72 -27.84 62.06
CA GLY A 424 -47.08 -26.81 62.85
C GLY A 424 -46.35 -25.73 62.07
N PRO A 425 -45.99 -24.64 62.76
CA PRO A 425 -45.44 -23.46 62.07
C PRO A 425 -44.07 -23.68 61.42
N ILE A 426 -43.27 -24.60 61.94
CA ILE A 426 -41.92 -24.82 61.42
C ILE A 426 -41.97 -25.34 59.98
N PHE A 427 -42.97 -26.17 59.65
CA PHE A 427 -43.16 -26.62 58.27
C PHE A 427 -43.49 -25.45 57.35
N MET A 428 -44.24 -24.47 57.84
CA MET A 428 -44.48 -23.25 57.09
C MET A 428 -43.33 -22.27 57.17
N THR A 429 -42.31 -22.56 57.99
CA THR A 429 -41.21 -21.63 58.19
C THR A 429 -39.95 -21.99 57.40
N ILE A 430 -39.49 -23.24 57.46
CA ILE A 430 -38.16 -23.59 56.95
C ILE A 430 -37.92 -23.49 55.43
N PRO A 431 -38.84 -23.84 54.50
CA PRO A 431 -38.43 -23.84 53.08
C PRO A 431 -38.21 -22.44 52.52
N ALA A 432 -38.92 -21.44 53.04
CA ALA A 432 -38.77 -20.07 52.57
C ALA A 432 -37.36 -19.52 52.80
N PHE A 433 -36.95 -19.40 54.08
CA PHE A 433 -35.62 -18.87 54.33
C PHE A 433 -34.51 -19.87 54.03
N PHE A 434 -34.83 -21.16 53.92
CA PHE A 434 -33.82 -22.09 53.43
C PHE A 434 -33.60 -21.88 51.93
N ALA A 435 -34.66 -21.53 51.21
CA ALA A 435 -34.52 -21.15 49.80
C ALA A 435 -33.81 -19.81 49.65
N LYS A 436 -34.01 -18.89 50.61
CA LYS A 436 -33.26 -17.65 50.57
C LYS A 436 -31.78 -17.88 50.86
N SER A 437 -31.47 -18.82 51.75
CA SER A 437 -30.09 -19.23 51.96
C SER A 437 -29.50 -19.89 50.72
N ALA A 438 -30.33 -20.58 49.94
CA ALA A 438 -29.87 -21.07 48.65
C ALA A 438 -29.63 -19.92 47.67
N ALA A 439 -30.45 -18.87 47.75
CA ALA A 439 -30.29 -17.71 46.88
C ALA A 439 -28.99 -16.96 47.15
N ILE A 440 -28.60 -16.85 48.43
CA ILE A 440 -27.28 -16.27 48.71
C ILE A 440 -26.19 -17.33 48.50
N TYR A 441 -26.55 -18.61 48.51
CA TYR A 441 -25.59 -19.68 48.31
C TYR A 441 -25.13 -19.83 46.87
N ASN A 442 -25.94 -19.37 45.90
CA ASN A 442 -25.57 -19.53 44.49
C ASN A 442 -24.34 -18.71 44.04
N PRO A 443 -24.19 -17.39 44.35
CA PRO A 443 -23.06 -16.65 43.76
C PRO A 443 -21.66 -17.10 44.16
N VAL A 444 -21.44 -17.50 45.41
CA VAL A 444 -20.11 -17.91 45.83
C VAL A 444 -19.64 -19.15 45.07
N ILE A 445 -20.51 -20.17 44.97
CA ILE A 445 -20.10 -21.43 44.34
C ILE A 445 -20.08 -21.29 42.82
N TYR A 446 -21.01 -20.52 42.24
CA TYR A 446 -21.02 -20.43 40.79
C TYR A 446 -20.12 -19.32 40.24
N ILE A 447 -19.64 -18.41 41.08
CA ILE A 447 -18.60 -17.49 40.66
C ILE A 447 -17.21 -18.11 40.85
N MET A 448 -16.99 -18.82 41.98
CA MET A 448 -15.66 -19.24 42.40
C MET A 448 -14.95 -20.20 41.44
N MET A 449 -15.67 -20.77 40.47
CA MET A 449 -15.14 -21.87 39.67
C MET A 449 -13.98 -21.43 38.75
N ASN A 450 -14.04 -20.22 38.22
CA ASN A 450 -13.04 -19.75 37.27
C ASN A 450 -11.80 -19.28 38.02
N LYS A 451 -10.64 -19.85 37.70
CA LYS A 451 -9.38 -19.42 38.29
C LYS A 451 -8.99 -18.01 37.85
N GLN A 452 -9.51 -17.54 36.72
CA GLN A 452 -9.27 -16.17 36.27
C GLN A 452 -9.88 -15.17 37.25
N PHE A 453 -11.15 -15.38 37.62
CA PHE A 453 -11.78 -14.49 38.58
C PHE A 453 -11.19 -14.64 39.98
N ARG A 454 -10.71 -15.84 40.31
CA ARG A 454 -10.02 -16.06 41.58
C ARG A 454 -8.71 -15.28 41.63
N ASN A 455 -7.93 -15.33 40.55
CA ASN A 455 -6.68 -14.57 40.49
C ASN A 455 -6.95 -13.06 40.48
N CYS A 456 -8.02 -12.63 39.82
CA CYS A 456 -8.33 -11.20 39.79
C CYS A 456 -8.84 -10.70 41.13
N MET A 457 -9.61 -11.51 41.86
CA MET A 457 -10.07 -11.06 43.17
C MET A 457 -8.95 -11.12 44.22
N LEU A 458 -8.06 -12.12 44.13
CA LEU A 458 -6.94 -12.18 45.05
C LEU A 458 -5.92 -11.07 44.77
N THR A 459 -5.69 -10.77 43.49
CA THR A 459 -4.85 -9.62 43.13
C THR A 459 -5.51 -8.32 43.55
N THR A 460 -6.84 -8.24 43.46
CA THR A 460 -7.58 -7.05 43.84
C THR A 460 -7.51 -6.79 45.34
N ILE A 461 -7.71 -7.84 46.15
CA ILE A 461 -7.72 -7.63 47.59
C ILE A 461 -6.30 -7.59 48.15
N CYS A 462 -5.33 -8.22 47.48
CA CYS A 462 -3.96 -8.24 47.98
C CYS A 462 -3.23 -6.93 47.71
N CYS A 463 -3.61 -6.20 46.66
CA CYS A 463 -2.97 -4.94 46.34
C CYS A 463 -3.65 -3.78 47.06
N MET B 1 -24.92 19.93 -1.91
CA MET B 1 -24.48 18.56 -2.19
C MET B 1 -25.35 17.91 -3.27
N GLY B 2 -24.68 17.41 -4.31
CA GLY B 2 -25.39 16.72 -5.38
C GLY B 2 -25.96 15.39 -4.92
N CYS B 3 -27.12 15.05 -5.48
CA CYS B 3 -27.76 13.78 -5.15
C CYS B 3 -27.00 12.60 -5.74
N THR B 4 -26.42 12.77 -6.93
CA THR B 4 -25.84 11.64 -7.65
C THR B 4 -24.57 11.12 -7.00
N LEU B 5 -23.65 12.00 -6.56
CA LEU B 5 -22.46 11.52 -5.88
C LEU B 5 -22.78 11.07 -4.45
N SER B 6 -23.86 11.59 -3.87
CA SER B 6 -24.36 11.04 -2.61
C SER B 6 -24.85 9.61 -2.79
N ALA B 7 -25.53 9.35 -3.91
CA ALA B 7 -25.91 7.98 -4.26
C ALA B 7 -24.69 7.13 -4.58
N GLU B 8 -23.62 7.75 -5.08
CA GLU B 8 -22.34 7.04 -5.21
C GLU B 8 -21.73 6.75 -3.84
N ASP B 9 -21.98 7.60 -2.85
CA ASP B 9 -21.49 7.35 -1.50
C ASP B 9 -22.24 6.19 -0.85
N LYS B 10 -23.56 6.20 -0.92
CA LYS B 10 -24.36 5.10 -0.38
C LYS B 10 -24.13 3.83 -1.19
N ALA B 11 -23.89 3.96 -2.50
CA ALA B 11 -23.47 2.83 -3.31
C ALA B 11 -22.13 2.29 -2.85
N ALA B 12 -21.23 3.17 -2.42
CA ALA B 12 -19.99 2.72 -1.80
C ALA B 12 -20.23 2.07 -0.44
N VAL B 13 -21.32 2.45 0.24
CA VAL B 13 -21.66 1.82 1.51
C VAL B 13 -22.17 0.40 1.28
N GLU B 14 -23.01 0.19 0.26
CA GLU B 14 -23.51 -1.16 0.02
C GLU B 14 -22.48 -2.05 -0.68
N ARG B 15 -21.65 -1.49 -1.56
CA ARG B 15 -20.51 -2.24 -2.06
C ARG B 15 -19.52 -2.55 -0.93
N SER B 16 -19.40 -1.63 0.02
CA SER B 16 -18.63 -1.90 1.24
C SER B 16 -19.27 -2.98 2.08
N LYS B 17 -20.61 -3.11 2.01
CA LYS B 17 -21.28 -4.23 2.67
C LYS B 17 -20.98 -5.54 1.95
N MET B 18 -20.82 -5.50 0.63
CA MET B 18 -20.38 -6.69 -0.11
C MET B 18 -18.96 -7.09 0.27
N ILE B 19 -18.08 -6.09 0.38
CA ILE B 19 -16.72 -6.29 0.91
C ILE B 19 -16.77 -6.89 2.31
N ASP B 20 -17.69 -6.40 3.15
CA ASP B 20 -17.87 -6.95 4.49
C ASP B 20 -18.38 -8.39 4.44
N ARG B 21 -19.18 -8.75 3.44
CA ARG B 21 -19.58 -10.14 3.27
C ARG B 21 -18.40 -11.02 2.91
N ASN B 22 -17.50 -10.51 2.05
CA ASN B 22 -16.27 -11.25 1.72
C ASN B 22 -15.38 -11.42 2.96
N LEU B 23 -15.30 -10.38 3.79
CA LEU B 23 -14.55 -10.47 5.04
C LEU B 23 -15.21 -11.45 6.01
N ARG B 24 -16.55 -11.54 6.01
CA ARG B 24 -17.24 -12.48 6.87
C ARG B 24 -16.97 -13.93 6.46
N GLU B 25 -17.11 -14.24 5.16
CA GLU B 25 -16.91 -15.62 4.71
C GLU B 25 -15.44 -16.01 4.79
N ASP B 26 -14.54 -15.09 4.47
CA ASP B 26 -13.11 -15.37 4.58
C ASP B 26 -12.69 -15.53 6.04
N GLY B 27 -13.20 -14.66 6.92
CA GLY B 27 -12.87 -14.76 8.33
C GLY B 27 -13.45 -15.98 9.02
N GLU B 28 -14.65 -16.43 8.62
CA GLU B 28 -15.18 -17.67 9.19
C GLU B 28 -14.40 -18.88 8.67
N LYS B 29 -14.10 -18.92 7.37
CA LYS B 29 -13.34 -20.05 6.83
C LYS B 29 -11.89 -20.06 7.31
N ALA B 30 -11.35 -18.91 7.67
CA ALA B 30 -10.05 -18.88 8.34
C ALA B 30 -10.16 -19.32 9.79
N ALA B 31 -11.22 -18.87 10.48
CA ALA B 31 -11.37 -19.11 11.91
C ALA B 31 -11.71 -20.56 12.23
N ARG B 32 -12.35 -21.29 11.31
CA ARG B 32 -12.60 -22.71 11.54
C ARG B 32 -11.44 -23.59 11.10
N GLU B 33 -10.43 -23.03 10.46
CA GLU B 33 -9.38 -23.83 9.83
C GLU B 33 -8.33 -24.26 10.84
N VAL B 34 -7.86 -25.49 10.70
CA VAL B 34 -6.86 -26.07 11.60
C VAL B 34 -5.48 -25.81 11.00
N LYS B 35 -4.65 -25.07 11.72
CA LYS B 35 -3.32 -24.68 11.28
C LYS B 35 -2.28 -25.45 12.07
N LEU B 36 -1.31 -26.05 11.38
CA LEU B 36 -0.21 -26.72 12.05
C LEU B 36 1.09 -26.49 11.28
N LEU B 37 2.16 -26.23 12.03
CA LEU B 37 3.46 -25.85 11.48
C LEU B 37 4.37 -27.06 11.32
N LEU B 38 5.23 -27.04 10.30
CA LEU B 38 6.16 -28.12 10.03
C LEU B 38 7.60 -27.62 10.11
N LEU B 39 8.40 -28.26 10.95
CA LEU B 39 9.85 -28.10 10.98
C LEU B 39 10.52 -29.45 10.79
N GLY B 40 11.82 -29.41 10.57
CA GLY B 40 12.59 -30.64 10.49
C GLY B 40 14.06 -30.34 10.29
N ALA B 41 14.87 -31.37 10.51
CA ALA B 41 16.32 -31.31 10.30
C ALA B 41 16.72 -31.99 8.99
N GLY B 42 16.39 -33.26 8.84
CA GLY B 42 16.79 -34.00 7.66
C GLY B 42 15.85 -33.79 6.48
N GLU B 43 16.44 -33.67 5.29
CA GLU B 43 15.67 -33.52 4.06
C GLU B 43 14.91 -34.80 3.73
N SER B 44 15.54 -35.96 3.98
CA SER B 44 14.94 -37.24 3.62
C SER B 44 13.71 -37.55 4.49
N GLY B 45 13.74 -37.14 5.75
CA GLY B 45 12.60 -37.39 6.61
C GLY B 45 11.38 -36.55 6.23
N LYS B 46 11.58 -35.24 6.04
CA LYS B 46 10.50 -34.35 5.65
C LYS B 46 9.96 -34.71 4.28
N SER B 47 10.85 -34.99 3.32
CA SER B 47 10.43 -35.39 1.98
C SER B 47 9.73 -36.74 1.99
N THR B 48 10.16 -37.65 2.86
CA THR B 48 9.50 -38.94 3.01
C THR B 48 8.08 -38.80 3.55
N ILE B 49 7.89 -37.92 4.54
CA ILE B 49 6.56 -37.76 5.12
C ILE B 49 5.64 -36.99 4.17
N VAL B 50 6.14 -35.93 3.53
CA VAL B 50 5.26 -35.11 2.70
C VAL B 50 4.95 -35.82 1.38
N LYS B 51 5.91 -36.57 0.82
CA LYS B 51 5.60 -37.39 -0.34
C LYS B 51 4.77 -38.61 0.03
N GLN B 52 4.93 -39.10 1.26
CA GLN B 52 4.09 -40.17 1.78
C GLN B 52 2.62 -39.75 1.85
N MET B 53 2.37 -38.52 2.31
CA MET B 53 1.01 -38.01 2.37
C MET B 53 0.49 -37.51 1.03
N LYS B 54 1.36 -37.40 0.02
CA LYS B 54 0.98 -36.84 -1.27
C LYS B 54 0.02 -37.77 -2.02
N ILE B 55 -1.11 -37.23 -2.44
CA ILE B 55 -2.09 -37.93 -3.27
C ILE B 55 -1.93 -37.46 -4.71
N ILE B 56 -1.97 -38.41 -5.65
CA ILE B 56 -1.56 -38.15 -7.02
C ILE B 56 -2.57 -37.23 -7.72
N HIS B 57 -2.05 -36.22 -8.40
CA HIS B 57 -2.84 -35.31 -9.22
C HIS B 57 -2.42 -35.43 -10.68
N GLU B 58 -3.26 -34.88 -11.55
CA GLU B 58 -2.97 -34.74 -12.96
C GLU B 58 -2.59 -33.30 -13.23
N ALA B 59 -1.51 -33.09 -13.98
CA ALA B 59 -1.04 -31.73 -14.24
C ALA B 59 -1.97 -30.96 -15.18
N GLY B 60 -2.47 -31.64 -16.21
CA GLY B 60 -3.26 -30.98 -17.24
C GLY B 60 -4.77 -31.14 -17.19
N TYR B 61 -5.37 -31.31 -16.00
CA TYR B 61 -6.79 -31.64 -15.92
C TYR B 61 -7.69 -30.50 -16.37
N SER B 62 -7.24 -29.25 -16.27
CA SER B 62 -8.12 -28.11 -16.51
C SER B 62 -7.51 -27.19 -17.55
N GLU B 63 -8.36 -26.74 -18.50
CA GLU B 63 -7.93 -25.82 -19.55
C GLU B 63 -7.58 -24.44 -19.01
N GLU B 64 -8.15 -24.04 -17.87
CA GLU B 64 -7.76 -22.78 -17.25
C GLU B 64 -6.34 -22.87 -16.70
N GLU B 65 -6.01 -23.99 -16.06
CA GLU B 65 -4.62 -24.27 -15.70
C GLU B 65 -3.74 -24.39 -16.94
N CYS B 66 -4.31 -24.88 -18.05
CA CYS B 66 -3.55 -24.89 -19.30
C CYS B 66 -3.23 -23.47 -19.75
N LYS B 67 -4.17 -22.54 -19.59
CA LYS B 67 -3.86 -21.12 -19.88
C LYS B 67 -2.81 -20.57 -18.92
N GLN B 68 -2.85 -21.02 -17.67
CA GLN B 68 -1.87 -20.62 -16.66
C GLN B 68 -0.46 -21.01 -17.10
N TYR B 69 -0.23 -22.30 -17.40
CA TYR B 69 1.12 -22.64 -17.82
C TYR B 69 1.42 -22.19 -19.26
N LYS B 70 0.41 -21.81 -20.06
CA LYS B 70 0.76 -21.07 -21.29
C LYS B 70 1.44 -19.76 -20.95
N ALA B 71 0.89 -19.03 -19.97
CA ALA B 71 1.52 -17.80 -19.51
C ALA B 71 2.88 -18.04 -18.87
N VAL B 72 3.01 -19.11 -18.08
CA VAL B 72 4.28 -19.36 -17.40
C VAL B 72 5.35 -19.84 -18.37
N VAL B 73 4.99 -20.73 -19.31
CA VAL B 73 5.95 -21.22 -20.31
C VAL B 73 6.34 -20.11 -21.29
N TYR B 74 5.40 -19.24 -21.65
CA TYR B 74 5.75 -18.03 -22.42
C TYR B 74 6.68 -17.12 -21.63
N SER B 75 6.45 -17.00 -20.31
CA SER B 75 7.30 -16.18 -19.46
C SER B 75 8.72 -16.73 -19.40
N ASN B 76 8.87 -18.04 -19.22
CA ASN B 76 10.19 -18.67 -19.22
C ASN B 76 10.85 -18.61 -20.60
N THR B 77 10.05 -18.64 -21.66
CA THR B 77 10.58 -18.55 -23.02
C THR B 77 11.18 -17.18 -23.29
N ILE B 78 10.35 -16.13 -23.16
CA ILE B 78 10.79 -14.77 -23.45
C ILE B 78 11.84 -14.33 -22.44
N GLN B 79 11.65 -14.68 -21.16
CA GLN B 79 12.61 -14.34 -20.12
C GLN B 79 13.93 -15.05 -20.32
N SER B 80 13.87 -16.30 -20.81
CA SER B 80 15.08 -17.05 -21.14
C SER B 80 15.86 -16.37 -22.25
N ILE B 81 15.20 -16.06 -23.37
CA ILE B 81 15.92 -15.51 -24.53
C ILE B 81 16.45 -14.10 -24.24
N ILE B 82 15.69 -13.28 -23.49
CA ILE B 82 16.23 -11.96 -23.15
C ILE B 82 17.38 -12.09 -22.18
N ALA B 83 17.34 -13.10 -21.29
CA ALA B 83 18.49 -13.39 -20.44
C ALA B 83 19.70 -13.82 -21.25
N ILE B 84 19.49 -14.53 -22.36
CA ILE B 84 20.61 -14.96 -23.21
C ILE B 84 21.26 -13.76 -23.90
N ILE B 85 20.44 -12.86 -24.48
CA ILE B 85 21.02 -11.72 -25.18
C ILE B 85 21.69 -10.74 -24.21
N ARG B 86 21.05 -10.44 -23.07
CA ARG B 86 21.72 -9.55 -22.12
C ARG B 86 22.94 -10.22 -21.48
N ALA B 87 22.92 -11.56 -21.38
CA ALA B 87 24.12 -12.29 -20.96
C ALA B 87 25.26 -12.13 -21.96
N MET B 88 24.93 -12.14 -23.26
CA MET B 88 25.93 -11.83 -24.28
C MET B 88 26.42 -10.39 -24.16
N GLY B 89 25.51 -9.45 -23.89
CA GLY B 89 25.90 -8.06 -23.72
C GLY B 89 26.74 -7.79 -22.49
N ARG B 90 26.66 -8.66 -21.48
CA ARG B 90 27.51 -8.54 -20.30
C ARG B 90 28.90 -9.13 -20.49
N LEU B 91 29.18 -9.72 -21.65
CA LEU B 91 30.50 -10.26 -21.93
C LEU B 91 31.40 -9.15 -22.45
N LYS B 92 32.66 -9.20 -22.04
CA LYS B 92 33.62 -8.19 -22.47
C LYS B 92 34.23 -8.49 -23.83
N ILE B 93 34.00 -9.69 -24.36
CA ILE B 93 34.37 -10.00 -25.73
C ILE B 93 33.30 -9.47 -26.67
N ASP B 94 33.71 -9.05 -27.86
CA ASP B 94 32.78 -8.50 -28.84
C ASP B 94 32.18 -9.66 -29.61
N PHE B 95 31.05 -10.15 -29.12
CA PHE B 95 30.35 -11.31 -29.70
C PHE B 95 29.04 -10.82 -30.30
N GLY B 96 29.06 -10.54 -31.60
CA GLY B 96 27.88 -10.17 -32.34
C GLY B 96 27.49 -11.24 -33.35
N ASP B 97 26.27 -11.11 -33.86
CA ASP B 97 25.77 -12.05 -34.85
C ASP B 97 26.33 -11.70 -36.23
N SER B 98 26.53 -12.75 -37.04
CA SER B 98 26.97 -12.57 -38.42
C SER B 98 25.96 -11.79 -39.24
N ALA B 99 24.68 -12.09 -39.09
CA ALA B 99 23.63 -11.39 -39.82
C ALA B 99 23.17 -10.18 -39.02
N ARG B 100 23.33 -9.00 -39.62
CA ARG B 100 23.04 -7.75 -38.92
C ARG B 100 21.54 -7.52 -38.75
N ALA B 101 20.72 -8.05 -39.66
CA ALA B 101 19.27 -7.92 -39.55
C ALA B 101 18.72 -8.62 -38.31
N ASP B 102 19.40 -9.67 -37.85
CA ASP B 102 18.99 -10.37 -36.63
C ASP B 102 19.14 -9.50 -35.40
N ASP B 103 20.05 -8.52 -35.42
CA ASP B 103 20.12 -7.55 -34.33
C ASP B 103 18.92 -6.63 -34.33
N ALA B 104 18.41 -6.26 -35.51
CA ALA B 104 17.15 -5.54 -35.59
C ALA B 104 16.00 -6.40 -35.11
N ARG B 105 16.06 -7.71 -35.37
CA ARG B 105 15.08 -8.63 -34.83
C ARG B 105 15.16 -8.73 -33.31
N GLN B 106 16.37 -8.60 -32.77
CA GLN B 106 16.59 -8.65 -31.33
C GLN B 106 16.16 -7.38 -30.62
N LEU B 107 16.35 -6.22 -31.24
CA LEU B 107 15.83 -5.00 -30.64
C LEU B 107 14.31 -4.98 -30.74
N PHE B 108 13.78 -5.45 -31.87
CA PHE B 108 12.33 -5.60 -32.03
C PHE B 108 11.74 -6.59 -31.02
N VAL B 109 12.49 -7.63 -30.64
CA VAL B 109 11.91 -8.54 -29.65
C VAL B 109 12.09 -7.97 -28.24
N LEU B 110 13.11 -7.13 -28.00
CA LEU B 110 13.14 -6.40 -26.73
C LEU B 110 11.99 -5.40 -26.62
N ALA B 111 11.53 -4.88 -27.77
CA ALA B 111 10.28 -4.12 -27.75
C ALA B 111 9.08 -5.04 -27.54
N GLY B 112 9.10 -6.21 -28.17
CA GLY B 112 8.01 -7.17 -28.14
C GLY B 112 7.80 -7.86 -26.82
N ALA B 113 8.75 -7.75 -25.88
CA ALA B 113 8.63 -8.39 -24.59
C ALA B 113 7.55 -7.76 -23.71
N ALA B 114 7.19 -6.50 -23.95
CA ALA B 114 6.40 -5.74 -23.00
C ALA B 114 4.89 -5.96 -23.12
N GLU B 115 4.39 -6.41 -24.27
CA GLU B 115 2.96 -6.51 -24.46
C GLU B 115 2.38 -7.69 -23.69
N GLU B 116 1.12 -7.54 -23.27
CA GLU B 116 0.42 -8.49 -22.41
C GLU B 116 -0.37 -9.53 -23.20
N GLY B 117 -0.36 -9.46 -24.53
CA GLY B 117 -1.21 -10.29 -25.35
C GLY B 117 -0.71 -11.71 -25.50
N PHE B 118 -1.00 -12.29 -26.66
CA PHE B 118 -0.64 -13.67 -26.92
C PHE B 118 0.65 -13.69 -27.75
N MET B 119 1.23 -14.87 -27.91
CA MET B 119 2.47 -15.00 -28.66
C MET B 119 2.16 -15.14 -30.15
N THR B 120 2.86 -14.36 -30.96
CA THR B 120 2.71 -14.41 -32.40
C THR B 120 3.88 -15.15 -33.06
N ALA B 121 3.65 -15.58 -34.29
CA ALA B 121 4.62 -16.41 -35.01
C ALA B 121 5.91 -15.68 -35.31
N GLU B 122 5.85 -14.35 -35.46
CA GLU B 122 7.03 -13.58 -35.84
C GLU B 122 8.09 -13.58 -34.74
N LEU B 123 7.67 -13.44 -33.49
CA LEU B 123 8.61 -13.46 -32.36
C LEU B 123 9.24 -14.83 -32.19
N ALA B 124 8.45 -15.89 -32.38
CA ALA B 124 8.99 -17.25 -32.37
C ALA B 124 9.97 -17.45 -33.51
N GLY B 125 9.71 -16.82 -34.66
CA GLY B 125 10.67 -16.85 -35.75
C GLY B 125 11.95 -16.13 -35.42
N VAL B 126 11.85 -15.03 -34.66
CA VAL B 126 13.03 -14.28 -34.24
C VAL B 126 13.89 -15.12 -33.29
N ILE B 127 13.28 -15.71 -32.27
CA ILE B 127 14.07 -16.46 -31.29
C ILE B 127 14.58 -17.77 -31.89
N LYS B 128 13.88 -18.36 -32.85
CA LYS B 128 14.43 -19.57 -33.48
C LYS B 128 15.59 -19.24 -34.42
N ARG B 129 15.47 -18.17 -35.22
CA ARG B 129 16.55 -17.80 -36.14
C ARG B 129 17.79 -17.32 -35.39
N LEU B 130 17.61 -16.59 -34.30
CA LEU B 130 18.74 -16.30 -33.42
C LEU B 130 19.26 -17.56 -32.74
N TRP B 131 18.37 -18.50 -32.42
CA TRP B 131 18.80 -19.72 -31.71
C TRP B 131 19.59 -20.66 -32.60
N LYS B 132 19.40 -20.59 -33.93
CA LYS B 132 20.13 -21.46 -34.86
C LYS B 132 21.63 -21.16 -34.95
N ASP B 133 22.13 -20.12 -34.30
CA ASP B 133 23.55 -19.84 -34.24
C ASP B 133 24.15 -20.64 -33.08
N SER B 134 25.15 -21.47 -33.37
CA SER B 134 25.77 -22.32 -32.36
C SER B 134 26.58 -21.53 -31.34
N GLY B 135 26.97 -20.30 -31.68
CA GLY B 135 27.60 -19.43 -30.69
C GLY B 135 26.69 -19.02 -29.56
N VAL B 136 25.37 -19.06 -29.77
CA VAL B 136 24.43 -18.91 -28.67
C VAL B 136 24.53 -20.08 -27.71
N GLN B 137 24.79 -21.28 -28.24
CA GLN B 137 25.02 -22.45 -27.38
C GLN B 137 26.38 -22.36 -26.69
N ALA B 138 27.37 -21.76 -27.36
CA ALA B 138 28.62 -21.43 -26.68
C ALA B 138 28.40 -20.43 -25.55
N CYS B 139 27.47 -19.50 -25.74
CA CYS B 139 27.11 -18.57 -24.68
C CYS B 139 26.29 -19.25 -23.59
N PHE B 140 25.59 -20.33 -23.91
CA PHE B 140 25.03 -21.19 -22.86
C PHE B 140 26.14 -21.85 -22.07
N ASN B 141 27.24 -22.23 -22.73
CA ASN B 141 28.38 -22.81 -22.04
C ASN B 141 29.06 -21.80 -21.13
N ARG B 142 29.24 -20.56 -21.61
CA ARG B 142 29.82 -19.52 -20.78
C ARG B 142 28.89 -19.12 -19.64
N SER B 143 27.61 -18.88 -19.96
CA SER B 143 26.57 -18.48 -19.01
C SER B 143 26.06 -19.63 -18.14
N ARG B 144 26.64 -20.82 -18.29
CA ARG B 144 26.33 -21.94 -17.40
C ARG B 144 26.65 -21.64 -15.94
N GLU B 145 27.63 -20.77 -15.70
CA GLU B 145 28.05 -20.39 -14.36
C GLU B 145 27.36 -19.13 -13.84
N TYR B 146 26.38 -18.59 -14.56
CA TYR B 146 25.73 -17.33 -14.20
C TYR B 146 24.24 -17.57 -13.92
N GLN B 147 23.52 -16.46 -13.73
CA GLN B 147 22.09 -16.52 -13.37
C GLN B 147 21.29 -16.96 -14.58
N LEU B 148 20.79 -18.19 -14.55
CA LEU B 148 20.11 -18.80 -15.69
C LEU B 148 19.38 -20.04 -15.21
N ASN B 149 18.26 -20.35 -15.85
CA ASN B 149 17.50 -21.57 -15.58
C ASN B 149 18.00 -22.67 -16.52
N ASP B 150 18.47 -23.78 -15.94
CA ASP B 150 19.37 -24.70 -16.64
C ASP B 150 18.69 -25.55 -17.71
N SER B 151 17.36 -25.57 -17.76
CA SER B 151 16.61 -26.33 -18.74
C SER B 151 16.36 -25.55 -20.04
N ALA B 152 17.04 -24.41 -20.23
CA ALA B 152 16.59 -23.36 -21.15
C ALA B 152 16.51 -23.81 -22.60
N ALA B 153 17.49 -24.59 -23.07
CA ALA B 153 17.52 -25.04 -24.47
C ALA B 153 16.32 -25.90 -24.81
N TYR B 154 15.86 -26.71 -23.85
CA TYR B 154 14.68 -27.54 -24.03
C TYR B 154 13.45 -26.67 -24.25
N TYR B 155 13.35 -25.55 -23.50
CA TYR B 155 12.26 -24.60 -23.73
C TYR B 155 12.24 -24.04 -25.15
N LEU B 156 13.42 -23.79 -25.74
CA LEU B 156 13.45 -23.24 -27.10
C LEU B 156 13.13 -24.29 -28.17
N ASN B 157 13.72 -25.49 -28.06
CA ASN B 157 13.38 -26.56 -29.00
C ASN B 157 11.92 -26.98 -28.83
N ASP B 158 11.47 -26.98 -27.57
CA ASP B 158 10.09 -27.25 -27.25
C ASP B 158 9.20 -26.20 -27.89
N LEU B 159 9.59 -24.92 -27.83
CA LEU B 159 8.81 -23.83 -28.41
C LEU B 159 8.81 -23.91 -29.94
N ASP B 160 9.87 -24.47 -30.52
CA ASP B 160 9.84 -24.85 -31.93
C ASP B 160 8.71 -25.84 -32.20
N ARG B 161 8.47 -26.79 -31.29
CA ARG B 161 7.27 -27.62 -31.45
C ARG B 161 5.99 -26.84 -31.12
N ILE B 162 6.03 -25.96 -30.12
CA ILE B 162 4.86 -25.20 -29.64
C ILE B 162 4.35 -24.15 -30.64
N ALA B 163 5.14 -23.86 -31.69
CA ALA B 163 4.79 -22.82 -32.66
C ALA B 163 3.44 -23.05 -33.34
N GLN B 164 3.10 -24.30 -33.65
CA GLN B 164 1.80 -24.61 -34.21
C GLN B 164 0.69 -24.38 -33.18
N PRO B 165 -0.48 -23.89 -33.59
CA PRO B 165 -1.55 -23.61 -32.63
C PRO B 165 -2.30 -24.86 -32.17
N ASN B 166 -3.01 -24.69 -31.04
CA ASN B 166 -3.93 -25.67 -30.45
C ASN B 166 -3.24 -26.94 -29.96
N TYR B 167 -2.02 -26.76 -29.48
CA TYR B 167 -1.23 -27.78 -28.79
C TYR B 167 -1.70 -28.01 -27.35
N ILE B 168 -1.52 -29.24 -26.87
CA ILE B 168 -1.59 -29.56 -25.45
C ILE B 168 -0.39 -30.45 -25.09
N PRO B 169 0.56 -29.94 -24.31
CA PRO B 169 1.69 -30.77 -23.88
C PRO B 169 1.37 -31.61 -22.65
N THR B 170 2.23 -32.61 -22.43
CA THR B 170 2.02 -33.59 -21.38
C THR B 170 2.49 -33.05 -20.01
N GLN B 171 2.53 -33.95 -19.02
CA GLN B 171 2.69 -33.56 -17.62
C GLN B 171 4.09 -33.03 -17.30
N GLN B 172 5.13 -33.64 -17.89
CA GLN B 172 6.51 -33.38 -17.48
C GLN B 172 6.97 -31.95 -17.77
N ASP B 173 6.34 -31.28 -18.75
CA ASP B 173 6.60 -29.87 -18.94
C ASP B 173 6.10 -29.04 -17.77
N VAL B 174 4.90 -29.34 -17.27
CA VAL B 174 4.34 -28.63 -16.13
C VAL B 174 5.14 -28.92 -14.87
N LEU B 175 5.39 -30.20 -14.59
CA LEU B 175 6.11 -30.58 -13.39
C LEU B 175 7.55 -30.11 -13.43
N ARG B 176 8.19 -30.20 -14.61
CA ARG B 176 9.53 -29.65 -14.81
C ARG B 176 9.54 -28.13 -14.65
N THR B 177 8.42 -27.47 -15.00
CA THR B 177 8.35 -26.03 -14.83
C THR B 177 8.23 -25.65 -13.36
N ARG B 178 7.58 -26.49 -12.54
CA ARG B 178 7.56 -26.26 -11.10
C ARG B 178 8.72 -26.94 -10.37
N VAL B 179 9.79 -27.34 -11.06
CA VAL B 179 11.00 -27.77 -10.36
C VAL B 179 11.73 -26.50 -9.91
N LYS B 180 11.51 -26.13 -8.65
CA LYS B 180 12.13 -25.01 -7.93
C LYS B 180 11.93 -25.31 -6.46
N THR B 181 12.76 -24.68 -5.63
CA THR B 181 12.82 -25.03 -4.21
C THR B 181 12.34 -23.91 -3.31
N THR B 182 12.82 -22.69 -3.51
CA THR B 182 12.60 -21.58 -2.59
C THR B 182 11.13 -21.18 -2.52
N GLY B 183 10.79 -20.53 -1.41
CA GLY B 183 9.39 -20.33 -1.03
C GLY B 183 8.89 -21.45 -0.13
N ILE B 184 7.94 -21.11 0.73
CA ILE B 184 7.32 -22.10 1.60
C ILE B 184 6.12 -22.72 0.89
N VAL B 185 6.11 -24.05 0.83
CA VAL B 185 5.08 -24.80 0.13
C VAL B 185 3.94 -25.09 1.10
N GLU B 186 2.72 -24.69 0.73
CA GLU B 186 1.54 -24.96 1.53
C GLU B 186 0.78 -26.14 0.94
N THR B 187 0.25 -27.00 1.82
CA THR B 187 -0.53 -28.17 1.41
C THR B 187 -1.87 -28.16 2.12
N HIS B 188 -2.89 -28.67 1.43
CA HIS B 188 -4.24 -28.70 1.97
C HIS B 188 -4.84 -30.07 1.66
N PHE B 189 -5.25 -30.78 2.71
CA PHE B 189 -5.85 -32.10 2.55
C PHE B 189 -6.85 -32.33 3.67
N THR B 190 -7.65 -33.38 3.52
CA THR B 190 -8.76 -33.67 4.42
C THR B 190 -8.64 -35.11 4.91
N PHE B 191 -8.78 -35.30 6.23
CA PHE B 191 -8.88 -36.62 6.83
C PHE B 191 -9.83 -36.52 8.01
N LYS B 192 -10.99 -37.17 7.87
CA LYS B 192 -12.00 -37.32 8.93
C LYS B 192 -12.47 -35.97 9.46
N ASP B 193 -13.10 -35.20 8.56
CA ASP B 193 -13.87 -33.98 8.79
C ASP B 193 -12.99 -32.77 9.14
N LEU B 194 -11.68 -32.94 9.29
CA LEU B 194 -10.80 -31.83 9.62
C LEU B 194 -9.99 -31.41 8.40
N HIS B 195 -9.87 -30.10 8.22
CA HIS B 195 -9.12 -29.52 7.11
C HIS B 195 -7.77 -29.03 7.62
N PHE B 196 -6.69 -29.60 7.11
CA PHE B 196 -5.35 -29.28 7.56
C PHE B 196 -4.65 -28.33 6.59
N LYS B 197 -3.80 -27.46 7.14
CA LYS B 197 -2.89 -26.64 6.36
C LYS B 197 -1.50 -26.77 6.98
N MET B 198 -0.54 -27.20 6.17
CA MET B 198 0.84 -27.36 6.63
C MET B 198 1.70 -26.23 6.07
N PHE B 199 2.61 -25.73 6.90
CA PHE B 199 3.59 -24.73 6.48
C PHE B 199 4.98 -25.27 6.80
N ASP B 200 5.75 -25.58 5.77
CA ASP B 200 7.10 -26.07 5.95
C ASP B 200 8.10 -24.92 6.00
N VAL B 201 9.38 -25.26 6.05
CA VAL B 201 10.46 -24.29 5.98
C VAL B 201 11.44 -24.78 4.92
N GLY B 202 11.78 -23.90 3.97
CA GLY B 202 12.71 -24.20 2.90
C GLY B 202 14.15 -24.39 3.31
N ALA B 203 14.51 -24.07 4.57
CA ALA B 203 15.82 -24.14 5.24
C ALA B 203 16.67 -22.93 4.84
N GLN B 204 16.05 -21.94 4.20
CA GLN B 204 16.64 -20.69 3.72
C GLN B 204 17.53 -19.93 4.71
N ARG B 205 17.37 -20.16 6.02
CA ARG B 205 18.17 -19.45 7.02
C ARG B 205 18.61 -20.38 8.14
N SER B 206 19.81 -20.11 8.65
CA SER B 206 20.24 -20.66 9.93
C SER B 206 19.77 -19.80 11.10
N GLU B 207 19.64 -18.49 10.89
CA GLU B 207 19.26 -17.56 11.94
C GLU B 207 17.79 -17.19 11.80
N ARG B 208 17.09 -17.15 12.93
CA ARG B 208 15.63 -17.03 12.96
C ARG B 208 15.25 -15.89 13.89
N LYS B 209 14.91 -14.72 13.35
CA LYS B 209 14.34 -13.67 14.19
C LYS B 209 12.96 -13.20 13.71
N LYS B 210 12.82 -12.75 12.46
CA LYS B 210 11.63 -12.00 12.07
C LYS B 210 10.53 -12.93 11.58
N TRP B 211 10.86 -13.77 10.60
CA TRP B 211 9.92 -14.77 10.15
C TRP B 211 9.64 -15.82 11.22
N ILE B 212 10.54 -16.01 12.18
CA ILE B 212 10.16 -16.91 13.27
C ILE B 212 9.24 -16.18 14.25
N HIS B 213 9.32 -14.84 14.38
CA HIS B 213 8.34 -14.21 15.26
C HIS B 213 6.98 -14.08 14.60
N CYS B 214 6.91 -14.10 13.26
CA CYS B 214 5.60 -13.98 12.63
C CYS B 214 4.81 -15.29 12.60
N PHE B 215 5.40 -16.41 13.01
CA PHE B 215 4.69 -17.68 13.13
C PHE B 215 4.07 -17.88 14.50
N GLU B 216 3.71 -16.79 15.19
CA GLU B 216 3.21 -16.88 16.57
C GLU B 216 1.91 -17.67 16.65
N GLY B 217 0.92 -17.32 15.84
CA GLY B 217 -0.36 -17.99 15.91
C GLY B 217 -0.40 -19.34 15.20
N VAL B 218 -0.39 -20.41 15.97
CA VAL B 218 -0.35 -21.77 15.43
C VAL B 218 -0.83 -22.72 16.52
N THR B 219 -1.55 -23.76 16.13
CA THR B 219 -2.09 -24.70 17.10
C THR B 219 -1.02 -25.68 17.60
N ALA B 220 -0.30 -26.32 16.69
CA ALA B 220 0.67 -27.34 17.06
C ALA B 220 1.88 -27.26 16.14
N ILE B 221 2.98 -27.85 16.60
CA ILE B 221 4.24 -27.83 15.89
C ILE B 221 4.70 -29.27 15.71
N ILE B 222 5.11 -29.62 14.49
CA ILE B 222 5.66 -30.94 14.19
C ILE B 222 7.14 -30.77 13.94
N PHE B 223 7.95 -31.49 14.72
CA PHE B 223 9.40 -31.42 14.63
C PHE B 223 9.92 -32.82 14.34
N CYS B 224 10.64 -32.98 13.23
CA CYS B 224 11.10 -34.29 12.80
C CYS B 224 12.61 -34.31 12.71
N VAL B 225 13.20 -35.40 13.20
CA VAL B 225 14.64 -35.65 13.14
C VAL B 225 14.86 -37.14 12.93
N ALA B 226 16.08 -37.47 12.50
CA ALA B 226 16.54 -38.84 12.46
C ALA B 226 17.40 -39.09 13.69
N LEU B 227 16.99 -40.05 14.52
CA LEU B 227 17.77 -40.40 15.71
C LEU B 227 19.14 -40.97 15.33
N SER B 228 19.26 -41.53 14.13
CA SER B 228 20.48 -42.12 13.59
C SER B 228 21.58 -41.11 13.29
N ASP B 229 21.34 -39.82 13.53
CA ASP B 229 22.26 -38.73 13.19
C ASP B 229 23.61 -38.82 13.90
N TYR B 230 23.72 -39.55 15.02
CA TYR B 230 25.02 -39.74 15.67
C TYR B 230 25.97 -40.58 14.82
N ASP B 231 25.45 -41.38 13.90
CA ASP B 231 26.27 -42.14 12.97
C ASP B 231 26.29 -41.48 11.59
N LEU B 232 25.52 -40.42 11.40
CA LEU B 232 25.41 -39.74 10.12
C LEU B 232 26.39 -38.57 10.08
N VAL B 233 26.97 -38.34 8.92
CA VAL B 233 27.97 -37.30 8.72
C VAL B 233 27.26 -36.04 8.24
N LEU B 234 27.19 -35.02 9.09
CA LEU B 234 26.86 -33.65 8.69
C LEU B 234 27.95 -32.77 9.28
N ALA B 235 29.04 -32.59 8.53
CA ALA B 235 30.19 -31.88 9.08
C ALA B 235 31.02 -31.29 7.96
N GLU B 236 31.59 -30.12 8.22
CA GLU B 236 32.71 -29.58 7.47
C GLU B 236 34.00 -29.63 8.28
N ASP B 237 33.95 -30.18 9.49
CA ASP B 237 35.08 -30.23 10.40
C ASP B 237 35.06 -31.62 11.04
N GLU B 238 35.88 -31.81 12.08
CA GLU B 238 35.96 -33.11 12.74
C GLU B 238 34.68 -33.44 13.53
N GLU B 239 34.02 -32.43 14.07
CA GLU B 239 32.85 -32.64 14.93
C GLU B 239 31.63 -32.89 14.05
N MET B 240 31.18 -34.14 14.00
CA MET B 240 30.11 -34.57 13.10
C MET B 240 28.78 -34.80 13.82
N ASN B 241 28.66 -34.35 15.06
CA ASN B 241 27.47 -34.64 15.87
C ASN B 241 26.33 -33.73 15.44
N ARG B 242 25.41 -34.29 14.65
CA ARG B 242 24.22 -33.55 14.23
C ARG B 242 23.27 -33.31 15.40
N MET B 243 23.22 -34.25 16.35
CA MET B 243 22.31 -34.15 17.49
C MET B 243 22.60 -32.95 18.39
N HIS B 244 23.83 -32.43 18.37
CA HIS B 244 24.13 -31.20 19.12
C HIS B 244 23.34 -30.00 18.58
N GLU B 245 23.42 -29.75 17.27
CA GLU B 245 22.65 -28.64 16.73
C GLU B 245 21.17 -28.96 16.64
N SER B 246 20.80 -30.25 16.56
CA SER B 246 19.39 -30.62 16.59
C SER B 246 18.77 -30.31 17.95
N MET B 247 19.46 -30.66 19.03
CA MET B 247 19.03 -30.27 20.37
C MET B 247 19.12 -28.76 20.57
N LYS B 248 20.05 -28.10 19.86
CA LYS B 248 20.07 -26.64 19.86
C LYS B 248 18.82 -26.08 19.20
N LEU B 249 18.29 -26.75 18.17
CA LEU B 249 17.05 -26.31 17.54
C LEU B 249 15.86 -26.53 18.47
N PHE B 250 15.76 -27.73 19.06
CA PHE B 250 14.65 -28.06 19.96
C PHE B 250 14.65 -27.15 21.18
N ASP B 251 15.81 -26.94 21.80
CA ASP B 251 15.93 -26.02 22.92
C ASP B 251 15.67 -24.58 22.49
N SER B 252 16.04 -24.23 21.25
CA SER B 252 15.80 -22.88 20.75
C SER B 252 14.31 -22.61 20.59
N ILE B 253 13.55 -23.58 20.09
CA ILE B 253 12.11 -23.41 19.94
C ILE B 253 11.42 -23.44 21.31
N CYS B 254 11.81 -24.38 22.17
CA CYS B 254 11.16 -24.51 23.48
C CYS B 254 11.47 -23.35 24.40
N ASN B 255 12.64 -22.72 24.25
CA ASN B 255 13.01 -21.60 25.09
C ASN B 255 12.65 -20.25 24.47
N ASN B 256 11.96 -20.25 23.33
CA ASN B 256 11.49 -19.01 22.72
C ASN B 256 10.20 -18.56 23.42
N LYS B 257 10.14 -17.27 23.78
CA LYS B 257 9.03 -16.76 24.56
C LYS B 257 7.71 -16.75 23.78
N TRP B 258 7.77 -16.69 22.45
CA TRP B 258 6.55 -16.61 21.64
C TRP B 258 5.76 -17.92 21.68
N PHE B 259 6.43 -19.06 21.77
CA PHE B 259 5.82 -20.37 21.72
C PHE B 259 5.71 -21.01 23.10
N THR B 260 5.52 -20.19 24.15
CA THR B 260 5.52 -20.70 25.52
C THR B 260 4.38 -21.67 25.81
N ASP B 261 3.18 -21.41 25.27
CA ASP B 261 2.02 -22.23 25.62
C ASP B 261 1.61 -23.21 24.52
N THR B 262 2.42 -23.42 23.49
CA THR B 262 2.06 -24.32 22.39
C THR B 262 2.88 -25.60 22.45
N SER B 263 2.23 -26.73 22.17
CA SER B 263 2.83 -28.04 22.30
C SER B 263 3.76 -28.35 21.14
N ILE B 264 4.43 -29.49 21.24
CA ILE B 264 5.36 -29.98 20.22
C ILE B 264 5.02 -31.44 19.93
N ILE B 265 5.03 -31.82 18.65
CA ILE B 265 4.90 -33.21 18.23
C ILE B 265 6.21 -33.63 17.58
N LEU B 266 6.67 -34.85 17.87
CA LEU B 266 8.04 -35.24 17.56
C LEU B 266 8.07 -36.65 16.97
N PHE B 267 8.79 -36.80 15.84
CA PHE B 267 8.83 -38.03 15.05
C PHE B 267 10.26 -38.53 14.88
N LEU B 268 10.42 -39.86 14.81
CA LEU B 268 11.70 -40.52 14.52
C LEU B 268 11.53 -41.41 13.28
N ASN B 269 12.13 -40.98 12.17
CA ASN B 269 11.85 -41.59 10.87
C ASN B 269 12.51 -42.96 10.66
N LYS B 270 13.79 -43.10 10.99
CA LYS B 270 14.56 -44.29 10.60
C LYS B 270 14.79 -45.22 11.78
N LYS B 271 14.29 -46.46 11.69
CA LYS B 271 14.47 -47.39 12.80
C LYS B 271 15.08 -48.74 12.46
N ASP B 272 14.89 -49.24 11.23
CA ASP B 272 15.35 -50.59 10.90
C ASP B 272 16.87 -50.64 10.71
N LEU B 273 17.37 -49.87 9.73
CA LEU B 273 18.78 -49.55 9.53
C LEU B 273 19.46 -49.12 10.84
N PHE B 274 18.71 -48.36 11.66
CA PHE B 274 19.17 -48.02 13.00
C PHE B 274 19.41 -49.26 13.85
N GLU B 275 18.47 -50.22 13.84
CA GLU B 275 18.66 -51.45 14.63
C GLU B 275 19.85 -52.26 14.14
N GLU B 276 20.02 -52.37 12.81
CA GLU B 276 21.16 -53.10 12.27
C GLU B 276 22.48 -52.42 12.62
N LYS B 277 22.52 -51.08 12.65
CA LYS B 277 23.74 -50.46 13.14
C LYS B 277 23.87 -50.53 14.67
N ILE B 278 22.77 -50.73 15.42
CA ILE B 278 22.89 -51.00 16.86
C ILE B 278 23.66 -52.29 17.07
N LYS B 279 23.35 -53.33 16.28
CA LYS B 279 24.18 -54.53 16.35
C LYS B 279 25.59 -54.25 15.82
N LYS B 280 25.69 -53.52 14.70
CA LYS B 280 26.99 -53.19 14.11
C LYS B 280 27.83 -52.28 15.01
N SER B 281 27.23 -51.25 15.62
CA SER B 281 28.03 -50.26 16.34
C SER B 281 27.37 -49.76 17.63
N PRO B 282 28.11 -49.78 18.74
CA PRO B 282 27.54 -49.29 20.01
C PRO B 282 27.47 -47.76 20.05
N LEU B 283 26.42 -47.27 20.68
CA LEU B 283 26.18 -45.83 20.87
C LEU B 283 26.94 -45.28 22.07
N THR B 284 28.27 -45.35 21.98
CA THR B 284 29.14 -44.85 23.03
C THR B 284 29.56 -43.41 22.80
N ILE B 285 29.36 -42.90 21.57
CA ILE B 285 29.77 -41.56 21.19
C ILE B 285 29.11 -40.49 22.05
N CYS B 286 27.79 -40.61 22.30
CA CYS B 286 27.08 -39.59 23.04
C CYS B 286 27.50 -39.52 24.51
N TYR B 287 27.15 -40.54 25.29
CA TYR B 287 27.34 -40.57 26.74
C TYR B 287 27.62 -42.01 27.11
N PRO B 288 28.49 -42.27 28.09
CA PRO B 288 28.59 -43.65 28.61
C PRO B 288 27.38 -44.06 29.42
N GLU B 289 26.89 -43.14 30.26
CA GLU B 289 25.73 -43.38 31.11
C GLU B 289 24.48 -43.64 30.27
N TYR B 290 24.37 -42.98 29.11
CA TYR B 290 23.40 -43.39 28.10
C TYR B 290 23.60 -44.86 27.74
N ALA B 291 24.85 -45.23 27.43
CA ALA B 291 25.16 -46.61 27.05
C ALA B 291 25.53 -47.45 28.28
N GLY B 292 24.67 -47.35 29.30
CA GLY B 292 24.79 -48.26 30.42
C GLY B 292 24.38 -49.68 30.06
N SER B 293 23.32 -49.82 29.27
CA SER B 293 22.76 -51.12 28.93
C SER B 293 22.93 -51.45 27.45
N ASN B 294 23.36 -52.69 27.18
CA ASN B 294 23.60 -53.16 25.82
C ASN B 294 22.33 -53.31 24.98
N THR B 295 21.24 -53.74 25.62
CA THR B 295 20.03 -54.22 24.93
C THR B 295 19.38 -53.16 24.03
N TYR B 296 19.00 -53.59 22.82
CA TYR B 296 18.57 -52.67 21.77
C TYR B 296 17.23 -51.97 22.03
N GLU B 297 16.22 -52.69 22.54
CA GLU B 297 14.89 -52.11 22.78
C GLU B 297 14.82 -50.80 23.58
N GLU B 298 15.51 -50.72 24.72
CA GLU B 298 15.43 -49.51 25.54
C GLU B 298 16.31 -48.37 25.03
N ALA B 299 17.09 -48.60 23.96
CA ALA B 299 17.95 -47.53 23.42
C ALA B 299 17.15 -46.36 22.91
N ALA B 300 15.92 -46.61 22.45
CA ALA B 300 15.03 -45.51 22.06
C ALA B 300 14.59 -44.71 23.28
N ALA B 301 14.36 -45.40 24.42
CA ALA B 301 13.74 -44.80 25.60
C ALA B 301 14.56 -43.64 26.16
N TYR B 302 15.89 -43.78 26.13
CA TYR B 302 16.79 -42.67 26.49
C TYR B 302 16.58 -41.45 25.61
N ILE B 303 16.38 -41.64 24.30
CA ILE B 303 16.18 -40.51 23.39
C ILE B 303 14.92 -39.74 23.74
N GLN B 304 13.79 -40.44 23.93
CA GLN B 304 12.59 -39.72 24.34
C GLN B 304 12.66 -39.20 25.78
N CYS B 305 13.46 -39.79 26.67
CA CYS B 305 13.57 -39.17 27.99
C CYS B 305 14.43 -37.91 27.92
N GLN B 306 15.45 -37.88 27.06
CA GLN B 306 16.27 -36.67 26.88
C GLN B 306 15.47 -35.56 26.21
N PHE B 307 14.90 -35.84 25.04
CA PHE B 307 14.10 -34.82 24.35
C PHE B 307 12.84 -34.46 25.13
N GLU B 308 12.33 -35.39 25.94
CA GLU B 308 11.18 -35.06 26.78
C GLU B 308 11.59 -34.15 27.95
N ASP B 309 12.72 -34.43 28.61
CA ASP B 309 13.08 -33.61 29.76
C ASP B 309 13.87 -32.35 29.39
N LEU B 310 14.11 -32.09 28.10
CA LEU B 310 14.66 -30.79 27.71
C LEU B 310 13.67 -29.62 27.87
N ASN B 311 12.43 -29.88 28.29
CA ASN B 311 11.50 -28.80 28.63
C ASN B 311 12.01 -28.03 29.84
N LYS B 312 11.77 -26.71 29.82
CA LYS B 312 12.27 -25.83 30.88
C LYS B 312 11.14 -25.52 31.85
N ARG B 313 10.91 -26.47 32.78
CA ARG B 313 10.02 -26.34 33.95
C ARG B 313 8.61 -25.88 33.61
N LYS B 314 8.09 -26.30 32.45
CA LYS B 314 6.76 -25.90 32.01
C LYS B 314 5.88 -27.14 31.88
N ASP B 315 4.66 -27.06 32.42
CA ASP B 315 3.75 -28.19 32.39
C ASP B 315 2.41 -27.88 31.73
N THR B 316 2.28 -26.72 31.07
CA THR B 316 1.08 -26.46 30.27
C THR B 316 1.12 -27.16 28.91
N LYS B 317 2.27 -27.72 28.53
CA LYS B 317 2.46 -28.33 27.23
C LYS B 317 3.28 -29.59 27.40
N GLU B 318 3.05 -30.55 26.51
CA GLU B 318 3.73 -31.84 26.61
C GLU B 318 4.13 -32.30 25.22
N ILE B 319 5.26 -32.99 25.14
CA ILE B 319 5.88 -33.38 23.89
C ILE B 319 5.44 -34.80 23.56
N TYR B 320 4.67 -34.94 22.49
CA TYR B 320 4.14 -36.23 22.09
C TYR B 320 5.14 -36.97 21.22
N THR B 321 5.35 -38.24 21.54
CA THR B 321 6.32 -39.07 20.85
C THR B 321 5.62 -40.13 20.01
N HIS B 322 6.23 -40.48 18.88
CA HIS B 322 5.64 -41.46 17.99
C HIS B 322 6.77 -42.21 17.29
N PHE B 323 6.42 -43.33 16.65
CA PHE B 323 7.38 -44.19 15.98
C PHE B 323 6.97 -44.39 14.53
N THR B 324 7.92 -44.82 13.72
CA THR B 324 7.68 -45.01 12.29
C THR B 324 6.73 -46.18 12.05
N CYS B 325 5.81 -46.01 11.09
CA CYS B 325 4.87 -47.06 10.74
C CYS B 325 4.89 -47.32 9.25
N SER B 326 4.64 -48.59 8.90
CA SER B 326 4.59 -49.04 7.50
C SER B 326 3.58 -48.26 6.67
N THR B 327 2.44 -47.91 7.24
CA THR B 327 1.35 -47.30 6.50
C THR B 327 0.99 -45.93 7.09
N ASP B 328 0.96 -44.93 6.21
CA ASP B 328 0.56 -43.54 6.46
C ASP B 328 -0.75 -43.38 7.25
N THR B 329 -1.66 -44.34 7.08
CA THR B 329 -2.98 -44.29 7.73
C THR B 329 -2.85 -44.31 9.25
N LYS B 330 -1.85 -45.00 9.78
CA LYS B 330 -1.62 -44.98 11.22
C LYS B 330 -1.03 -43.65 11.67
N ASN B 331 -0.26 -42.99 10.80
CA ASN B 331 0.41 -41.74 11.16
C ASN B 331 -0.59 -40.60 11.38
N VAL B 332 -1.57 -40.46 10.48
CA VAL B 332 -2.54 -39.38 10.58
C VAL B 332 -3.49 -39.56 11.75
N GLN B 333 -3.61 -40.77 12.29
CA GLN B 333 -4.42 -40.99 13.48
C GLN B 333 -3.81 -40.28 14.69
N PHE B 334 -2.48 -40.36 14.83
CA PHE B 334 -1.79 -39.73 15.95
C PHE B 334 -1.90 -38.22 15.89
N VAL B 335 -1.77 -37.65 14.69
CA VAL B 335 -2.01 -36.23 14.48
C VAL B 335 -3.46 -35.89 14.80
N PHE B 336 -4.38 -36.77 14.39
CA PHE B 336 -5.82 -36.52 14.54
C PHE B 336 -6.23 -36.43 16.02
N ASP B 337 -5.99 -37.50 16.79
CA ASP B 337 -6.37 -37.45 18.20
C ASP B 337 -5.47 -36.51 19.01
N ALA B 338 -4.25 -36.23 18.52
CA ALA B 338 -3.41 -35.24 19.18
C ALA B 338 -4.01 -33.84 19.09
N VAL B 339 -4.34 -33.39 17.87
CA VAL B 339 -4.90 -32.05 17.72
C VAL B 339 -6.31 -31.99 18.29
N THR B 340 -7.06 -33.09 18.23
CA THR B 340 -8.37 -33.15 18.87
C THR B 340 -8.24 -32.96 20.38
N ASP B 341 -7.26 -33.64 20.98
CA ASP B 341 -7.05 -33.55 22.42
C ASP B 341 -6.61 -32.15 22.84
N VAL B 342 -5.69 -31.53 22.08
CA VAL B 342 -5.24 -30.19 22.48
C VAL B 342 -6.34 -29.15 22.26
N ILE B 343 -7.21 -29.35 21.25
CA ILE B 343 -8.38 -28.47 21.10
C ILE B 343 -9.33 -28.63 22.28
N ILE B 344 -9.53 -29.87 22.74
CA ILE B 344 -10.35 -30.11 23.94
C ILE B 344 -9.75 -29.43 25.17
N LYS B 345 -8.42 -29.47 25.30
CA LYS B 345 -7.74 -28.77 26.40
C LYS B 345 -7.95 -27.26 26.32
N ASN B 346 -7.86 -26.70 25.11
CA ASN B 346 -8.04 -25.27 24.92
C ASN B 346 -9.47 -24.83 25.25
N ASN B 347 -10.46 -25.62 24.82
CA ASN B 347 -11.86 -25.31 25.13
C ASN B 347 -12.13 -25.44 26.63
N LEU B 348 -11.52 -26.44 27.29
CA LEU B 348 -11.68 -26.58 28.73
C LEU B 348 -11.09 -25.40 29.49
N LYS B 349 -9.89 -24.95 29.09
CA LYS B 349 -9.31 -23.77 29.71
C LYS B 349 -10.07 -22.50 29.34
N ASP B 350 -10.75 -22.50 28.19
CA ASP B 350 -11.56 -21.35 27.81
C ASP B 350 -12.85 -21.27 28.62
N CYS B 351 -13.44 -22.42 28.97
CA CYS B 351 -14.67 -22.42 29.75
C CYS B 351 -14.44 -22.06 31.21
N GLY B 352 -13.20 -22.15 31.68
CA GLY B 352 -12.90 -21.79 33.06
C GLY B 352 -13.08 -22.92 34.03
N LEU B 353 -13.44 -24.11 33.57
CA LEU B 353 -13.63 -25.25 34.46
C LEU B 353 -12.30 -25.86 34.88
N PHE B 354 -11.40 -26.10 33.92
CA PHE B 354 -10.08 -26.61 34.24
C PHE B 354 -9.08 -25.46 34.42
N GLN C 6 49.47 -14.37 0.20
CA GLN C 6 48.27 -14.59 0.99
C GLN C 6 48.27 -13.74 2.26
N SER C 7 49.47 -13.38 2.72
CA SER C 7 49.64 -12.44 3.81
C SER C 7 49.44 -10.99 3.38
N GLU C 8 49.31 -10.74 2.08
CA GLU C 8 49.13 -9.38 1.57
C GLU C 8 47.79 -8.77 2.00
N LEU C 9 46.76 -9.61 2.20
CA LEU C 9 45.49 -9.14 2.74
C LEU C 9 45.65 -8.50 4.12
N ASP C 10 46.53 -9.07 4.95
CA ASP C 10 46.84 -8.48 6.25
C ASP C 10 47.60 -7.17 6.09
N GLN C 11 48.47 -7.07 5.09
CA GLN C 11 49.20 -5.84 4.81
C GLN C 11 48.26 -4.71 4.43
N LEU C 12 47.33 -5.00 3.52
CA LEU C 12 46.33 -4.01 3.14
C LEU C 12 45.30 -3.81 4.25
N ARG C 13 45.21 -4.74 5.20
CA ARG C 13 44.45 -4.47 6.42
C ARG C 13 45.17 -3.44 7.30
N GLN C 14 46.51 -3.48 7.35
CA GLN C 14 47.22 -2.43 8.08
C GLN C 14 47.08 -1.07 7.39
N GLU C 15 47.15 -1.05 6.05
CA GLU C 15 46.93 0.22 5.33
C GLU C 15 45.49 0.71 5.50
N ALA C 16 44.54 -0.23 5.51
CA ALA C 16 43.14 0.09 5.79
C ALA C 16 42.98 0.70 7.17
N GLU C 17 43.66 0.14 8.19
CA GLU C 17 43.66 0.71 9.53
C GLU C 17 44.31 2.08 9.56
N GLN C 18 45.32 2.32 8.71
CA GLN C 18 45.89 3.65 8.60
C GLN C 18 44.87 4.62 8.03
N LEU C 19 44.07 4.18 7.06
CA LEU C 19 42.97 5.02 6.57
C LEU C 19 41.91 5.22 7.66
N LYS C 20 41.74 4.23 8.54
CA LYS C 20 40.81 4.38 9.66
C LYS C 20 41.28 5.41 10.67
N ASN C 21 42.60 5.47 10.96
CA ASN C 21 43.04 6.51 11.89
C ASN C 21 43.04 7.88 11.20
N GLN C 22 43.20 7.91 9.88
CA GLN C 22 42.90 9.12 9.12
C GLN C 22 41.44 9.53 9.29
N ILE C 23 40.53 8.55 9.36
CA ILE C 23 39.11 8.84 9.55
C ILE C 23 38.86 9.40 10.95
N ARG C 24 39.46 8.80 11.98
CA ARG C 24 39.24 9.32 13.33
C ARG C 24 39.89 10.68 13.53
N ASP C 25 41.01 10.95 12.86
CA ASP C 25 41.62 12.29 12.95
C ASP C 25 40.77 13.33 12.24
N ALA C 26 40.22 12.99 11.06
CA ALA C 26 39.36 13.92 10.34
C ALA C 26 38.06 14.17 11.08
N ARG C 27 37.48 13.12 11.66
CA ARG C 27 36.24 13.25 12.43
C ARG C 27 36.49 13.95 13.76
N LYS C 28 37.72 13.91 14.28
CA LYS C 28 38.07 14.75 15.41
C LYS C 28 38.14 16.22 14.99
N ALA C 29 38.75 16.48 13.83
CA ALA C 29 38.83 17.83 13.28
C ALA C 29 37.45 18.41 12.99
N CYS C 30 36.48 17.58 12.62
CA CYS C 30 35.10 18.01 12.54
C CYS C 30 34.36 17.86 13.86
N ALA C 31 35.00 17.28 14.87
CA ALA C 31 34.44 17.16 16.21
C ALA C 31 34.96 18.22 17.15
N ASP C 32 35.70 19.21 16.64
CA ASP C 32 36.15 20.33 17.46
C ASP C 32 34.99 21.15 18.04
N ALA C 33 33.91 21.32 17.28
CA ALA C 33 32.84 22.24 17.66
C ALA C 33 31.80 21.57 18.56
N THR C 34 31.16 22.39 19.39
CA THR C 34 30.11 21.95 20.31
C THR C 34 28.73 22.21 19.70
N LEU C 35 27.96 21.13 19.52
CA LEU C 35 26.60 21.27 19.02
C LEU C 35 25.66 21.88 20.04
N SER C 36 25.93 21.64 21.34
CA SER C 36 25.06 22.08 22.43
C SER C 36 24.84 23.59 22.44
N GLN C 37 25.85 24.35 22.03
CA GLN C 37 25.70 25.80 21.87
C GLN C 37 24.65 26.14 20.82
N ILE C 38 24.76 25.49 19.66
CA ILE C 38 23.83 25.72 18.54
C ILE C 38 22.41 25.34 18.92
N THR C 39 22.25 24.18 19.57
CA THR C 39 20.93 23.79 20.05
C THR C 39 20.47 24.68 21.20
N ASN C 40 21.40 25.26 21.95
CA ASN C 40 21.07 26.16 23.05
C ASN C 40 20.56 27.50 22.55
N ASN C 41 20.92 27.90 21.33
CA ASN C 41 20.58 29.24 20.85
C ASN C 41 19.15 29.37 20.33
N ILE C 42 18.30 28.34 20.48
CA ILE C 42 16.91 28.41 20.01
C ILE C 42 15.96 28.35 21.20
N ASP C 43 14.75 28.90 20.99
CA ASP C 43 13.65 28.86 21.93
C ASP C 43 12.95 27.50 21.92
N PRO C 44 12.41 27.05 23.05
CA PRO C 44 11.67 25.79 23.06
C PRO C 44 10.29 25.94 22.41
N VAL C 45 9.70 24.79 22.07
CA VAL C 45 8.40 24.76 21.40
C VAL C 45 7.26 24.70 22.39
N GLY C 46 7.31 23.79 23.35
CA GLY C 46 6.25 23.64 24.32
C GLY C 46 5.48 22.34 24.13
N ARG C 47 4.51 22.14 25.01
CA ARG C 47 3.77 20.87 25.06
C ARG C 47 2.77 20.78 23.91
N ILE C 48 2.71 19.61 23.29
CA ILE C 48 1.84 19.33 22.15
C ILE C 48 0.85 18.25 22.55
N GLN C 49 -0.44 18.51 22.33
CA GLN C 49 -1.49 17.55 22.59
C GLN C 49 -2.23 17.25 21.29
N MET C 50 -2.26 15.99 20.90
CA MET C 50 -2.94 15.54 19.70
C MET C 50 -4.09 14.60 20.07
N ARG C 51 -5.15 14.61 19.26
CA ARG C 51 -6.33 13.81 19.53
C ARG C 51 -6.65 12.92 18.33
N THR C 52 -7.16 11.73 18.62
CA THR C 52 -7.57 10.78 17.59
C THR C 52 -8.93 11.18 17.04
N ARG C 53 -8.95 11.66 15.80
CA ARG C 53 -10.21 12.11 15.20
C ARG C 53 -10.92 11.01 14.42
N ARG C 54 -10.19 10.10 13.79
CA ARG C 54 -10.79 9.00 13.06
C ARG C 54 -10.13 7.68 13.47
N THR C 55 -10.94 6.62 13.45
CA THR C 55 -10.46 5.25 13.65
C THR C 55 -10.99 4.38 12.53
N LEU C 56 -10.30 3.26 12.29
CA LEU C 56 -10.60 2.40 11.16
C LEU C 56 -10.77 0.97 11.65
N ARG C 57 -11.57 0.20 10.92
CA ARG C 57 -11.99 -1.14 11.34
C ARG C 57 -11.87 -2.10 10.16
N GLY C 58 -12.29 -3.34 10.37
CA GLY C 58 -12.47 -4.30 9.29
C GLY C 58 -11.44 -5.41 9.24
N HIS C 59 -10.30 -5.26 9.90
CA HIS C 59 -9.27 -6.27 9.86
C HIS C 59 -9.45 -7.28 10.99
N LEU C 60 -9.26 -8.55 10.66
CA LEU C 60 -9.35 -9.64 11.62
C LEU C 60 -7.97 -10.15 12.02
N ALA C 61 -6.91 -9.41 11.69
CA ALA C 61 -5.56 -9.87 11.93
C ALA C 61 -4.66 -8.64 12.10
N LYS C 62 -3.35 -8.89 12.16
CA LYS C 62 -2.38 -7.86 12.46
C LYS C 62 -2.21 -6.89 11.29
N ILE C 63 -1.57 -5.76 11.56
CA ILE C 63 -1.25 -4.76 10.54
C ILE C 63 0.27 -4.68 10.44
N TYR C 64 0.81 -5.11 9.31
CA TYR C 64 2.25 -5.12 9.09
C TYR C 64 2.76 -4.09 8.11
N ALA C 65 1.88 -3.38 7.41
CA ALA C 65 2.34 -2.41 6.42
C ALA C 65 1.35 -1.25 6.31
N MET C 66 1.88 -0.12 5.86
CA MET C 66 1.11 1.11 5.67
C MET C 66 1.93 2.02 4.77
N HIS C 67 1.26 2.68 3.81
CA HIS C 67 1.96 3.60 2.93
C HIS C 67 0.99 4.64 2.40
N TRP C 68 1.51 5.85 2.22
CA TRP C 68 0.74 7.01 1.80
C TRP C 68 0.79 7.22 0.30
N GLY C 69 -0.23 7.90 -0.22
CA GLY C 69 -0.22 8.43 -1.55
C GLY C 69 0.16 9.89 -1.57
N THR C 70 0.55 10.39 -2.75
CA THR C 70 0.97 11.77 -2.88
C THR C 70 -0.19 12.75 -2.95
N ASP C 71 -1.41 12.27 -3.14
CA ASP C 71 -2.59 13.12 -3.21
C ASP C 71 -3.21 13.38 -1.84
N SER C 72 -2.70 12.70 -0.81
CA SER C 72 -3.14 12.84 0.60
C SER C 72 -4.63 12.56 0.78
N ARG C 73 -5.15 11.61 0.02
CA ARG C 73 -6.51 11.09 0.24
C ARG C 73 -6.51 9.61 0.58
N LEU C 74 -5.84 8.79 -0.23
CA LEU C 74 -5.97 7.34 -0.16
C LEU C 74 -4.84 6.74 0.67
N LEU C 75 -5.20 5.84 1.58
CA LEU C 75 -4.26 5.11 2.42
C LEU C 75 -4.40 3.62 2.16
N VAL C 76 -3.27 2.91 2.11
CA VAL C 76 -3.27 1.46 1.86
C VAL C 76 -2.69 0.76 3.08
N SER C 77 -3.34 -0.32 3.51
CA SER C 77 -2.95 -1.06 4.71
C SER C 77 -3.01 -2.54 4.43
N ALA C 78 -1.97 -3.27 4.84
CA ALA C 78 -1.80 -4.67 4.49
C ALA C 78 -1.84 -5.53 5.74
N SER C 79 -2.72 -6.52 5.76
CA SER C 79 -2.83 -7.48 6.84
C SER C 79 -2.27 -8.82 6.42
N GLN C 80 -2.01 -9.68 7.40
CA GLN C 80 -1.52 -11.03 7.14
C GLN C 80 -2.61 -12.08 7.08
N ASP C 81 -3.88 -11.69 7.07
CA ASP C 81 -4.92 -12.68 6.77
C ASP C 81 -5.07 -12.91 5.26
N GLY C 82 -4.37 -12.14 4.44
CA GLY C 82 -4.36 -12.35 3.01
C GLY C 82 -5.19 -11.37 2.20
N LYS C 83 -5.42 -10.15 2.69
CA LYS C 83 -6.20 -9.17 1.95
C LYS C 83 -5.58 -7.79 2.02
N LEU C 84 -5.70 -7.06 0.92
CA LEU C 84 -5.39 -5.63 0.84
C LEU C 84 -6.69 -4.86 0.69
N ILE C 85 -6.84 -3.79 1.45
CA ILE C 85 -7.97 -2.87 1.30
C ILE C 85 -7.44 -1.45 1.20
N ILE C 86 -8.04 -0.69 0.28
CA ILE C 86 -7.64 0.70 0.03
C ILE C 86 -8.62 1.62 0.73
N TRP C 87 -8.11 2.58 1.49
CA TRP C 87 -8.91 3.44 2.34
C TRP C 87 -9.13 4.80 1.72
N ASP C 88 -10.24 5.43 2.10
CA ASP C 88 -10.45 6.87 1.97
C ASP C 88 -10.40 7.47 3.37
N SER C 89 -9.48 8.40 3.59
CA SER C 89 -9.30 8.96 4.93
C SER C 89 -10.27 10.09 5.25
N TYR C 90 -10.78 10.80 4.23
CA TYR C 90 -11.65 11.94 4.49
C TYR C 90 -13.06 11.50 4.90
N THR C 91 -13.59 10.45 4.29
CA THR C 91 -14.97 10.05 4.50
C THR C 91 -15.13 8.67 5.12
N THR C 92 -14.03 7.95 5.36
CA THR C 92 -13.99 6.60 5.95
C THR C 92 -14.78 5.63 5.06
N ASN C 93 -14.37 5.56 3.80
CA ASN C 93 -14.97 4.66 2.82
C ASN C 93 -13.90 3.74 2.22
N LYS C 94 -14.32 2.52 1.90
CA LYS C 94 -13.44 1.61 1.19
C LYS C 94 -13.38 2.00 -0.29
N VAL C 95 -12.32 1.54 -0.95
CA VAL C 95 -12.17 1.81 -2.39
C VAL C 95 -12.10 0.49 -3.14
N HIS C 96 -11.10 -0.34 -2.82
CA HIS C 96 -10.97 -1.66 -3.41
C HIS C 96 -10.57 -2.66 -2.33
N ALA C 97 -10.93 -3.92 -2.56
CA ALA C 97 -10.49 -5.03 -1.72
C ALA C 97 -9.82 -6.05 -2.63
N ILE C 98 -8.63 -6.49 -2.25
CA ILE C 98 -7.77 -7.30 -3.11
C ILE C 98 -7.35 -8.55 -2.38
N PRO C 99 -7.71 -9.74 -2.84
CA PRO C 99 -7.11 -10.97 -2.31
C PRO C 99 -5.85 -11.35 -3.08
N LEU C 100 -4.92 -11.98 -2.37
CA LEU C 100 -3.67 -12.43 -2.98
C LEU C 100 -3.43 -13.90 -2.67
N ARG C 101 -2.42 -14.45 -3.35
CA ARG C 101 -2.19 -15.90 -3.37
C ARG C 101 -1.80 -16.44 -2.00
N SER C 102 -0.94 -15.74 -1.28
CA SER C 102 -0.46 -16.22 0.00
C SER C 102 -0.58 -15.13 1.04
N SER C 103 -0.84 -15.54 2.28
CA SER C 103 -1.13 -14.62 3.39
C SER C 103 0.12 -13.96 3.96
N TRP C 104 1.30 -14.25 3.42
CA TRP C 104 2.55 -13.75 3.97
C TRP C 104 2.86 -12.40 3.33
N VAL C 105 2.67 -11.33 4.09
CA VAL C 105 2.85 -9.96 3.61
C VAL C 105 3.70 -9.22 4.62
N MET C 106 4.89 -8.77 4.21
CA MET C 106 5.78 -8.03 5.09
C MET C 106 5.97 -6.58 4.67
N THR C 107 5.46 -6.18 3.52
CA THR C 107 5.64 -4.81 3.05
C THR C 107 4.50 -4.44 2.12
N CYS C 108 4.37 -3.14 1.88
CA CYS C 108 3.45 -2.63 0.88
C CYS C 108 4.02 -1.32 0.34
N ALA C 109 3.41 -0.84 -0.74
CA ALA C 109 3.83 0.41 -1.37
C ALA C 109 2.66 0.96 -2.17
N TYR C 110 2.81 2.21 -2.60
CA TYR C 110 1.79 2.87 -3.40
C TYR C 110 2.49 3.76 -4.41
N ALA C 111 1.84 3.97 -5.55
CA ALA C 111 2.49 4.70 -6.64
C ALA C 111 2.51 6.20 -6.36
N PRO C 112 3.58 6.90 -6.74
CA PRO C 112 3.53 8.37 -6.73
C PRO C 112 2.50 8.90 -7.73
N SER C 113 2.36 8.25 -8.89
CA SER C 113 1.34 8.64 -9.83
C SER C 113 -0.06 8.21 -9.37
N GLY C 114 -0.16 7.20 -8.51
CA GLY C 114 -1.42 6.73 -8.03
C GLY C 114 -2.03 5.58 -8.82
N ASN C 115 -1.32 5.06 -9.81
CA ASN C 115 -1.87 4.04 -10.70
C ASN C 115 -1.60 2.62 -10.22
N TYR C 116 -0.54 2.40 -9.45
CA TYR C 116 -0.07 1.05 -9.13
C TYR C 116 0.03 0.84 -7.63
N VAL C 117 -0.09 -0.42 -7.24
CA VAL C 117 0.13 -0.85 -5.85
C VAL C 117 0.87 -2.19 -5.88
N ALA C 118 1.89 -2.32 -5.03
CA ALA C 118 2.75 -3.49 -5.06
C ALA C 118 3.02 -3.98 -3.66
N CYS C 119 2.89 -5.30 -3.47
CA CYS C 119 3.09 -5.95 -2.17
C CYS C 119 4.03 -7.14 -2.36
N GLY C 120 4.39 -7.77 -1.25
CA GLY C 120 5.28 -8.91 -1.29
C GLY C 120 5.51 -9.43 0.12
N GLY C 121 6.16 -10.60 0.18
CA GLY C 121 6.36 -11.27 1.45
C GLY C 121 7.31 -12.44 1.40
N LEU C 122 7.05 -13.47 2.23
CA LEU C 122 8.00 -14.57 2.39
C LEU C 122 8.07 -15.48 1.17
N ASP C 123 7.10 -15.40 0.26
CA ASP C 123 7.02 -16.31 -0.87
C ASP C 123 7.93 -15.90 -2.04
N ASN C 124 8.90 -15.01 -1.83
CA ASN C 124 9.95 -14.62 -2.76
C ASN C 124 9.45 -13.92 -4.02
N ILE C 125 8.16 -13.58 -4.10
CA ILE C 125 7.56 -13.10 -5.33
C ILE C 125 6.85 -11.78 -5.04
N CYS C 126 7.30 -10.72 -5.69
CA CYS C 126 6.67 -9.40 -5.58
C CYS C 126 5.70 -9.21 -6.74
N SER C 127 4.48 -8.78 -6.42
CA SER C 127 3.42 -8.63 -7.40
C SER C 127 2.99 -7.18 -7.47
N ILE C 128 2.87 -6.66 -8.68
CA ILE C 128 2.43 -5.28 -8.93
C ILE C 128 1.06 -5.32 -9.58
N TYR C 129 0.15 -4.47 -9.08
CA TYR C 129 -1.27 -4.53 -9.43
C TYR C 129 -1.69 -3.24 -10.11
N ASN C 130 -2.45 -3.36 -11.19
CA ASN C 130 -3.03 -2.21 -11.88
C ASN C 130 -4.42 -1.87 -11.34
N LEU C 131 -4.63 -0.60 -11.00
CA LEU C 131 -5.88 -0.17 -10.41
C LEU C 131 -6.84 0.50 -11.39
N LYS C 132 -6.35 1.06 -12.49
CA LYS C 132 -7.18 1.79 -13.43
C LYS C 132 -7.62 0.94 -14.63
N THR C 133 -7.62 -0.38 -14.48
CA THR C 133 -8.09 -1.25 -15.55
C THR C 133 -9.59 -1.08 -15.78
N ARG C 134 -9.99 -1.19 -17.05
CA ARG C 134 -11.34 -0.85 -17.50
C ARG C 134 -12.38 -1.90 -17.11
N GLU C 135 -11.97 -3.11 -16.73
CA GLU C 135 -12.95 -4.16 -16.47
C GLU C 135 -13.62 -4.03 -15.11
N GLY C 136 -13.08 -3.22 -14.20
CA GLY C 136 -13.70 -3.02 -12.91
C GLY C 136 -13.23 -3.95 -11.82
N ASN C 137 -12.00 -4.45 -11.89
CA ASN C 137 -11.47 -5.35 -10.87
C ASN C 137 -10.01 -4.95 -10.61
N VAL C 138 -9.27 -5.85 -9.98
CA VAL C 138 -7.83 -5.70 -9.76
C VAL C 138 -7.14 -6.96 -10.26
N ARG C 139 -6.17 -6.79 -11.15
CA ARG C 139 -5.55 -7.91 -11.85
C ARG C 139 -4.06 -7.99 -11.52
N VAL C 140 -3.55 -9.21 -11.52
CA VAL C 140 -2.11 -9.42 -11.37
C VAL C 140 -1.45 -9.13 -12.72
N SER C 141 -0.60 -8.11 -12.76
CA SER C 141 0.07 -7.79 -14.02
C SER C 141 1.33 -8.63 -14.19
N ARG C 142 2.20 -8.63 -13.19
CA ARG C 142 3.48 -9.31 -13.27
C ARG C 142 3.77 -9.98 -11.95
N GLU C 143 4.63 -11.00 -11.99
CA GLU C 143 5.20 -11.61 -10.79
C GLU C 143 6.71 -11.61 -10.93
N LEU C 144 7.37 -10.80 -10.10
CA LEU C 144 8.81 -10.65 -10.16
C LEU C 144 9.47 -11.60 -9.16
N ALA C 145 10.46 -12.35 -9.62
CA ALA C 145 11.15 -13.32 -8.78
C ALA C 145 12.63 -13.32 -9.12
N GLY C 146 13.41 -14.04 -8.33
CA GLY C 146 14.84 -14.14 -8.55
C GLY C 146 15.66 -14.03 -7.28
N HIS C 147 15.03 -13.64 -6.19
CA HIS C 147 15.70 -13.64 -4.89
C HIS C 147 15.62 -15.02 -4.26
N THR C 148 16.47 -15.24 -3.25
CA THR C 148 16.45 -16.48 -2.50
C THR C 148 15.86 -16.34 -1.10
N GLY C 149 15.85 -15.14 -0.53
CA GLY C 149 15.30 -14.91 0.78
C GLY C 149 13.98 -14.14 0.73
N TYR C 150 13.59 -13.65 1.90
CA TYR C 150 12.40 -12.81 1.96
C TYR C 150 12.76 -11.38 1.62
N LEU C 151 11.74 -10.59 1.28
CA LEU C 151 11.94 -9.17 0.99
C LEU C 151 11.26 -8.36 2.08
N SER C 152 12.03 -7.49 2.73
CA SER C 152 11.57 -6.77 3.91
C SER C 152 10.84 -5.48 3.54
N CYS C 153 11.38 -4.70 2.62
CA CYS C 153 10.73 -3.46 2.21
C CYS C 153 11.08 -3.14 0.76
N CYS C 154 10.11 -2.62 0.03
CA CYS C 154 10.30 -2.26 -1.37
C CYS C 154 9.40 -1.10 -1.72
N ARG C 155 9.95 -0.12 -2.43
CA ARG C 155 9.23 1.12 -2.69
C ARG C 155 9.57 1.67 -4.06
N PHE C 156 8.60 2.35 -4.66
CA PHE C 156 8.75 2.90 -6.00
C PHE C 156 9.64 4.14 -5.96
N LEU C 157 10.62 4.21 -6.85
CA LEU C 157 11.20 5.52 -7.15
C LEU C 157 10.50 6.18 -8.32
N ASP C 158 10.25 5.42 -9.39
CA ASP C 158 9.57 5.93 -10.56
C ASP C 158 8.66 4.82 -11.10
N ASP C 159 7.83 5.16 -12.07
CA ASP C 159 6.84 4.21 -12.55
C ASP C 159 7.44 3.14 -13.48
N ASN C 160 8.66 3.36 -13.98
CA ASN C 160 9.29 2.39 -14.87
C ASN C 160 10.27 1.48 -14.18
N GLN C 161 10.78 1.84 -13.00
CA GLN C 161 11.81 1.06 -12.36
C GLN C 161 11.69 1.16 -10.85
N ILE C 162 11.80 0.00 -10.19
CA ILE C 162 11.50 -0.14 -8.77
C ILE C 162 12.70 -0.78 -8.08
N VAL C 163 12.81 -0.54 -6.77
CA VAL C 163 13.92 -1.03 -5.96
C VAL C 163 13.37 -1.94 -4.88
N THR C 164 13.97 -3.12 -4.73
CA THR C 164 13.65 -4.03 -3.63
C THR C 164 14.89 -4.29 -2.80
N SER C 165 14.64 -4.70 -1.56
CA SER C 165 15.66 -5.19 -0.66
C SER C 165 15.26 -6.59 -0.23
N SER C 166 16.23 -7.47 -0.02
CA SER C 166 15.92 -8.88 0.12
C SER C 166 16.77 -9.51 1.19
N GLY C 167 16.48 -10.78 1.47
CA GLY C 167 17.12 -11.54 2.51
C GLY C 167 18.37 -12.28 2.10
N ASP C 168 18.83 -12.13 0.86
CA ASP C 168 20.11 -12.67 0.44
C ASP C 168 21.23 -11.63 0.59
N THR C 169 21.03 -10.65 1.47
CA THR C 169 21.95 -9.56 1.85
C THR C 169 22.24 -8.60 0.69
N THR C 170 21.51 -8.69 -0.42
CA THR C 170 21.73 -7.85 -1.58
C THR C 170 20.57 -6.87 -1.76
N CYS C 171 20.78 -5.90 -2.65
CA CYS C 171 19.72 -5.06 -3.16
C CYS C 171 19.71 -5.15 -4.69
N ALA C 172 18.59 -4.79 -5.29
CA ALA C 172 18.42 -5.00 -6.72
C ALA C 172 17.52 -3.94 -7.31
N LEU C 173 17.83 -3.53 -8.53
CA LEU C 173 16.99 -2.63 -9.31
C LEU C 173 16.22 -3.45 -10.33
N TRP C 174 14.90 -3.26 -10.38
CA TRP C 174 14.04 -4.02 -11.27
C TRP C 174 13.41 -3.12 -12.33
N ASP C 175 13.15 -3.71 -13.48
CA ASP C 175 12.40 -3.08 -14.55
C ASP C 175 11.11 -3.87 -14.75
N ILE C 176 9.98 -3.18 -14.78
CA ILE C 176 8.68 -3.84 -14.84
C ILE C 176 8.48 -4.50 -16.20
N GLU C 177 8.73 -3.76 -17.29
CA GLU C 177 8.30 -4.17 -18.63
C GLU C 177 9.06 -5.40 -19.12
N THR C 178 10.35 -5.50 -18.80
CA THR C 178 11.09 -6.70 -19.15
C THR C 178 11.03 -7.77 -18.07
N GLY C 179 10.65 -7.39 -16.85
CA GLY C 179 10.59 -8.33 -15.74
C GLY C 179 11.93 -8.91 -15.34
N GLN C 180 13.02 -8.19 -15.59
CA GLN C 180 14.36 -8.69 -15.35
C GLN C 180 15.16 -7.61 -14.65
N GLN C 181 16.03 -8.01 -13.72
CA GLN C 181 16.80 -7.04 -12.95
C GLN C 181 17.91 -6.45 -13.81
N THR C 182 18.17 -5.16 -13.60
CA THR C 182 19.22 -4.45 -14.33
C THR C 182 20.51 -4.35 -13.51
N THR C 183 20.43 -3.77 -12.32
CA THR C 183 21.59 -3.52 -11.48
C THR C 183 21.39 -4.19 -10.13
N THR C 184 22.43 -4.82 -9.61
CA THR C 184 22.42 -5.43 -8.30
C THR C 184 23.51 -4.83 -7.44
N PHE C 185 23.29 -4.81 -6.13
CA PHE C 185 24.20 -4.17 -5.20
C PHE C 185 24.62 -5.17 -4.13
N THR C 186 25.93 -5.35 -3.97
CA THR C 186 26.49 -6.33 -3.06
C THR C 186 27.51 -5.63 -2.17
N GLY C 187 27.88 -6.29 -1.07
CA GLY C 187 28.86 -5.74 -0.17
C GLY C 187 28.48 -5.82 1.30
N HIS C 188 27.22 -6.16 1.58
CA HIS C 188 26.82 -6.43 2.96
C HIS C 188 27.22 -7.84 3.37
N THR C 189 27.47 -8.00 4.67
CA THR C 189 27.60 -9.33 5.26
C THR C 189 26.36 -9.75 6.04
N GLY C 190 25.51 -8.80 6.44
CA GLY C 190 24.30 -9.09 7.18
C GLY C 190 23.05 -8.83 6.36
N ASP C 191 21.93 -9.28 6.93
CA ASP C 191 20.63 -9.13 6.27
C ASP C 191 20.21 -7.67 6.20
N VAL C 192 19.59 -7.30 5.08
CA VAL C 192 19.08 -5.95 4.86
C VAL C 192 17.70 -5.85 5.48
N MET C 193 17.53 -4.90 6.41
CA MET C 193 16.33 -4.82 7.21
C MET C 193 15.33 -3.76 6.76
N SER C 194 15.79 -2.71 6.07
CA SER C 194 14.91 -1.61 5.71
C SER C 194 15.50 -0.87 4.52
N LEU C 195 14.75 0.12 4.04
CA LEU C 195 15.15 0.88 2.87
C LEU C 195 14.48 2.24 2.92
N SER C 196 15.19 3.28 2.46
CA SER C 196 14.58 4.58 2.25
C SER C 196 15.37 5.32 1.17
N LEU C 197 14.65 6.09 0.36
CA LEU C 197 15.24 6.83 -0.75
C LEU C 197 14.97 8.32 -0.59
N ALA C 198 15.90 9.12 -1.13
CA ALA C 198 15.83 10.57 -1.04
C ALA C 198 14.68 11.11 -1.88
N PRO C 199 14.15 12.30 -1.53
CA PRO C 199 13.15 12.94 -2.40
C PRO C 199 13.68 13.32 -3.77
N ASP C 200 14.99 13.51 -3.93
CA ASP C 200 15.59 13.76 -5.22
C ASP C 200 15.69 12.49 -6.07
N THR C 201 15.43 11.32 -5.48
CA THR C 201 15.37 9.97 -6.05
C THR C 201 16.71 9.47 -6.56
N ARG C 202 17.80 10.20 -6.35
CA ARG C 202 19.10 9.80 -6.85
C ARG C 202 19.85 8.87 -5.90
N LEU C 203 19.57 8.96 -4.59
CA LEU C 203 20.32 8.22 -3.59
C LEU C 203 19.36 7.54 -2.63
N PHE C 204 19.59 6.25 -2.39
CA PHE C 204 18.87 5.49 -1.39
C PHE C 204 19.88 4.81 -0.47
N VAL C 205 19.57 4.78 0.81
CA VAL C 205 20.45 4.19 1.81
C VAL C 205 19.85 2.86 2.26
N SER C 206 20.73 1.94 2.62
CA SER C 206 20.34 0.58 2.98
C SER C 206 20.85 0.27 4.38
N GLY C 207 19.93 -0.01 5.29
CA GLY C 207 20.32 -0.46 6.61
C GLY C 207 20.50 -1.96 6.66
N ALA C 208 21.20 -2.43 7.68
CA ALA C 208 21.49 -3.85 7.80
C ALA C 208 21.53 -4.23 9.28
N CYS C 209 21.76 -5.51 9.53
CA CYS C 209 21.87 -6.03 10.89
C CYS C 209 23.31 -6.08 11.36
N ASP C 210 24.26 -5.64 10.55
CA ASP C 210 25.67 -5.53 10.94
C ASP C 210 25.98 -4.23 11.68
N ALA C 211 24.93 -3.53 12.15
CA ALA C 211 25.04 -2.24 12.84
C ALA C 211 25.75 -1.20 11.97
N SER C 212 25.46 -1.22 10.67
CA SER C 212 26.09 -0.34 9.70
C SER C 212 25.03 0.19 8.76
N ALA C 213 25.42 1.20 7.96
CA ALA C 213 24.55 1.74 6.94
C ALA C 213 25.40 2.17 5.76
N LYS C 214 24.90 1.90 4.56
CA LYS C 214 25.62 2.20 3.32
C LYS C 214 24.81 3.20 2.51
N LEU C 215 25.50 4.11 1.84
CA LEU C 215 24.86 5.07 0.95
C LEU C 215 25.07 4.59 -0.48
N TRP C 216 23.99 4.22 -1.15
CA TRP C 216 24.03 3.63 -2.48
C TRP C 216 23.57 4.65 -3.51
N ASP C 217 24.19 4.60 -4.69
CA ASP C 217 23.78 5.43 -5.82
C ASP C 217 23.13 4.57 -6.90
N VAL C 218 22.22 5.20 -7.66
CA VAL C 218 21.42 4.46 -8.63
C VAL C 218 22.17 4.28 -9.94
N ARG C 219 22.69 5.37 -10.50
CA ARG C 219 23.25 5.29 -11.85
C ARG C 219 24.66 4.70 -11.87
N GLU C 220 25.47 4.96 -10.84
CA GLU C 220 26.87 4.55 -10.89
C GLU C 220 27.14 3.24 -10.16
N GLY C 221 26.27 2.82 -9.25
CA GLY C 221 26.39 1.50 -8.66
C GLY C 221 27.52 1.33 -7.67
N MET C 222 28.00 2.41 -7.05
CA MET C 222 29.12 2.34 -6.13
C MET C 222 28.73 2.92 -4.77
N CYS C 223 28.98 2.16 -3.71
CA CYS C 223 28.78 2.68 -2.37
C CYS C 223 29.86 3.70 -2.06
N ARG C 224 29.44 4.91 -1.70
CA ARG C 224 30.37 6.02 -1.56
C ARG C 224 30.83 6.26 -0.13
N GLN C 225 29.92 6.16 0.85
CA GLN C 225 30.26 6.42 2.24
C GLN C 225 29.63 5.35 3.11
N THR C 226 30.39 4.88 4.09
CA THR C 226 29.92 3.94 5.08
C THR C 226 29.72 4.67 6.40
N PHE C 227 28.60 4.37 7.07
CA PHE C 227 28.34 4.89 8.40
C PHE C 227 28.26 3.72 9.35
N THR C 228 29.09 3.74 10.38
CA THR C 228 29.18 2.66 11.35
C THR C 228 29.16 3.32 12.72
N GLY C 229 29.22 2.51 13.78
CA GLY C 229 29.21 3.02 15.13
C GLY C 229 27.97 2.67 15.92
N HIS C 230 27.15 1.76 15.42
CA HIS C 230 26.00 1.27 16.17
C HIS C 230 26.36 -0.01 16.90
N GLU C 231 25.62 -0.26 17.96
CA GLU C 231 25.78 -1.41 18.83
C GLU C 231 24.73 -2.49 18.62
N SER C 232 23.76 -2.27 17.74
CA SER C 232 22.63 -3.20 17.60
C SER C 232 22.07 -3.07 16.19
N ASP C 233 21.00 -3.83 15.95
CA ASP C 233 20.35 -3.87 14.64
C ASP C 233 19.66 -2.56 14.32
N ILE C 234 19.40 -2.34 13.04
CA ILE C 234 18.74 -1.13 12.54
C ILE C 234 17.39 -1.52 11.95
N ASN C 235 16.32 -0.83 12.37
CA ASN C 235 14.97 -1.16 11.96
C ASN C 235 14.36 -0.15 11.00
N ALA C 236 14.45 1.15 11.29
CA ALA C 236 13.78 2.14 10.45
C ALA C 236 14.76 3.23 10.02
N ILE C 237 14.46 3.84 8.87
CA ILE C 237 15.25 4.89 8.25
C ILE C 237 14.27 5.99 7.83
N CYS C 238 14.70 7.25 7.92
CA CYS C 238 13.93 8.35 7.38
C CYS C 238 14.85 9.47 6.91
N PHE C 239 14.51 10.09 5.79
CA PHE C 239 15.28 11.18 5.21
C PHE C 239 14.73 12.55 5.57
N PHE C 240 15.64 13.50 5.74
CA PHE C 240 15.30 14.90 5.88
C PHE C 240 14.80 15.44 4.54
N PRO C 241 13.81 16.34 4.54
CA PRO C 241 13.18 16.78 3.27
C PRO C 241 14.11 17.40 2.23
N ASN C 242 15.23 18.01 2.62
CA ASN C 242 16.16 18.49 1.60
C ASN C 242 17.17 17.44 1.17
N GLY C 243 17.24 16.31 1.87
CA GLY C 243 18.17 15.25 1.53
C GLY C 243 19.54 15.37 2.16
N ASN C 244 19.79 16.36 3.00
CA ASN C 244 21.12 16.59 3.56
C ASN C 244 21.33 15.98 4.94
N ALA C 245 20.33 15.30 5.51
CA ALA C 245 20.49 14.70 6.82
C ALA C 245 19.86 13.31 6.83
N PHE C 246 20.51 12.39 7.54
CA PHE C 246 20.18 10.97 7.52
C PHE C 246 20.02 10.47 8.95
N ALA C 247 18.84 9.94 9.27
CA ALA C 247 18.49 9.53 10.61
C ALA C 247 18.29 8.02 10.68
N THR C 248 18.67 7.42 11.80
CA THR C 248 18.74 5.98 11.96
C THR C 248 18.06 5.56 13.24
N GLY C 249 17.26 4.48 13.17
CA GLY C 249 16.74 3.83 14.35
C GLY C 249 17.53 2.58 14.70
N SER C 250 17.38 2.12 15.94
CA SER C 250 18.19 1.01 16.42
C SER C 250 17.36 0.15 17.38
N ASP C 251 17.97 -0.95 17.85
CA ASP C 251 17.24 -1.91 18.68
C ASP C 251 17.26 -1.53 20.16
N ASP C 252 18.29 -0.84 20.63
CA ASP C 252 18.49 -0.62 22.05
C ASP C 252 17.79 0.64 22.57
N ALA C 253 16.68 1.04 21.95
CA ALA C 253 15.87 2.23 22.30
C ALA C 253 16.63 3.53 22.05
N THR C 254 17.63 3.51 21.18
CA THR C 254 18.38 4.70 20.82
C THR C 254 18.18 5.01 19.34
N CYS C 255 18.35 6.29 19.01
CA CYS C 255 18.29 6.76 17.63
C CYS C 255 19.42 7.75 17.40
N ARG C 256 20.03 7.68 16.23
CA ARG C 256 21.14 8.57 15.89
C ARG C 256 20.87 9.27 14.57
N LEU C 257 21.51 10.42 14.40
CA LEU C 257 21.46 11.18 13.15
C LEU C 257 22.86 11.27 12.58
N PHE C 258 22.98 11.04 11.27
CA PHE C 258 24.24 11.12 10.56
C PHE C 258 24.14 12.18 9.47
N ASP C 259 25.31 12.69 9.05
CA ASP C 259 25.40 13.64 7.96
C ASP C 259 26.30 13.05 6.87
N LEU C 260 25.90 13.23 5.62
CA LEU C 260 26.73 12.76 4.50
C LEU C 260 27.92 13.68 4.28
N ARG C 261 27.75 15.00 4.49
CA ARG C 261 28.82 15.94 4.20
C ARG C 261 29.75 16.15 5.38
N ALA C 262 29.25 15.99 6.60
CA ALA C 262 30.13 16.08 7.77
C ALA C 262 30.85 14.77 8.04
N ASP C 263 30.23 13.64 7.65
CA ASP C 263 30.74 12.28 7.83
C ASP C 263 30.98 11.96 9.31
N GLN C 264 30.09 12.45 10.17
CA GLN C 264 30.17 12.14 11.59
C GLN C 264 28.76 12.19 12.18
N GLU C 265 28.54 11.38 13.21
CA GLU C 265 27.27 11.35 13.92
C GLU C 265 27.09 12.65 14.71
N LEU C 266 25.86 13.16 14.76
CA LEU C 266 25.63 14.45 15.40
C LEU C 266 25.03 14.38 16.79
N MET C 267 23.99 13.57 17.02
CA MET C 267 23.26 13.58 18.29
C MET C 267 22.53 12.27 18.51
N THR C 268 22.68 11.69 19.71
CA THR C 268 22.09 10.42 20.06
C THR C 268 20.94 10.65 21.04
N TYR C 269 19.81 10.00 20.79
CA TYR C 269 18.58 10.25 21.53
C TYR C 269 18.23 9.00 22.31
N SER C 270 18.06 9.15 23.63
CA SER C 270 17.72 8.04 24.53
C SER C 270 17.26 8.66 25.85
N HIS C 271 16.84 7.79 26.76
CA HIS C 271 16.42 8.21 28.09
C HIS C 271 16.59 7.02 29.02
N ASP C 272 16.74 7.32 30.32
CA ASP C 272 16.96 6.29 31.32
C ASP C 272 15.75 5.37 31.49
N ASN C 273 14.55 5.87 31.27
CA ASN C 273 13.33 5.10 31.42
C ASN C 273 12.86 4.44 30.12
N ILE C 274 13.60 4.62 29.03
CA ILE C 274 13.21 4.09 27.73
C ILE C 274 14.11 2.90 27.42
N ILE C 275 13.54 1.70 27.48
CA ILE C 275 14.30 0.46 27.28
C ILE C 275 13.74 -0.41 26.16
N CYS C 276 12.68 0.02 25.49
CA CYS C 276 12.07 -0.78 24.43
C CYS C 276 12.47 -0.25 23.06
N GLY C 277 12.70 -1.18 22.13
CA GLY C 277 13.25 -0.87 20.82
C GLY C 277 12.36 -0.04 19.91
N ILE C 278 12.92 0.28 18.75
CA ILE C 278 12.31 1.16 17.76
C ILE C 278 11.67 0.30 16.68
N THR C 279 10.42 0.59 16.34
CA THR C 279 9.72 -0.13 15.29
C THR C 279 9.47 0.67 14.01
N SER C 280 9.44 2.00 14.10
CA SER C 280 9.27 2.85 12.92
C SER C 280 9.73 4.26 13.26
N VAL C 281 10.18 4.98 12.23
CA VAL C 281 10.70 6.34 12.34
C VAL C 281 10.13 7.14 11.17
N SER C 282 9.69 8.37 11.44
CA SER C 282 9.21 9.24 10.38
C SER C 282 9.43 10.69 10.80
N PHE C 283 9.78 11.53 9.84
CA PHE C 283 9.93 12.97 10.06
C PHE C 283 8.62 13.69 9.83
N SER C 284 8.67 15.01 9.95
CA SER C 284 7.63 15.92 9.50
C SER C 284 8.21 16.78 8.39
N LYS C 285 7.34 17.60 7.78
CA LYS C 285 7.78 18.53 6.74
C LYS C 285 8.77 19.55 7.27
N SER C 286 8.65 19.93 8.54
CA SER C 286 9.54 20.94 9.11
C SER C 286 10.90 20.37 9.48
N GLY C 287 10.94 19.10 9.85
CA GLY C 287 12.16 18.49 10.34
C GLY C 287 12.49 18.80 11.78
N ARG C 288 11.72 19.66 12.43
CA ARG C 288 11.92 19.96 13.84
C ARG C 288 11.48 18.79 14.72
N LEU C 289 10.47 18.05 14.30
CA LEU C 289 9.85 17.02 15.12
C LEU C 289 10.32 15.63 14.70
N LEU C 290 10.34 14.73 15.68
CA LEU C 290 10.68 13.32 15.47
C LEU C 290 9.59 12.44 16.07
N LEU C 291 9.04 11.55 15.25
CA LEU C 291 8.11 10.53 15.70
C LEU C 291 8.81 9.18 15.72
N ALA C 292 8.48 8.36 16.71
CA ALA C 292 9.10 7.06 16.87
C ALA C 292 8.16 6.14 17.64
N GLY C 293 8.06 4.90 17.18
CA GLY C 293 7.29 3.88 17.87
C GLY C 293 8.17 3.00 18.74
N TYR C 294 7.57 2.47 19.81
CA TYR C 294 8.28 1.65 20.78
C TYR C 294 7.59 0.29 20.90
N ASP C 295 8.19 -0.57 21.73
CA ASP C 295 7.55 -1.85 22.05
C ASP C 295 6.61 -1.77 23.25
N ASP C 296 6.76 -0.75 24.11
CA ASP C 296 5.92 -0.63 25.31
C ASP C 296 4.74 0.31 25.09
N PHE C 297 4.20 0.32 23.87
CA PHE C 297 2.90 0.88 23.48
C PHE C 297 2.88 2.41 23.45
N ASN C 298 4.02 3.07 23.69
CA ASN C 298 4.07 4.52 23.83
C ASN C 298 4.93 5.10 22.72
N CYS C 299 4.35 6.00 21.94
CA CYS C 299 5.10 6.74 20.92
C CYS C 299 5.51 8.10 21.48
N ASN C 300 6.80 8.28 21.73
CA ASN C 300 7.31 9.57 22.17
C ASN C 300 7.55 10.50 20.98
N VAL C 301 7.17 11.76 21.15
CA VAL C 301 7.42 12.80 20.17
C VAL C 301 8.66 13.57 20.61
N TRP C 302 9.70 13.54 19.79
CA TRP C 302 10.99 14.11 20.12
C TRP C 302 11.19 15.46 19.44
N ASP C 303 11.86 16.36 20.15
CA ASP C 303 12.42 17.55 19.52
C ASP C 303 13.79 17.19 18.95
N ALA C 304 13.98 17.42 17.65
CA ALA C 304 15.23 17.03 17.00
C ALA C 304 16.41 17.86 17.46
N LEU C 305 16.21 19.16 17.68
CA LEU C 305 17.33 20.02 18.04
C LEU C 305 17.60 19.99 19.54
N LYS C 306 16.56 20.19 20.36
CA LYS C 306 16.77 20.35 21.79
C LYS C 306 16.83 19.04 22.55
N ALA C 307 16.54 17.92 21.88
CA ALA C 307 16.64 16.56 22.43
C ALA C 307 15.81 16.37 23.71
N ASP C 308 14.61 16.92 23.71
CA ASP C 308 13.69 16.73 24.81
C ASP C 308 12.32 16.35 24.25
N ARG C 309 11.55 15.62 25.04
CA ARG C 309 10.26 15.11 24.58
C ARG C 309 9.22 16.22 24.71
N ALA C 310 8.73 16.71 23.57
CA ALA C 310 7.69 17.74 23.56
C ALA C 310 6.32 17.19 23.94
N GLY C 311 6.14 15.88 23.96
CA GLY C 311 4.89 15.30 24.37
C GLY C 311 4.97 13.79 24.31
N VAL C 312 3.92 13.15 24.82
CA VAL C 312 3.80 11.69 24.85
C VAL C 312 2.38 11.35 24.39
N LEU C 313 2.27 10.45 23.42
CA LEU C 313 0.99 10.00 22.93
C LEU C 313 0.84 8.50 23.17
N ALA C 314 -0.40 8.09 23.42
CA ALA C 314 -0.71 6.70 23.76
C ALA C 314 -2.17 6.44 23.40
N GLY C 315 -2.68 5.28 23.81
CA GLY C 315 -4.04 4.89 23.54
C GLY C 315 -4.19 3.60 22.75
N HIS C 316 -3.09 2.99 22.29
CA HIS C 316 -3.13 1.66 21.71
C HIS C 316 -2.98 0.62 22.80
N ASP C 317 -3.56 -0.55 22.56
CA ASP C 317 -3.48 -1.66 23.50
C ASP C 317 -2.31 -2.59 23.19
N ASN C 318 -2.03 -2.84 21.93
CA ASN C 318 -0.99 -3.78 21.53
C ASN C 318 0.15 -3.00 20.85
N ARG C 319 1.21 -3.73 20.50
CA ARG C 319 2.43 -3.15 19.96
C ARG C 319 2.20 -2.44 18.63
N VAL C 320 2.80 -1.25 18.49
CA VAL C 320 2.72 -0.47 17.26
C VAL C 320 3.72 -1.05 16.25
N SER C 321 3.26 -1.20 15.01
CA SER C 321 4.12 -1.70 13.92
C SER C 321 4.56 -0.61 12.95
N CYS C 322 3.64 0.26 12.53
CA CYS C 322 3.88 1.15 11.42
C CYS C 322 3.56 2.60 11.79
N LEU C 323 4.36 3.52 11.26
CA LEU C 323 4.21 4.94 11.52
C LEU C 323 4.52 5.72 10.25
N GLY C 324 3.78 6.81 10.03
CA GLY C 324 4.03 7.63 8.86
C GLY C 324 3.33 8.97 8.98
N VAL C 325 3.68 9.87 8.07
CA VAL C 325 3.06 11.19 7.97
C VAL C 325 2.55 11.36 6.55
N THR C 326 1.52 12.18 6.39
CA THR C 326 1.04 12.53 5.07
C THR C 326 1.97 13.56 4.42
N ASP C 327 1.91 13.62 3.09
CA ASP C 327 2.78 14.52 2.34
C ASP C 327 2.45 15.99 2.58
N ASP C 328 1.17 16.31 2.81
CA ASP C 328 0.78 17.69 3.04
C ASP C 328 0.99 18.14 4.48
N GLY C 329 1.27 17.22 5.40
CA GLY C 329 1.68 17.57 6.74
C GLY C 329 0.57 17.82 7.75
N MET C 330 -0.67 17.49 7.43
CA MET C 330 -1.76 17.75 8.38
C MET C 330 -2.07 16.56 9.29
N ALA C 331 -1.52 15.38 9.04
CA ALA C 331 -1.95 14.21 9.78
C ALA C 331 -0.83 13.20 9.91
N VAL C 332 -0.89 12.43 11.01
CA VAL C 332 0.03 11.33 11.27
C VAL C 332 -0.81 10.07 11.43
N ALA C 333 -0.52 9.04 10.64
CA ALA C 333 -1.20 7.76 10.74
C ALA C 333 -0.33 6.75 11.47
N THR C 334 -0.99 5.86 12.21
CA THR C 334 -0.33 4.79 12.94
C THR C 334 -1.06 3.48 12.69
N GLY C 335 -0.33 2.39 12.88
CA GLY C 335 -0.91 1.06 12.79
C GLY C 335 -0.26 0.16 13.82
N SER C 336 -1.01 -0.83 14.27
CA SER C 336 -0.56 -1.64 15.38
C SER C 336 -1.03 -3.08 15.20
N TRP C 337 -0.64 -3.93 16.15
CA TRP C 337 -1.11 -5.31 16.22
C TRP C 337 -2.48 -5.42 16.86
N ASP C 338 -3.10 -4.30 17.22
CA ASP C 338 -4.43 -4.26 17.83
C ASP C 338 -5.54 -4.41 16.80
N SER C 339 -5.18 -4.53 15.51
CA SER C 339 -6.07 -4.71 14.36
C SER C 339 -6.96 -3.50 14.09
N PHE C 340 -6.63 -2.35 14.66
CA PHE C 340 -7.34 -1.11 14.39
C PHE C 340 -6.32 -0.02 14.08
N LEU C 341 -6.71 0.89 13.18
CA LEU C 341 -5.87 2.01 12.81
C LEU C 341 -6.39 3.28 13.47
N LYS C 342 -5.47 4.13 13.93
CA LYS C 342 -5.82 5.38 14.58
C LYS C 342 -4.94 6.48 14.03
N ILE C 343 -5.56 7.56 13.56
CA ILE C 343 -4.85 8.69 13.00
C ILE C 343 -4.85 9.83 14.02
N TRP C 344 -3.72 10.52 14.11
CA TRP C 344 -3.57 11.64 15.02
C TRP C 344 -3.54 12.94 14.23
N ASN C 345 -4.19 13.97 14.77
CA ASN C 345 -4.25 15.25 14.09
C ASN C 345 -3.77 16.32 15.07
N ASN D 5 40.34 -18.86 -1.53
CA ASN D 5 41.31 -18.11 -0.73
C ASN D 5 41.66 -16.79 -1.41
N THR D 6 41.50 -16.76 -2.73
CA THR D 6 41.75 -15.55 -3.51
C THR D 6 40.51 -14.65 -3.51
N ALA D 7 39.34 -15.20 -3.17
CA ALA D 7 38.10 -14.43 -3.11
C ALA D 7 38.17 -13.35 -2.03
N SER D 8 38.75 -13.66 -0.88
CA SER D 8 38.77 -12.70 0.22
C SER D 8 39.85 -11.64 0.04
N ILE D 9 40.92 -11.93 -0.70
CA ILE D 9 41.87 -10.87 -1.02
C ILE D 9 41.36 -10.04 -2.20
N ALA D 10 40.50 -10.61 -3.04
CA ALA D 10 39.76 -9.81 -4.01
C ALA D 10 38.80 -8.84 -3.32
N GLN D 11 38.10 -9.33 -2.29
CA GLN D 11 37.25 -8.46 -1.49
C GLN D 11 38.06 -7.44 -0.71
N ALA D 12 39.27 -7.81 -0.27
CA ALA D 12 40.19 -6.84 0.32
C ALA D 12 40.60 -5.78 -0.69
N ARG D 13 40.76 -6.17 -1.96
CA ARG D 13 41.09 -5.22 -3.01
C ARG D 13 39.93 -4.25 -3.27
N LYS D 14 38.71 -4.79 -3.33
CA LYS D 14 37.52 -3.93 -3.45
C LYS D 14 37.39 -3.00 -2.25
N LEU D 15 37.73 -3.50 -1.05
CA LEU D 15 37.71 -2.69 0.16
C LEU D 15 38.69 -1.53 0.09
N VAL D 16 39.97 -1.83 -0.19
CA VAL D 16 40.98 -0.78 -0.20
C VAL D 16 40.77 0.20 -1.36
N GLU D 17 40.20 -0.27 -2.48
CA GLU D 17 39.95 0.66 -3.58
C GLU D 17 38.76 1.56 -3.29
N GLN D 18 37.69 1.02 -2.68
CA GLN D 18 36.57 1.89 -2.33
C GLN D 18 36.92 2.83 -1.19
N LEU D 19 37.87 2.44 -0.32
CA LEU D 19 38.34 3.36 0.71
C LEU D 19 39.27 4.43 0.14
N LYS D 20 40.11 4.08 -0.85
CA LYS D 20 40.92 5.09 -1.52
C LYS D 20 40.06 6.08 -2.30
N MET D 21 39.01 5.58 -2.98
CA MET D 21 38.05 6.48 -3.60
C MET D 21 37.28 7.27 -2.55
N GLU D 22 37.06 6.68 -1.38
CA GLU D 22 36.40 7.35 -0.27
C GLU D 22 37.29 8.40 0.39
N ALA D 23 38.61 8.35 0.13
CA ALA D 23 39.54 9.29 0.76
C ALA D 23 39.35 10.71 0.25
N ASN D 24 39.17 10.87 -1.07
CA ASN D 24 39.01 12.20 -1.66
C ASN D 24 37.52 12.55 -1.70
N ILE D 25 37.03 13.03 -0.56
CA ILE D 25 35.64 13.44 -0.37
C ILE D 25 35.65 14.74 0.42
N ASP D 26 34.86 15.72 -0.04
CA ASP D 26 34.71 16.98 0.68
C ASP D 26 34.06 16.74 2.04
N ARG D 27 34.48 17.53 3.03
CA ARG D 27 34.03 17.40 4.41
C ARG D 27 33.68 18.78 4.93
N ILE D 28 32.39 19.09 4.95
CA ILE D 28 31.89 20.41 5.33
C ILE D 28 32.00 20.54 6.84
N LYS D 29 32.35 21.75 7.31
CA LYS D 29 32.43 22.03 8.74
C LYS D 29 31.05 21.94 9.38
N VAL D 30 31.02 21.39 10.60
CA VAL D 30 29.77 21.14 11.31
C VAL D 30 29.04 22.41 11.71
N SER D 31 29.75 23.55 11.82
CA SER D 31 29.13 24.81 12.19
C SER D 31 28.13 25.27 11.12
N LYS D 32 28.61 25.40 9.87
CA LYS D 32 27.74 25.88 8.79
C LYS D 32 26.69 24.83 8.40
N ALA D 33 27.00 23.54 8.55
CA ALA D 33 25.99 22.50 8.37
C ALA D 33 24.88 22.62 9.42
N ALA D 34 25.27 22.87 10.67
CA ALA D 34 24.29 23.14 11.72
C ALA D 34 23.50 24.40 11.43
N ALA D 35 24.15 25.41 10.83
CA ALA D 35 23.44 26.62 10.39
C ALA D 35 22.42 26.30 9.30
N ASP D 36 22.75 25.36 8.41
CA ASP D 36 21.80 24.91 7.41
C ASP D 36 20.60 24.22 8.05
N LEU D 37 20.87 23.33 9.01
CA LEU D 37 19.80 22.61 9.69
C LEU D 37 18.88 23.54 10.47
N MET D 38 19.46 24.48 11.22
CA MET D 38 18.63 25.41 11.98
C MET D 38 17.94 26.42 11.06
N ALA D 39 18.50 26.68 9.87
CA ALA D 39 17.89 27.65 8.98
C ALA D 39 16.68 27.07 8.25
N TYR D 40 16.80 25.83 7.74
CA TYR D 40 15.62 25.15 7.21
C TYR D 40 14.60 24.88 8.31
N CYS D 41 15.07 24.50 9.50
CA CYS D 41 14.15 24.21 10.60
C CYS D 41 13.42 25.45 11.10
N GLU D 42 14.06 26.63 11.08
CA GLU D 42 13.31 27.83 11.43
C GLU D 42 12.36 28.25 10.32
N ALA D 43 12.79 28.10 9.06
CA ALA D 43 11.96 28.51 7.92
C ALA D 43 10.67 27.69 7.85
N HIS D 44 10.80 26.37 7.77
CA HIS D 44 9.59 25.58 7.67
C HIS D 44 9.06 25.20 9.05
N ALA D 45 9.73 25.60 10.14
CA ALA D 45 9.04 25.64 11.42
C ALA D 45 8.09 26.82 11.50
N LYS D 46 8.43 27.93 10.83
CA LYS D 46 7.45 28.99 10.70
C LYS D 46 6.39 28.62 9.68
N GLU D 47 6.70 27.73 8.74
CA GLU D 47 5.70 27.17 7.84
C GLU D 47 5.20 25.79 8.27
N ASP D 48 5.26 25.47 9.57
CA ASP D 48 4.90 24.13 10.05
C ASP D 48 3.39 24.03 10.27
N PRO D 49 2.72 23.03 9.69
CA PRO D 49 1.28 22.86 9.95
C PRO D 49 0.95 22.17 11.26
N LEU D 50 1.88 21.42 11.86
CA LEU D 50 1.63 20.75 13.12
C LEU D 50 2.16 21.51 14.32
N LEU D 51 2.88 22.61 14.11
CA LEU D 51 3.27 23.50 15.19
C LEU D 51 2.34 24.70 15.29
N THR D 52 1.94 25.25 14.15
CA THR D 52 0.89 26.26 14.11
C THR D 52 -0.46 25.55 14.01
N PRO D 53 -1.33 25.67 15.01
CA PRO D 53 -2.59 24.92 14.99
C PRO D 53 -3.54 25.42 13.91
N VAL D 54 -4.42 24.52 13.49
CA VAL D 54 -5.29 24.75 12.33
C VAL D 54 -6.66 25.21 12.83
N PRO D 55 -7.32 26.13 12.12
CA PRO D 55 -8.72 26.43 12.42
C PRO D 55 -9.61 25.22 12.16
N ALA D 56 -10.76 25.19 12.86
CA ALA D 56 -11.70 24.07 12.75
C ALA D 56 -12.29 23.96 11.35
N SER D 57 -12.52 25.09 10.68
CA SER D 57 -13.03 25.05 9.32
C SER D 57 -11.91 24.78 8.32
N GLU D 58 -10.68 25.23 8.60
CA GLU D 58 -9.54 24.96 7.75
C GLU D 58 -9.01 23.55 7.89
N ASN D 59 -9.46 22.80 8.89
CA ASN D 59 -9.05 21.41 9.06
C ASN D 59 -9.90 20.52 8.17
N PRO D 60 -9.31 19.71 7.28
CA PRO D 60 -10.12 18.82 6.44
C PRO D 60 -10.79 17.68 7.19
N PHE D 61 -10.39 17.39 8.42
CA PHE D 61 -10.98 16.27 9.15
C PHE D 61 -12.15 16.70 10.04
N ARG D 62 -12.06 17.89 10.64
CA ARG D 62 -13.08 18.47 11.53
C ARG D 62 -13.51 17.57 12.69
N MET E 5 -0.34 4.68 -40.81
CA MET E 5 -0.97 4.93 -39.53
C MET E 5 -0.60 6.32 -39.00
N THR E 6 -1.53 6.94 -38.27
CA THR E 6 -1.32 8.26 -37.69
C THR E 6 -1.93 8.31 -36.31
N GLN E 7 -1.79 9.46 -35.64
CA GLN E 7 -2.27 9.67 -34.29
C GLN E 7 -2.94 11.04 -34.21
N SER E 8 -3.83 11.19 -33.24
CA SER E 8 -4.71 12.35 -33.14
C SER E 8 -4.57 13.04 -31.78
N PRO E 9 -3.68 14.03 -31.66
CA PRO E 9 -3.59 14.80 -30.42
C PRO E 9 -4.71 15.82 -30.25
N SER E 10 -4.63 16.62 -29.19
CA SER E 10 -5.63 17.64 -28.89
C SER E 10 -4.94 18.91 -28.44
N SER E 11 -5.71 20.00 -28.34
CA SER E 11 -5.15 21.30 -27.99
C SER E 11 -6.08 22.05 -27.06
N LEU E 12 -5.49 22.81 -26.13
CA LEU E 12 -6.26 23.60 -25.18
C LEU E 12 -5.39 24.76 -24.68
N SER E 13 -6.05 25.75 -24.09
CA SER E 13 -5.37 26.89 -23.48
C SER E 13 -5.90 27.10 -22.07
N ALA E 14 -5.04 27.62 -21.19
CA ALA E 14 -5.42 27.80 -19.80
C ALA E 14 -4.68 28.98 -19.18
N SER E 15 -5.14 29.38 -17.99
CA SER E 15 -4.59 30.45 -17.18
C SER E 15 -3.41 29.94 -16.33
N VAL E 16 -2.79 30.87 -15.61
CA VAL E 16 -1.65 30.56 -14.75
C VAL E 16 -2.06 29.58 -13.65
N GLY E 17 -1.20 28.60 -13.39
CA GLY E 17 -1.43 27.61 -12.36
C GLY E 17 -2.58 26.66 -12.61
N ASP E 18 -3.02 26.53 -13.86
CA ASP E 18 -4.12 25.62 -14.21
C ASP E 18 -3.53 24.33 -14.75
N ARG E 19 -4.12 23.21 -14.33
CA ARG E 19 -3.75 21.92 -14.89
C ARG E 19 -4.19 21.79 -16.33
N VAL E 20 -3.32 21.26 -17.18
CA VAL E 20 -3.60 21.04 -18.59
C VAL E 20 -3.37 19.56 -18.90
N THR E 21 -4.27 18.99 -19.70
CA THR E 21 -4.21 17.59 -20.07
C THR E 21 -4.09 17.49 -21.59
N ILE E 22 -2.99 16.92 -22.06
CA ILE E 22 -2.75 16.69 -23.49
C ILE E 22 -2.84 15.18 -23.72
N THR E 23 -3.64 14.77 -24.69
CA THR E 23 -3.90 13.36 -24.96
C THR E 23 -3.41 13.00 -26.35
N CYS E 24 -2.57 11.97 -26.45
CA CYS E 24 -2.08 11.45 -27.72
C CYS E 24 -2.53 10.00 -27.83
N ARG E 25 -3.49 9.75 -28.71
CA ARG E 25 -4.06 8.42 -28.89
C ARG E 25 -3.51 7.79 -30.17
N ALA E 26 -3.18 6.51 -30.09
CA ALA E 26 -2.59 5.81 -31.23
C ALA E 26 -3.67 5.05 -32.01
N SER E 27 -3.25 4.51 -33.16
CA SER E 27 -4.14 3.75 -34.04
C SER E 27 -4.07 2.24 -33.78
N GLN E 28 -2.89 1.73 -33.45
CA GLN E 28 -2.70 0.29 -33.25
C GLN E 28 -1.98 0.08 -31.91
N SER E 29 -1.76 -1.19 -31.58
CA SER E 29 -1.09 -1.55 -30.34
C SER E 29 0.40 -1.21 -30.44
N VAL E 30 0.87 -0.34 -29.54
CA VAL E 30 2.25 0.12 -29.50
C VAL E 30 2.75 -0.03 -28.07
N SER E 31 4.00 -0.49 -27.93
CA SER E 31 4.62 -0.62 -26.63
C SER E 31 4.99 0.76 -26.08
N SER E 32 5.57 0.79 -24.88
CA SER E 32 5.87 2.05 -24.21
C SER E 32 7.14 2.70 -24.78
N ALA E 33 7.06 3.08 -26.05
CA ALA E 33 8.08 3.89 -26.72
C ALA E 33 7.41 5.17 -27.17
N VAL E 34 7.47 6.21 -26.33
CA VAL E 34 6.76 7.48 -26.52
C VAL E 34 7.60 8.56 -25.84
N ALA E 35 7.77 9.69 -26.51
CA ALA E 35 8.51 10.81 -25.94
C ALA E 35 7.77 12.10 -26.23
N TRP E 36 7.95 13.08 -25.34
CA TRP E 36 7.34 14.40 -25.48
C TRP E 36 8.43 15.45 -25.56
N TYR E 37 8.36 16.30 -26.57
CA TYR E 37 9.34 17.36 -26.80
C TYR E 37 8.65 18.71 -26.72
N GLN E 38 9.36 19.70 -26.19
CA GLN E 38 8.88 21.08 -26.22
C GLN E 38 9.60 21.81 -27.35
N GLN E 39 8.85 22.57 -28.14
CA GLN E 39 9.42 23.39 -29.20
C GLN E 39 8.88 24.81 -29.10
N LYS E 40 9.71 25.72 -28.60
CA LYS E 40 9.44 27.14 -28.79
C LYS E 40 10.25 27.65 -29.97
N PRO E 41 9.77 28.69 -30.67
CA PRO E 41 10.55 29.25 -31.79
C PRO E 41 11.88 29.82 -31.35
N GLY E 42 12.92 29.51 -32.13
CA GLY E 42 14.27 29.90 -31.79
C GLY E 42 15.03 28.91 -30.94
N LYS E 43 14.48 27.71 -30.73
CA LYS E 43 15.09 26.71 -29.86
C LYS E 43 15.03 25.35 -30.55
N ALA E 44 15.95 24.48 -30.17
CA ALA E 44 15.93 23.09 -30.60
C ALA E 44 14.91 22.31 -29.76
N PRO E 45 14.48 21.13 -30.22
CA PRO E 45 13.62 20.30 -29.38
C PRO E 45 14.32 19.83 -28.12
N LYS E 46 13.63 19.93 -26.99
CA LYS E 46 14.14 19.49 -25.70
C LYS E 46 13.38 18.24 -25.27
N LEU E 47 14.11 17.21 -24.84
CA LEU E 47 13.47 15.98 -24.39
C LEU E 47 13.03 16.12 -22.95
N LEU E 48 11.75 15.82 -22.69
CA LEU E 48 11.17 15.95 -21.37
C LEU E 48 10.91 14.60 -20.71
N ILE E 49 10.13 13.73 -21.35
CA ILE E 49 9.81 12.41 -20.83
C ILE E 49 10.24 11.37 -21.86
N TYR E 50 10.82 10.27 -21.38
CA TYR E 50 11.18 9.16 -22.25
C TYR E 50 10.53 7.89 -21.75
N SER E 51 10.18 7.03 -22.71
CA SER E 51 9.39 5.79 -22.49
C SER E 51 8.07 6.06 -21.79
N ALA E 52 7.50 7.25 -22.02
CA ALA E 52 6.16 7.72 -21.66
C ALA E 52 5.93 7.95 -20.17
N SER E 53 6.86 7.53 -19.29
CA SER E 53 6.68 7.80 -17.88
C SER E 53 7.89 8.49 -17.23
N SER E 54 9.09 7.97 -17.49
CA SER E 54 10.29 8.44 -16.80
C SER E 54 10.68 9.84 -17.22
N LEU E 55 11.01 10.68 -16.24
CA LEU E 55 11.40 12.05 -16.48
C LEU E 55 12.89 12.15 -16.81
N TYR E 56 13.23 13.15 -17.62
CA TYR E 56 14.61 13.44 -17.96
C TYR E 56 15.28 14.21 -16.82
N SER E 57 16.61 14.13 -16.77
CA SER E 57 17.37 14.77 -15.71
C SER E 57 17.36 16.29 -15.86
N GLY E 58 17.01 16.99 -14.79
CA GLY E 58 17.00 18.43 -14.77
C GLY E 58 15.62 19.06 -14.85
N VAL E 59 14.61 18.29 -15.22
CA VAL E 59 13.24 18.77 -15.34
C VAL E 59 12.62 18.81 -13.94
N PRO E 60 11.91 19.89 -13.56
CA PRO E 60 11.33 19.94 -12.21
C PRO E 60 10.11 19.03 -12.04
N SER E 61 9.55 19.02 -10.84
CA SER E 61 8.48 18.10 -10.48
C SER E 61 7.11 18.49 -11.06
N ARG E 62 7.02 19.60 -11.79
CA ARG E 62 5.74 20.06 -12.33
C ARG E 62 5.17 19.13 -13.38
N PHE E 63 6.01 18.39 -14.08
CA PHE E 63 5.56 17.55 -15.18
C PHE E 63 5.26 16.14 -14.69
N SER E 64 4.29 15.50 -15.34
CA SER E 64 3.93 14.12 -15.04
C SER E 64 3.50 13.44 -16.33
N GLY E 65 2.96 12.23 -16.21
CA GLY E 65 2.54 11.48 -17.38
C GLY E 65 1.99 10.13 -16.96
N SER E 66 1.41 9.43 -17.95
CA SER E 66 0.77 8.14 -17.68
C SER E 66 0.69 7.34 -18.97
N ARG E 67 0.40 6.05 -18.81
CA ARG E 67 0.11 5.15 -19.91
C ARG E 67 -1.15 4.35 -19.57
N SER E 68 -2.12 4.36 -20.47
CA SER E 68 -3.28 3.48 -20.37
C SER E 68 -3.64 2.99 -21.77
N GLY E 69 -3.38 1.72 -22.03
CA GLY E 69 -3.60 1.17 -23.37
C GLY E 69 -2.70 1.85 -24.39
N THR E 70 -3.32 2.48 -25.39
CA THR E 70 -2.64 3.36 -26.32
C THR E 70 -2.89 4.83 -26.00
N ASP E 71 -3.67 5.13 -24.97
CA ASP E 71 -3.92 6.51 -24.57
C ASP E 71 -2.80 6.98 -23.65
N PHE E 72 -2.24 8.14 -23.96
CA PHE E 72 -1.21 8.76 -23.15
C PHE E 72 -1.67 10.14 -22.72
N THR E 73 -1.38 10.51 -21.48
CA THR E 73 -1.87 11.75 -20.91
C THR E 73 -0.71 12.52 -20.30
N LEU E 74 -0.58 13.80 -20.65
CA LEU E 74 0.44 14.67 -20.10
C LEU E 74 -0.21 15.58 -19.08
N THR E 75 0.39 15.68 -17.89
CA THR E 75 -0.12 16.50 -16.80
C THR E 75 0.93 17.53 -16.41
N ILE E 76 0.55 18.81 -16.46
CA ILE E 76 1.38 19.91 -16.01
C ILE E 76 0.62 20.64 -14.91
N SER E 77 1.11 20.52 -13.67
CA SER E 77 0.53 21.21 -12.54
C SER E 77 1.46 22.35 -12.11
N SER E 78 0.86 23.35 -11.44
CA SER E 78 1.55 24.52 -10.89
C SER E 78 2.31 25.29 -11.98
N LEU E 79 1.54 25.70 -13.00
CA LEU E 79 2.09 26.30 -14.21
C LEU E 79 2.86 27.59 -13.93
N GLN E 80 4.01 27.75 -14.63
CA GLN E 80 4.94 28.86 -14.71
C GLN E 80 4.55 29.81 -15.84
N PRO E 81 4.89 31.10 -15.74
CA PRO E 81 4.59 32.03 -16.85
C PRO E 81 5.46 31.82 -18.08
N GLU E 82 6.64 31.23 -17.94
CA GLU E 82 7.57 31.10 -19.05
C GLU E 82 7.29 29.89 -19.94
N ASP E 83 6.39 29.00 -19.54
CA ASP E 83 6.17 27.74 -20.25
C ASP E 83 4.98 27.90 -21.19
N PHE E 84 5.26 28.33 -22.42
CA PHE E 84 4.27 28.38 -23.49
C PHE E 84 4.99 28.07 -24.80
N ALA E 85 4.64 26.93 -25.40
CA ALA E 85 5.29 26.41 -26.60
C ALA E 85 4.50 25.19 -27.08
N THR E 86 4.87 24.69 -28.25
CA THR E 86 4.26 23.50 -28.82
C THR E 86 4.85 22.24 -28.19
N TYR E 87 4.01 21.23 -28.04
CA TYR E 87 4.43 19.95 -27.48
C TYR E 87 4.10 18.83 -28.47
N TYR E 88 5.10 18.04 -28.82
CA TYR E 88 4.98 17.03 -29.87
C TYR E 88 4.93 15.64 -29.27
N CYS E 89 4.06 14.80 -29.84
CA CYS E 89 3.94 13.39 -29.48
C CYS E 89 4.75 12.56 -30.47
N GLN E 90 5.52 11.61 -29.95
CA GLN E 90 6.50 10.89 -30.74
C GLN E 90 6.32 9.39 -30.55
N GLN E 91 6.43 8.64 -31.65
CA GLN E 91 6.41 7.18 -31.60
C GLN E 91 7.75 6.64 -32.09
N SER E 92 8.28 5.63 -31.38
CA SER E 92 9.52 4.96 -31.75
C SER E 92 9.45 3.45 -31.56
N SER E 93 8.44 2.78 -32.15
CA SER E 93 8.28 1.35 -31.94
C SER E 93 8.68 0.50 -33.14
N SER E 94 8.75 1.09 -34.32
CA SER E 94 9.14 0.40 -35.54
C SER E 94 10.20 1.23 -36.23
N SER E 95 10.88 0.63 -37.22
CA SER E 95 11.89 1.34 -38.00
C SER E 95 11.34 2.63 -38.62
N LEU E 96 10.07 2.64 -39.00
CA LEU E 96 9.40 3.88 -39.36
C LEU E 96 9.15 4.70 -38.10
N ILE E 97 9.33 6.02 -38.20
CA ILE E 97 9.21 6.91 -37.05
C ILE E 97 8.17 7.97 -37.38
N THR E 98 7.10 8.00 -36.59
CA THR E 98 6.00 8.94 -36.81
C THR E 98 6.08 10.06 -35.79
N PHE E 99 5.91 11.30 -36.26
CA PHE E 99 5.79 12.47 -35.40
C PHE E 99 4.34 12.94 -35.39
N GLY E 100 3.97 13.65 -34.33
CA GLY E 100 2.63 14.16 -34.19
C GLY E 100 2.41 15.50 -34.89
N GLN E 101 1.17 15.96 -34.85
CA GLN E 101 0.80 17.22 -35.45
C GLN E 101 1.01 18.41 -34.51
N GLY E 102 1.15 18.16 -33.22
CA GLY E 102 1.49 19.19 -32.27
C GLY E 102 0.33 20.01 -31.71
N THR E 103 0.52 20.50 -30.49
CA THR E 103 -0.47 21.29 -29.76
C THR E 103 0.05 22.71 -29.53
N LYS E 104 -0.74 23.49 -28.80
CA LYS E 104 -0.39 24.86 -28.46
C LYS E 104 -0.98 25.18 -27.10
N VAL E 105 -0.35 26.11 -26.38
CA VAL E 105 -0.85 26.59 -25.09
C VAL E 105 -0.80 28.10 -25.06
N GLU E 106 -1.92 28.72 -24.73
CA GLU E 106 -2.05 30.18 -24.69
C GLU E 106 -2.54 30.62 -23.32
N ILE E 107 -2.19 31.83 -22.92
CA ILE E 107 -2.58 32.39 -21.64
C ILE E 107 -3.93 33.08 -21.74
N LYS E 108 -4.82 32.77 -20.79
CA LYS E 108 -6.13 33.41 -20.75
C LYS E 108 -6.01 34.85 -20.27
N ARG E 109 -6.64 35.75 -21.00
CA ARG E 109 -6.62 37.18 -20.70
C ARG E 109 -8.03 37.63 -20.31
N THR E 110 -8.09 38.63 -19.43
CA THR E 110 -9.35 39.31 -19.14
C THR E 110 -9.84 40.04 -20.39
N VAL E 111 -11.14 39.92 -20.68
CA VAL E 111 -11.70 40.46 -21.91
C VAL E 111 -11.66 41.99 -21.89
N ALA E 112 -11.46 42.58 -23.06
CA ALA E 112 -11.36 44.02 -23.22
C ALA E 112 -11.88 44.40 -24.59
N ALA E 113 -12.13 45.69 -24.77
CA ALA E 113 -12.75 46.16 -26.00
C ALA E 113 -11.71 46.33 -27.10
N PRO E 114 -11.86 45.64 -28.24
CA PRO E 114 -10.88 45.79 -29.32
C PRO E 114 -11.07 47.09 -30.08
N SER E 115 -10.06 47.41 -30.89
CA SER E 115 -10.07 48.60 -31.73
C SER E 115 -9.94 48.20 -33.19
N VAL E 116 -10.84 48.72 -34.03
CA VAL E 116 -10.74 48.60 -35.47
C VAL E 116 -10.25 49.92 -36.06
N PHE E 117 -9.21 49.85 -36.88
CA PHE E 117 -8.64 51.01 -37.53
C PHE E 117 -8.80 50.88 -39.04
N ILE E 118 -9.39 51.89 -39.66
CA ILE E 118 -9.46 51.98 -41.12
C ILE E 118 -8.33 52.90 -41.58
N PHE E 119 -7.51 52.40 -42.50
CA PHE E 119 -6.43 53.22 -43.05
C PHE E 119 -6.68 53.48 -44.53
N PRO E 120 -6.85 54.74 -44.93
CA PRO E 120 -7.01 55.05 -46.35
C PRO E 120 -5.71 54.79 -47.09
N PRO E 121 -5.78 54.28 -48.33
CA PRO E 121 -4.55 53.98 -49.08
C PRO E 121 -3.80 55.25 -49.48
N SER E 122 -2.49 55.23 -49.26
CA SER E 122 -1.64 56.37 -49.60
C SER E 122 -1.50 56.51 -51.11
N ASP E 123 -1.44 57.76 -51.58
CA ASP E 123 -1.31 58.04 -53.01
C ASP E 123 0.04 57.65 -53.60
N SER E 124 1.04 57.35 -52.78
CA SER E 124 2.37 57.02 -53.30
C SER E 124 2.39 55.64 -53.95
N GLN E 125 1.84 54.64 -53.25
CA GLN E 125 1.76 53.30 -53.82
C GLN E 125 0.76 53.22 -54.97
N LEU E 126 -0.31 54.02 -54.92
CA LEU E 126 -1.28 54.06 -56.02
C LEU E 126 -0.64 54.61 -57.30
N LYS E 127 0.13 55.68 -57.20
CA LYS E 127 0.84 56.17 -58.37
C LYS E 127 2.02 55.29 -58.70
N SER E 128 2.49 54.48 -57.75
CA SER E 128 3.54 53.50 -58.03
C SER E 128 2.99 52.26 -58.71
N GLY E 129 1.67 52.10 -58.78
CA GLY E 129 1.06 51.09 -59.64
C GLY E 129 0.56 49.83 -58.95
N THR E 130 0.97 49.58 -57.70
CA THR E 130 0.51 48.42 -56.94
C THR E 130 0.30 48.85 -55.49
N ALA E 131 -0.80 48.42 -54.90
CA ALA E 131 -1.15 48.86 -53.55
C ALA E 131 -1.92 47.78 -52.82
N SER E 132 -2.00 47.93 -51.50
CA SER E 132 -2.71 47.01 -50.63
C SER E 132 -3.56 47.81 -49.67
N VAL E 133 -4.83 47.44 -49.54
CA VAL E 133 -5.75 48.08 -48.60
C VAL E 133 -5.95 47.15 -47.41
N VAL E 134 -5.74 47.68 -46.20
CA VAL E 134 -5.78 46.90 -44.98
C VAL E 134 -6.69 47.61 -43.98
N CYS E 135 -7.60 46.85 -43.37
CA CYS E 135 -8.42 47.31 -42.24
C CYS E 135 -7.98 46.54 -41.01
N LEU E 136 -7.28 47.22 -40.10
CA LEU E 136 -6.68 46.56 -38.95
C LEU E 136 -7.65 46.58 -37.76
N LEU E 137 -8.15 45.41 -37.40
CA LEU E 137 -8.83 45.18 -36.13
C LEU E 137 -7.80 44.56 -35.19
N ASN E 138 -7.41 45.31 -34.18
CA ASN E 138 -6.32 44.91 -33.30
C ASN E 138 -6.84 44.80 -31.87
N ASN E 139 -5.93 44.39 -30.98
CA ASN E 139 -6.15 44.24 -29.54
C ASN E 139 -7.33 43.32 -29.23
N PHE E 140 -7.21 42.07 -29.65
CA PHE E 140 -8.31 41.13 -29.51
C PHE E 140 -7.79 39.74 -29.18
N TYR E 141 -8.59 38.99 -28.42
CA TYR E 141 -8.55 37.55 -28.19
C TYR E 141 -9.94 37.00 -28.42
N PRO E 142 -10.08 35.71 -28.81
CA PRO E 142 -9.14 34.60 -29.04
C PRO E 142 -8.27 34.68 -30.28
N ARG E 143 -7.46 33.65 -30.48
CA ARG E 143 -6.59 33.56 -31.65
C ARG E 143 -7.40 33.43 -32.94
N GLU E 144 -8.46 32.64 -32.92
CA GLU E 144 -9.26 32.40 -34.13
C GLU E 144 -10.06 33.65 -34.50
N ALA E 145 -9.92 34.07 -35.76
CA ALA E 145 -10.68 35.17 -36.33
C ALA E 145 -10.68 35.01 -37.84
N LYS E 146 -11.74 35.49 -38.47
CA LYS E 146 -11.85 35.50 -39.92
C LYS E 146 -12.30 36.89 -40.36
N VAL E 147 -11.68 37.37 -41.44
CA VAL E 147 -11.99 38.68 -42.00
C VAL E 147 -12.69 38.48 -43.34
N GLN E 148 -13.78 39.21 -43.55
CA GLN E 148 -14.49 39.23 -44.81
C GLN E 148 -14.43 40.65 -45.39
N TRP E 149 -14.43 40.74 -46.72
CA TRP E 149 -14.27 41.98 -47.43
C TRP E 149 -15.07 41.94 -48.73
N LYS E 150 -15.62 43.09 -49.11
CA LYS E 150 -16.33 43.27 -50.36
C LYS E 150 -15.54 44.22 -51.25
N VAL E 151 -15.64 44.00 -52.56
CA VAL E 151 -14.95 44.83 -53.54
C VAL E 151 -15.91 45.18 -54.68
N ASP E 152 -16.17 46.49 -54.84
CA ASP E 152 -17.16 47.07 -55.74
C ASP E 152 -18.54 46.41 -55.57
N ASN E 153 -18.97 46.32 -54.30
CA ASN E 153 -20.24 45.71 -53.87
C ASN E 153 -20.34 44.24 -54.27
N ALA E 154 -19.20 43.54 -54.32
CA ALA E 154 -19.18 42.12 -54.59
C ALA E 154 -18.08 41.45 -53.78
N LEU E 155 -18.39 40.34 -53.14
CA LEU E 155 -17.37 39.58 -52.42
C LEU E 155 -16.60 38.70 -53.39
N GLN E 156 -15.28 38.73 -53.29
CA GLN E 156 -14.40 37.90 -54.10
C GLN E 156 -13.57 37.00 -53.20
N SER E 157 -13.00 35.96 -53.80
CA SER E 157 -12.17 35.01 -53.06
C SER E 157 -10.94 34.65 -53.88
N GLY E 158 -9.85 34.35 -53.18
CA GLY E 158 -8.60 33.96 -53.79
C GLY E 158 -7.57 35.06 -53.89
N ASN E 159 -7.97 36.32 -53.81
CA ASN E 159 -7.05 37.44 -53.91
C ASN E 159 -6.65 38.00 -52.55
N SER E 160 -7.00 37.32 -51.47
CA SER E 160 -6.73 37.81 -50.12
C SER E 160 -5.58 37.03 -49.48
N GLN E 161 -4.85 37.71 -48.60
CA GLN E 161 -3.73 37.15 -47.87
C GLN E 161 -3.82 37.62 -46.43
N GLU E 162 -3.18 36.88 -45.52
CA GLU E 162 -3.27 37.17 -44.10
C GLU E 162 -1.91 37.05 -43.44
N SER E 163 -1.77 37.71 -42.29
CA SER E 163 -0.55 37.65 -41.49
C SER E 163 -0.94 37.68 -40.01
N VAL E 164 -0.10 37.04 -39.18
CA VAL E 164 -0.34 36.93 -37.74
C VAL E 164 0.96 37.31 -37.02
N THR E 165 0.88 38.29 -36.13
CA THR E 165 1.98 38.63 -35.24
C THR E 165 1.91 37.81 -33.96
N GLU E 166 3.06 37.67 -33.31
CA GLU E 166 3.13 37.05 -31.99
C GLU E 166 2.50 37.94 -30.92
N GLN E 167 2.23 37.32 -29.77
CA GLN E 167 1.67 38.04 -28.62
C GLN E 167 2.63 39.09 -28.08
N ASP E 168 2.13 40.30 -27.91
CA ASP E 168 2.89 41.34 -27.21
C ASP E 168 3.04 40.96 -25.74
N SER E 169 4.25 41.13 -25.20
CA SER E 169 4.49 40.79 -23.81
C SER E 169 3.86 41.80 -22.84
N LYS E 170 3.52 42.99 -23.31
CA LYS E 170 2.93 44.03 -22.47
C LYS E 170 1.42 44.13 -22.62
N ASP E 171 0.93 44.36 -23.85
CA ASP E 171 -0.50 44.48 -24.09
C ASP E 171 -1.23 43.15 -23.98
N SER E 172 -0.50 42.03 -24.10
CA SER E 172 -1.03 40.67 -24.03
C SER E 172 -2.12 40.39 -25.07
N THR E 173 -2.10 41.10 -26.20
CA THR E 173 -3.11 40.98 -27.24
C THR E 173 -2.46 40.68 -28.58
N TYR E 174 -3.29 40.58 -29.61
CA TYR E 174 -2.86 40.22 -30.96
C TYR E 174 -3.09 41.35 -31.95
N SER E 175 -2.22 41.40 -32.95
CA SER E 175 -2.39 42.25 -34.13
C SER E 175 -2.29 41.38 -35.37
N LEU E 176 -3.36 41.32 -36.15
CA LEU E 176 -3.43 40.47 -37.33
C LEU E 176 -3.63 41.33 -38.57
N SER E 177 -2.77 41.11 -39.57
CA SER E 177 -2.83 41.82 -40.84
C SER E 177 -3.50 40.97 -41.91
N SER E 178 -4.48 41.55 -42.59
CA SER E 178 -5.03 40.97 -43.81
C SER E 178 -4.68 41.90 -44.98
N THR E 179 -4.11 41.32 -46.03
CA THR E 179 -3.50 42.10 -47.11
C THR E 179 -4.08 41.66 -48.45
N LEU E 180 -4.52 42.63 -49.25
CA LEU E 180 -5.04 42.38 -50.59
C LEU E 180 -3.98 42.76 -51.62
N THR E 181 -3.73 41.85 -52.57
CA THR E 181 -2.81 42.11 -53.68
C THR E 181 -3.66 42.33 -54.93
N LEU E 182 -3.79 43.59 -55.33
CA LEU E 182 -4.62 43.97 -56.47
C LEU E 182 -3.85 44.92 -57.39
N SER E 183 -4.15 44.81 -58.68
CA SER E 183 -3.55 45.68 -59.68
C SER E 183 -4.17 47.07 -59.64
N LYS E 184 -3.48 48.03 -60.28
CA LYS E 184 -3.98 49.39 -60.35
C LYS E 184 -5.26 49.48 -61.17
N ALA E 185 -5.35 48.73 -62.27
CA ALA E 185 -6.54 48.74 -63.13
C ALA E 185 -7.78 48.23 -62.39
N ASP E 186 -7.60 47.32 -61.43
CA ASP E 186 -8.71 46.89 -60.59
C ASP E 186 -9.17 48.01 -59.67
N TYR E 187 -8.29 48.95 -59.34
CA TYR E 187 -8.69 50.10 -58.52
C TYR E 187 -9.46 51.13 -59.32
N GLU E 188 -9.16 51.30 -60.62
CA GLU E 188 -10.06 52.06 -61.47
C GLU E 188 -11.36 51.29 -61.70
N LYS E 189 -11.31 49.96 -61.61
CA LYS E 189 -12.51 49.14 -61.64
C LYS E 189 -13.12 48.96 -60.24
N HIS E 190 -12.67 49.74 -59.27
CA HIS E 190 -13.14 49.68 -57.89
C HIS E 190 -13.73 51.02 -57.47
N LYS E 191 -14.89 50.96 -56.81
CA LYS E 191 -15.61 52.15 -56.36
C LYS E 191 -15.84 52.16 -54.85
N VAL E 192 -16.23 51.03 -54.27
CA VAL E 192 -16.70 50.98 -52.89
C VAL E 192 -16.07 49.78 -52.17
N TYR E 193 -15.58 50.02 -50.95
CA TYR E 193 -15.11 48.96 -50.06
C TYR E 193 -15.65 49.19 -48.66
N ALA E 194 -15.98 48.11 -47.96
CA ALA E 194 -16.47 48.19 -46.59
C ALA E 194 -15.89 47.04 -45.77
N CYS E 195 -15.31 47.37 -44.63
CA CYS E 195 -14.73 46.38 -43.72
C CYS E 195 -15.65 46.20 -42.52
N GLU E 196 -16.14 44.96 -42.33
CA GLU E 196 -16.95 44.62 -41.17
C GLU E 196 -16.59 43.22 -40.70
N VAL E 197 -16.10 43.12 -39.46
CA VAL E 197 -15.67 41.85 -38.88
C VAL E 197 -16.43 41.64 -37.57
N THR E 198 -16.97 40.45 -37.37
CA THR E 198 -17.70 40.07 -36.17
C THR E 198 -17.14 38.73 -35.70
N HIS E 199 -16.93 38.60 -34.39
CA HIS E 199 -16.40 37.37 -33.84
C HIS E 199 -16.83 37.29 -32.38
N GLN E 200 -16.53 36.15 -31.75
CA GLN E 200 -16.97 35.88 -30.38
C GLN E 200 -16.23 36.76 -29.36
N GLY E 201 -14.96 37.07 -29.62
CA GLY E 201 -14.16 37.82 -28.66
C GLY E 201 -14.67 39.24 -28.43
N LEU E 202 -15.22 39.87 -29.47
CA LEU E 202 -15.81 41.18 -29.34
C LEU E 202 -17.26 41.05 -28.88
N SER E 203 -17.65 41.85 -27.88
CA SER E 203 -19.00 41.76 -27.34
C SER E 203 -20.03 42.37 -28.29
N SER E 204 -19.73 43.56 -28.81
CA SER E 204 -20.61 44.20 -29.77
C SER E 204 -19.81 44.71 -30.95
N PRO E 205 -20.26 44.46 -32.18
CA PRO E 205 -19.58 45.03 -33.35
C PRO E 205 -19.91 46.51 -33.51
N VAL E 206 -19.15 47.15 -34.38
CA VAL E 206 -19.44 48.49 -34.85
C VAL E 206 -19.55 48.46 -36.36
N THR E 207 -20.33 49.39 -36.91
CA THR E 207 -20.49 49.47 -38.35
C THR E 207 -19.47 50.45 -38.93
N LYS E 208 -18.90 50.08 -40.07
CA LYS E 208 -17.90 50.89 -40.73
C LYS E 208 -18.19 50.97 -42.22
N SER E 209 -18.30 52.19 -42.74
CA SER E 209 -18.34 52.42 -44.18
C SER E 209 -17.60 53.72 -44.46
N PHE E 210 -16.45 53.61 -45.10
CA PHE E 210 -15.70 54.78 -45.59
C PHE E 210 -15.07 54.39 -46.91
N ASN E 211 -15.43 55.10 -47.97
CA ASN E 211 -15.03 54.75 -49.33
C ASN E 211 -13.91 55.65 -49.82
N ARG E 212 -13.07 55.10 -50.70
CA ARG E 212 -12.02 55.88 -51.33
C ARG E 212 -12.64 56.95 -52.23
N GLY E 213 -11.97 58.10 -52.30
CA GLY E 213 -12.50 59.27 -52.96
C GLY E 213 -12.82 60.41 -52.01
N GLU E 214 -12.51 60.25 -50.72
CA GLU E 214 -12.59 61.32 -49.74
C GLU E 214 -11.19 61.60 -49.22
N CYS E 215 -10.79 62.87 -49.24
CA CYS E 215 -9.43 63.23 -48.86
C CYS E 215 -9.36 63.82 -47.46
N VAL F 5 27.94 16.97 -25.16
CA VAL F 5 28.42 16.88 -26.53
C VAL F 5 27.70 17.90 -27.41
N GLN F 6 28.18 18.07 -28.64
CA GLN F 6 27.64 19.02 -29.58
C GLN F 6 27.45 18.34 -30.93
N LEU F 7 26.32 18.65 -31.57
CA LEU F 7 26.05 18.18 -32.93
C LEU F 7 25.95 19.39 -33.84
N VAL F 8 26.87 19.49 -34.79
CA VAL F 8 27.05 20.68 -35.62
C VAL F 8 26.77 20.31 -37.07
N GLU F 9 25.84 21.02 -37.70
CA GLU F 9 25.51 20.77 -39.09
C GLU F 9 26.47 21.52 -40.01
N SER F 10 26.64 20.99 -41.22
CA SER F 10 27.44 21.64 -42.24
C SER F 10 26.97 21.18 -43.61
N GLY F 11 27.31 21.97 -44.62
CA GLY F 11 26.97 21.64 -45.99
C GLY F 11 25.67 22.23 -46.49
N GLY F 12 25.03 23.12 -45.73
CA GLY F 12 23.77 23.69 -46.13
C GLY F 12 23.93 24.84 -47.09
N GLY F 13 22.81 25.47 -47.40
CA GLY F 13 22.81 26.60 -48.31
C GLY F 13 21.46 26.71 -49.00
N LEU F 14 21.33 27.77 -49.81
CA LEU F 14 20.14 28.03 -50.59
C LEU F 14 20.33 27.46 -51.99
N VAL F 15 19.36 26.67 -52.46
CA VAL F 15 19.56 25.80 -53.61
C VAL F 15 18.54 26.16 -54.69
N GLN F 16 18.94 25.99 -55.95
CA GLN F 16 18.11 26.11 -57.14
C GLN F 16 17.52 24.74 -57.50
N PRO F 17 16.37 24.72 -58.19
CA PRO F 17 15.85 23.45 -58.70
C PRO F 17 16.78 22.81 -59.73
N GLY F 18 16.98 21.50 -59.60
CA GLY F 18 17.90 20.77 -60.45
C GLY F 18 19.29 20.60 -59.89
N GLY F 19 19.66 21.34 -58.85
CA GLY F 19 20.96 21.22 -58.23
C GLY F 19 21.02 20.09 -57.22
N SER F 20 22.17 19.97 -56.57
CA SER F 20 22.37 18.97 -55.52
C SER F 20 23.47 19.45 -54.60
N LEU F 21 23.30 19.19 -53.31
CA LEU F 21 24.29 19.55 -52.30
C LEU F 21 24.44 18.39 -51.33
N ARG F 22 25.53 18.41 -50.58
CA ARG F 22 25.87 17.36 -49.62
C ARG F 22 25.66 17.88 -48.21
N LEU F 23 24.78 17.22 -47.47
CA LEU F 23 24.48 17.60 -46.09
C LEU F 23 25.36 16.79 -45.14
N SER F 24 25.76 17.43 -44.04
CA SER F 24 26.69 16.79 -43.12
C SER F 24 26.41 17.25 -41.69
N CYS F 25 26.63 16.34 -40.75
CA CYS F 25 26.58 16.64 -39.32
C CYS F 25 27.79 16.02 -38.64
N ALA F 26 28.52 16.83 -37.89
CA ALA F 26 29.75 16.38 -37.24
C ALA F 26 29.45 15.79 -35.87
N ALA F 27 30.11 14.68 -35.55
CA ALA F 27 30.00 14.03 -34.26
C ALA F 27 31.15 14.48 -33.38
N SER F 28 30.83 14.90 -32.15
CA SER F 28 31.82 15.48 -31.24
C SER F 28 31.79 14.79 -29.89
N GLY F 29 32.86 14.05 -29.57
CA GLY F 29 33.06 13.49 -28.26
C GLY F 29 32.33 12.22 -27.91
N PHE F 30 31.27 11.87 -28.64
CA PHE F 30 30.56 10.62 -28.38
C PHE F 30 30.95 9.54 -29.39
N ASN F 31 30.78 8.29 -28.99
CA ASN F 31 30.94 7.17 -29.90
C ASN F 31 29.89 7.24 -31.01
N PHE F 32 30.37 7.23 -32.25
CA PHE F 32 29.50 7.29 -33.41
C PHE F 32 29.13 5.90 -33.90
N TYR F 33 29.93 4.89 -33.56
CA TYR F 33 29.67 3.53 -34.01
C TYR F 33 28.43 2.96 -33.33
N TYR F 34 28.16 3.37 -32.09
CA TYR F 34 27.10 2.79 -31.28
C TYR F 34 25.78 3.55 -31.37
N SER F 35 25.73 4.68 -32.06
CA SER F 35 24.51 5.48 -32.13
C SER F 35 23.99 5.57 -33.57
N SER F 36 22.87 6.26 -33.73
CA SER F 36 22.30 6.60 -35.02
C SER F 36 22.10 8.11 -35.11
N ILE F 37 22.19 8.64 -36.33
CA ILE F 37 21.98 10.05 -36.60
C ILE F 37 20.74 10.21 -37.47
N HIS F 38 19.89 11.18 -37.13
CA HIS F 38 18.58 11.35 -37.74
C HIS F 38 18.45 12.75 -38.30
N TRP F 39 17.76 12.88 -39.43
CA TRP F 39 17.51 14.15 -40.09
C TRP F 39 16.00 14.31 -40.26
N VAL F 40 15.48 15.48 -39.87
CA VAL F 40 14.06 15.75 -39.96
C VAL F 40 13.83 17.01 -40.79
N ARG F 41 12.61 17.13 -41.32
CA ARG F 41 12.21 18.27 -42.13
C ARG F 41 11.20 19.11 -41.34
N GLN F 42 11.54 20.38 -41.13
CA GLN F 42 10.62 21.34 -40.52
C GLN F 42 10.08 22.22 -41.63
N ALA F 43 8.83 21.98 -42.02
CA ALA F 43 8.19 22.83 -43.00
C ALA F 43 7.81 24.18 -42.38
N PRO F 44 7.84 25.25 -43.16
CA PRO F 44 7.37 26.55 -42.66
C PRO F 44 5.88 26.52 -42.36
N GLY F 45 5.52 26.95 -41.14
CA GLY F 45 4.14 27.00 -40.72
C GLY F 45 3.57 25.71 -40.19
N LYS F 46 4.25 24.59 -40.37
CA LYS F 46 3.74 23.28 -39.98
C LYS F 46 4.72 22.60 -39.03
N GLY F 47 4.42 21.35 -38.69
CA GLY F 47 5.21 20.60 -37.73
C GLY F 47 6.46 19.98 -38.31
N LEU F 48 6.82 18.82 -37.78
CA LEU F 48 8.06 18.13 -38.13
C LEU F 48 7.75 16.81 -38.83
N GLU F 49 8.44 16.57 -39.94
CA GLU F 49 8.43 15.27 -40.61
C GLU F 49 9.81 14.65 -40.54
N TRP F 50 9.85 13.33 -40.37
CA TRP F 50 11.10 12.58 -40.40
C TRP F 50 11.30 11.94 -41.78
N VAL F 51 12.54 12.01 -42.28
CA VAL F 51 12.83 11.52 -43.63
C VAL F 51 13.90 10.44 -43.67
N ALA F 52 15.09 10.72 -43.16
CA ALA F 52 16.23 9.81 -43.36
C ALA F 52 16.93 9.54 -42.04
N SER F 53 17.72 8.46 -42.04
CA SER F 53 18.51 8.06 -40.88
C SER F 53 19.70 7.23 -41.32
N ILE F 54 20.75 7.26 -40.51
CA ILE F 54 21.95 6.46 -40.74
C ILE F 54 22.15 5.54 -39.53
N TYR F 55 22.23 4.24 -39.79
CA TYR F 55 22.50 3.24 -38.75
C TYR F 55 23.90 2.72 -38.99
N SER F 56 24.75 2.77 -37.96
CA SER F 56 26.16 2.44 -38.13
C SER F 56 26.47 0.97 -37.88
N TYR F 57 25.79 0.34 -36.92
CA TYR F 57 26.22 -0.97 -36.46
C TYR F 57 25.72 -2.09 -37.37
N SER F 58 24.55 -1.95 -37.98
CA SER F 58 24.04 -2.97 -38.88
C SER F 58 24.18 -2.62 -40.35
N GLY F 59 24.13 -1.33 -40.69
CA GLY F 59 24.42 -0.87 -42.03
C GLY F 59 23.19 -0.58 -42.86
N SER F 60 22.09 -1.29 -42.61
CA SER F 60 20.86 -1.00 -43.31
C SER F 60 20.22 0.26 -42.73
N THR F 61 19.46 0.96 -43.56
CA THR F 61 18.86 2.23 -43.18
C THR F 61 17.44 2.29 -43.73
N SER F 62 16.67 3.25 -43.22
CA SER F 62 15.27 3.40 -43.59
C SER F 62 15.01 4.81 -44.10
N TYR F 63 14.16 4.92 -45.11
CA TYR F 63 13.81 6.17 -45.76
C TYR F 63 12.32 6.43 -45.63
N ALA F 64 11.93 7.70 -45.71
CA ALA F 64 10.53 8.04 -45.84
C ALA F 64 10.00 7.57 -47.19
N ASP F 65 8.70 7.25 -47.24
CA ASP F 65 8.10 6.64 -48.42
C ASP F 65 8.07 7.60 -49.61
N SER F 66 7.76 8.88 -49.35
CA SER F 66 7.71 9.86 -50.43
C SER F 66 9.09 10.22 -50.96
N VAL F 67 10.14 9.94 -50.20
CA VAL F 67 11.49 10.39 -50.54
C VAL F 67 12.36 9.23 -51.03
N LYS F 68 12.05 7.98 -50.67
CA LYS F 68 12.84 6.82 -51.05
C LYS F 68 12.83 6.61 -52.56
N GLY F 69 13.99 6.22 -53.10
CA GLY F 69 14.21 6.15 -54.52
C GLY F 69 14.89 7.37 -55.11
N ARG F 70 15.16 8.39 -54.31
CA ARG F 70 15.89 9.56 -54.76
C ARG F 70 17.19 9.78 -54.00
N PHE F 71 17.13 9.80 -52.67
CA PHE F 71 18.32 10.11 -51.88
C PHE F 71 19.18 8.87 -51.67
N THR F 72 20.48 9.08 -51.51
CA THR F 72 21.39 8.06 -51.01
C THR F 72 22.24 8.67 -49.90
N ILE F 73 22.63 7.83 -48.94
CA ILE F 73 23.39 8.27 -47.78
C ILE F 73 24.61 7.39 -47.60
N SER F 74 25.66 7.96 -47.03
CA SER F 74 26.83 7.21 -46.60
C SER F 74 27.43 7.89 -45.40
N ALA F 75 28.28 7.16 -44.69
CA ALA F 75 28.88 7.70 -43.47
C ALA F 75 30.24 7.05 -43.24
N ASP F 76 31.12 7.82 -42.59
CA ASP F 76 32.45 7.37 -42.22
C ASP F 76 32.53 7.41 -40.70
N THR F 77 32.60 6.24 -40.08
CA THR F 77 32.65 6.17 -38.62
C THR F 77 34.01 6.56 -38.05
N SER F 78 35.08 6.49 -38.85
CA SER F 78 36.41 6.79 -38.36
C SER F 78 36.64 8.29 -38.20
N LYS F 79 36.03 9.12 -39.03
CA LYS F 79 36.21 10.56 -38.96
C LYS F 79 35.16 11.27 -38.12
N ASN F 80 34.18 10.52 -37.57
CA ASN F 80 33.04 11.05 -36.80
C ASN F 80 32.25 12.09 -37.60
N THR F 81 32.04 11.81 -38.89
CA THR F 81 31.30 12.71 -39.77
C THR F 81 30.35 11.90 -40.62
N ALA F 82 29.05 12.14 -40.47
CA ALA F 82 28.03 11.50 -41.28
C ALA F 82 27.56 12.44 -42.38
N TYR F 83 27.26 11.86 -43.54
CA TYR F 83 26.88 12.64 -44.72
C TYR F 83 25.50 12.26 -45.21
N LEU F 84 24.81 13.23 -45.81
CA LEU F 84 23.56 12.99 -46.53
C LEU F 84 23.65 13.65 -47.89
N GLN F 85 23.43 12.87 -48.94
CA GLN F 85 23.40 13.37 -50.31
C GLN F 85 21.96 13.49 -50.78
N MET F 86 21.55 14.70 -51.17
CA MET F 86 20.19 14.97 -51.61
C MET F 86 20.16 15.23 -53.12
N ASN F 87 19.29 14.50 -53.82
CA ASN F 87 19.16 14.59 -55.26
C ASN F 87 17.69 14.69 -55.65
N SER F 88 17.45 15.16 -56.89
CA SER F 88 16.12 15.29 -57.50
C SER F 88 15.19 16.18 -56.68
N LEU F 89 15.71 17.32 -56.25
CA LEU F 89 14.95 18.26 -55.43
C LEU F 89 13.76 18.85 -56.17
N ARG F 90 12.67 19.06 -55.43
CA ARG F 90 11.43 19.62 -55.93
C ARG F 90 11.14 20.89 -55.12
N ALA F 91 10.19 21.70 -55.59
CA ALA F 91 9.91 23.00 -55.00
C ALA F 91 9.33 22.90 -53.59
N GLU F 92 8.68 21.79 -53.26
CA GLU F 92 8.08 21.60 -51.94
C GLU F 92 9.07 21.15 -50.89
N ASP F 93 10.33 20.89 -51.27
CA ASP F 93 11.32 20.30 -50.37
C ASP F 93 12.00 21.32 -49.47
N THR F 94 11.57 22.58 -49.48
CA THR F 94 12.11 23.59 -48.57
C THR F 94 11.74 23.25 -47.13
N ALA F 95 12.76 23.17 -46.27
CA ALA F 95 12.61 22.78 -44.88
C ALA F 95 13.91 23.05 -44.14
N VAL F 96 13.81 23.11 -42.81
CA VAL F 96 14.97 23.26 -41.94
C VAL F 96 15.35 21.87 -41.43
N TYR F 97 16.62 21.51 -41.58
CA TYR F 97 17.11 20.18 -41.25
C TYR F 97 17.81 20.20 -39.90
N TYR F 98 17.35 19.34 -38.98
CA TYR F 98 17.92 19.21 -37.65
C TYR F 98 18.72 17.92 -37.56
N CYS F 99 19.91 17.99 -36.98
CA CYS F 99 20.71 16.82 -36.68
C CYS F 99 20.29 16.29 -35.31
N ALA F 100 19.95 15.01 -35.24
CA ALA F 100 19.41 14.40 -34.03
C ALA F 100 20.05 13.04 -33.81
N ARG F 101 20.21 12.68 -32.54
CA ARG F 101 20.89 11.45 -32.14
C ARG F 101 19.99 10.57 -31.30
N TYR F 102 19.72 9.35 -31.79
CA TYR F 102 18.95 8.35 -31.05
C TYR F 102 19.79 7.12 -30.80
N PRO F 103 19.87 6.63 -29.56
CA PRO F 103 20.63 5.41 -29.30
C PRO F 103 19.77 4.16 -29.44
N TRP F 104 20.11 3.28 -30.39
CA TRP F 104 19.29 2.09 -30.56
C TRP F 104 19.62 1.02 -29.52
N TYR F 105 20.90 0.74 -29.29
CA TYR F 105 21.30 -0.24 -28.30
C TYR F 105 22.11 0.45 -27.21
N TRP F 106 21.66 0.27 -25.97
CA TRP F 106 22.21 0.92 -24.80
C TRP F 106 22.98 -0.03 -23.89
N TRP F 107 22.98 -1.33 -24.18
CA TRP F 107 23.65 -2.29 -23.30
C TRP F 107 25.07 -2.64 -23.72
N MET F 108 25.34 -2.76 -25.03
CA MET F 108 26.69 -3.11 -25.48
C MET F 108 27.74 -2.04 -25.19
N GLU F 109 27.34 -0.77 -25.01
CA GLU F 109 28.30 0.21 -24.51
C GLU F 109 28.64 -0.05 -23.04
N LYS F 110 27.62 -0.06 -22.19
CA LYS F 110 27.73 -0.21 -20.74
C LYS F 110 26.37 -0.69 -20.25
N PRO F 111 26.25 -1.16 -18.98
CA PRO F 111 24.91 -1.52 -18.51
C PRO F 111 24.13 -0.30 -18.07
N TYR F 112 23.12 0.06 -18.85
CA TYR F 112 22.27 1.22 -18.62
C TYR F 112 20.81 0.88 -18.79
N LEU F 113 19.98 1.77 -18.28
CA LEU F 113 18.53 1.67 -18.37
C LEU F 113 18.05 1.89 -19.81
N SER F 114 16.95 1.23 -20.16
CA SER F 114 16.34 1.35 -21.47
C SER F 114 15.90 2.78 -21.74
N LEU F 115 16.13 3.24 -22.97
CA LEU F 115 15.82 4.60 -23.37
C LEU F 115 15.09 4.62 -24.70
N TYR F 116 14.20 5.60 -24.86
CA TYR F 116 13.46 5.79 -26.11
C TYR F 116 13.27 7.30 -26.29
N GLY F 117 14.21 7.93 -26.95
CA GLY F 117 14.10 9.37 -27.20
C GLY F 117 15.35 9.93 -27.81
N MET F 118 15.21 11.16 -28.31
CA MET F 118 16.30 11.87 -28.96
C MET F 118 17.10 12.61 -27.89
N ASP F 119 18.37 12.24 -27.74
CA ASP F 119 19.16 12.77 -26.64
C ASP F 119 19.71 14.16 -26.96
N TYR F 120 20.36 14.31 -28.11
CA TYR F 120 21.07 15.54 -28.43
C TYR F 120 20.61 16.06 -29.79
N TRP F 121 20.38 17.37 -29.85
CA TRP F 121 19.81 18.04 -31.01
C TRP F 121 20.75 19.13 -31.49
N GLY F 122 20.91 19.23 -32.81
CA GLY F 122 21.68 20.30 -33.39
C GLY F 122 20.90 21.59 -33.47
N GLN F 123 21.58 22.62 -33.96
CA GLN F 123 20.97 23.94 -34.07
C GLN F 123 20.24 24.15 -35.39
N GLY F 124 20.48 23.30 -36.39
CA GLY F 124 19.76 23.35 -37.65
C GLY F 124 20.11 24.50 -38.59
N THR F 125 19.76 24.34 -39.86
CA THR F 125 20.03 25.35 -40.87
C THR F 125 18.98 25.24 -41.98
N LEU F 126 18.77 26.35 -42.68
CA LEU F 126 17.73 26.45 -43.70
C LEU F 126 18.24 26.01 -45.05
N VAL F 127 17.50 25.12 -45.70
CA VAL F 127 17.71 24.74 -47.10
C VAL F 127 16.41 25.00 -47.84
N THR F 128 16.50 25.73 -48.96
CA THR F 128 15.31 26.08 -49.73
C THR F 128 15.49 25.67 -51.19
N VAL F 129 14.37 25.55 -51.88
CA VAL F 129 14.32 25.29 -53.31
C VAL F 129 13.53 26.43 -53.94
N SER F 130 14.20 27.27 -54.73
CA SER F 130 13.54 28.42 -55.33
C SER F 130 14.24 28.76 -56.64
N SER F 131 13.45 29.11 -57.65
CA SER F 131 13.95 29.60 -58.92
C SER F 131 14.01 31.13 -58.97
N ALA F 132 13.73 31.79 -57.86
CA ALA F 132 13.79 33.25 -57.77
C ALA F 132 15.21 33.66 -57.45
N SER F 133 15.90 34.25 -58.43
CA SER F 133 17.26 34.73 -58.24
C SER F 133 17.28 35.95 -57.33
N THR F 134 18.50 36.34 -56.93
CA THR F 134 18.69 37.43 -56.00
C THR F 134 18.26 38.77 -56.61
N LYS F 135 17.36 39.46 -55.91
CA LYS F 135 16.78 40.71 -56.37
C LYS F 135 16.79 41.71 -55.21
N GLY F 136 17.06 42.97 -55.53
CA GLY F 136 16.98 44.02 -54.54
C GLY F 136 15.53 44.32 -54.19
N PRO F 137 15.31 44.96 -53.04
CA PRO F 137 13.94 45.21 -52.60
C PRO F 137 13.28 46.35 -53.35
N SER F 138 11.96 46.28 -53.44
CA SER F 138 11.12 47.35 -53.98
C SER F 138 10.24 47.85 -52.84
N VAL F 139 10.62 49.00 -52.26
CA VAL F 139 10.00 49.52 -51.05
C VAL F 139 9.03 50.62 -51.43
N PHE F 140 7.80 50.51 -50.95
CA PHE F 140 6.74 51.46 -51.28
C PHE F 140 6.30 52.19 -50.01
N PRO F 141 6.50 53.50 -49.91
CA PRO F 141 6.19 54.22 -48.67
C PRO F 141 4.70 54.47 -48.50
N LEU F 142 4.32 54.63 -47.24
CA LEU F 142 2.95 54.96 -46.84
C LEU F 142 2.91 56.33 -46.21
N ALA F 143 1.70 56.90 -46.13
CA ALA F 143 1.50 58.18 -45.48
C ALA F 143 0.11 58.20 -44.85
N PRO F 144 -0.05 58.85 -43.70
CA PRO F 144 -1.38 58.89 -43.07
C PRO F 144 -2.27 59.95 -43.70
N SER F 145 -3.57 59.66 -43.68
CA SER F 145 -4.55 60.57 -44.23
C SER F 145 -4.86 61.71 -43.26
N SER F 146 -5.35 62.82 -43.82
CA SER F 146 -5.81 63.93 -42.99
C SER F 146 -7.20 63.66 -42.40
N LYS F 147 -8.06 62.97 -43.14
CA LYS F 147 -9.40 62.64 -42.66
C LYS F 147 -9.32 61.28 -41.97
N SER F 148 -9.25 61.31 -40.64
CA SER F 148 -9.01 60.11 -39.85
C SER F 148 -9.67 60.28 -38.49
N THR F 149 -9.39 59.34 -37.58
CA THR F 149 -9.94 59.35 -36.23
C THR F 149 -8.88 59.89 -35.28
N SER F 150 -9.21 60.99 -34.61
CA SER F 150 -8.32 61.55 -33.61
C SER F 150 -8.25 60.65 -32.39
N GLY F 151 -7.04 60.40 -31.90
CA GLY F 151 -6.81 59.43 -30.86
C GLY F 151 -6.38 58.06 -31.36
N GLY F 152 -6.55 57.79 -32.65
CA GLY F 152 -6.07 56.57 -33.26
C GLY F 152 -4.59 56.64 -33.58
N THR F 153 -4.16 55.72 -34.43
CA THR F 153 -2.76 55.62 -34.82
C THR F 153 -2.60 56.00 -36.30
N ALA F 154 -1.54 56.73 -36.59
CA ALA F 154 -1.21 57.10 -37.96
C ALA F 154 -0.39 56.00 -38.60
N ALA F 155 -0.65 55.74 -39.88
CA ALA F 155 0.04 54.67 -40.60
C ALA F 155 1.34 55.21 -41.14
N LEU F 156 2.39 55.14 -40.32
CA LEU F 156 3.75 55.44 -40.75
C LEU F 156 4.44 54.10 -40.95
N GLY F 157 4.47 53.65 -42.20
CA GLY F 157 4.98 52.33 -42.51
C GLY F 157 5.44 52.27 -43.95
N CYS F 158 5.85 51.07 -44.36
CA CYS F 158 6.41 50.87 -45.69
C CYS F 158 6.12 49.46 -46.18
N LEU F 159 5.62 49.36 -47.40
CA LEU F 159 5.39 48.09 -48.06
C LEU F 159 6.65 47.71 -48.83
N VAL F 160 7.33 46.65 -48.38
CA VAL F 160 8.58 46.22 -48.96
C VAL F 160 8.30 44.96 -49.77
N LYS F 161 8.21 45.10 -51.09
CA LYS F 161 7.89 44.01 -51.97
C LYS F 161 9.15 43.54 -52.71
N ASP F 162 9.17 42.23 -53.02
CA ASP F 162 10.17 41.58 -53.89
C ASP F 162 11.58 41.73 -53.32
N TYR F 163 11.76 41.21 -52.10
CA TYR F 163 13.03 41.31 -51.39
C TYR F 163 13.59 39.91 -51.16
N PHE F 164 14.89 39.86 -50.87
CA PHE F 164 15.64 38.61 -50.80
C PHE F 164 16.96 38.89 -50.08
N PRO F 165 17.49 37.94 -49.31
CA PRO F 165 16.94 36.67 -48.82
C PRO F 165 16.51 36.68 -47.36
N GLU F 166 15.95 35.55 -46.92
CA GLU F 166 15.61 35.23 -45.54
C GLU F 166 16.63 34.24 -44.98
N PRO F 167 16.83 34.19 -43.64
CA PRO F 167 16.22 34.86 -42.49
C PRO F 167 16.55 36.34 -42.35
N VAL F 168 15.78 37.04 -41.51
CA VAL F 168 15.87 38.48 -41.36
C VAL F 168 16.44 38.79 -39.98
N THR F 169 17.16 39.90 -39.90
CA THR F 169 17.76 40.36 -38.66
C THR F 169 16.93 41.50 -38.07
N VAL F 170 16.95 41.60 -36.74
CA VAL F 170 16.06 42.48 -36.00
C VAL F 170 16.77 43.83 -35.85
N SER F 171 16.43 44.77 -36.72
CA SER F 171 16.88 46.15 -36.61
C SER F 171 15.86 47.03 -37.33
N TRP F 172 15.22 47.93 -36.59
CA TRP F 172 14.15 48.74 -37.15
C TRP F 172 14.25 50.19 -36.69
N ASN F 173 13.94 51.11 -37.62
CA ASN F 173 13.62 52.51 -37.33
C ASN F 173 14.82 53.28 -36.77
N SER F 174 16.02 52.98 -37.29
CA SER F 174 17.26 53.72 -37.05
C SER F 174 17.62 53.85 -35.56
N GLY F 175 17.32 52.80 -34.79
CA GLY F 175 17.82 52.71 -33.43
C GLY F 175 17.10 53.52 -32.36
N ALA F 176 16.53 54.67 -32.73
CA ALA F 176 15.87 55.52 -31.75
C ALA F 176 14.55 54.93 -31.27
N LEU F 177 13.86 54.20 -32.15
CA LEU F 177 12.53 53.66 -31.85
C LEU F 177 12.67 52.16 -31.60
N THR F 178 12.78 51.79 -30.32
CA THR F 178 12.99 50.39 -29.94
C THR F 178 11.73 49.71 -29.39
N SER F 179 10.68 50.47 -29.08
CA SER F 179 9.47 49.90 -28.51
C SER F 179 8.25 50.65 -29.04
N GLY F 180 7.12 49.96 -29.05
CA GLY F 180 5.87 50.51 -29.55
C GLY F 180 5.52 50.12 -30.96
N VAL F 181 6.28 49.23 -31.58
CA VAL F 181 6.09 48.86 -32.98
C VAL F 181 5.53 47.45 -33.08
N HIS F 182 4.73 47.22 -34.12
CA HIS F 182 4.33 45.89 -34.54
C HIS F 182 4.66 45.73 -36.01
N THR F 183 5.57 44.80 -36.32
CA THR F 183 5.97 44.50 -37.69
C THR F 183 5.35 43.15 -38.08
N PHE F 184 4.91 43.05 -39.33
CA PHE F 184 4.14 41.90 -39.76
C PHE F 184 5.04 40.86 -40.41
N PRO F 185 4.79 39.57 -40.20
CA PRO F 185 5.55 38.55 -40.92
C PRO F 185 5.18 38.50 -42.39
N ALA F 186 6.09 37.92 -43.18
CA ALA F 186 5.92 37.82 -44.61
C ALA F 186 5.09 36.60 -44.99
N VAL F 187 4.33 36.74 -46.09
CA VAL F 187 3.49 35.67 -46.61
C VAL F 187 3.86 35.48 -48.08
N LEU F 188 3.57 34.28 -48.59
CA LEU F 188 3.88 33.94 -49.98
C LEU F 188 2.79 34.49 -50.90
N GLN F 189 3.20 35.33 -51.84
CA GLN F 189 2.27 35.88 -52.82
C GLN F 189 2.37 35.11 -54.13
N SER F 190 1.58 35.55 -55.12
CA SER F 190 1.48 34.85 -56.40
C SER F 190 2.76 34.95 -57.23
N SER F 191 3.62 35.93 -56.97
CA SER F 191 4.89 36.01 -57.68
C SER F 191 5.95 35.07 -57.12
N GLY F 192 5.66 34.36 -56.03
CA GLY F 192 6.57 33.42 -55.45
C GLY F 192 7.56 33.98 -54.44
N LEU F 193 7.56 35.27 -54.19
CA LEU F 193 8.49 35.86 -53.25
C LEU F 193 7.68 36.47 -52.10
N TYR F 194 8.36 37.06 -51.12
CA TYR F 194 7.76 37.57 -49.90
C TYR F 194 7.62 39.08 -49.93
N SER F 195 6.75 39.59 -49.06
CA SER F 195 6.48 41.02 -48.92
C SER F 195 6.35 41.36 -47.44
N LEU F 196 6.74 42.59 -47.09
CA LEU F 196 6.67 43.06 -45.73
C LEU F 196 5.67 44.21 -45.59
N SER F 197 5.16 44.36 -44.37
CA SER F 197 4.26 45.44 -44.02
C SER F 197 4.45 45.76 -42.53
N SER F 198 4.23 47.03 -42.17
CA SER F 198 4.40 47.43 -40.78
C SER F 198 3.54 48.65 -40.48
N VAL F 199 3.14 48.76 -39.21
CA VAL F 199 2.46 49.93 -38.66
C VAL F 199 3.06 50.24 -37.29
N VAL F 200 3.13 51.52 -36.96
CA VAL F 200 3.69 51.98 -35.70
C VAL F 200 2.57 52.64 -34.90
N THR F 201 2.54 52.36 -33.59
CA THR F 201 1.52 52.92 -32.71
C THR F 201 1.96 54.32 -32.30
N VAL F 202 1.39 55.32 -32.96
CA VAL F 202 1.77 56.72 -32.76
C VAL F 202 0.52 57.47 -32.33
N PRO F 203 0.58 58.33 -31.30
CA PRO F 203 -0.54 59.23 -31.01
C PRO F 203 -0.81 60.19 -32.16
N SER F 204 -2.09 60.51 -32.36
CA SER F 204 -2.51 61.30 -33.51
C SER F 204 -2.01 62.75 -33.45
N SER F 205 -1.78 63.27 -32.24
CA SER F 205 -1.35 64.66 -32.11
C SER F 205 0.13 64.87 -32.44
N SER F 206 0.92 63.80 -32.46
CA SER F 206 2.37 63.90 -32.59
C SER F 206 2.86 63.78 -34.03
N LEU F 207 1.95 63.79 -35.02
CA LEU F 207 2.37 63.62 -36.42
C LEU F 207 3.15 64.84 -36.93
N GLY F 208 2.87 66.03 -36.39
CA GLY F 208 3.54 67.22 -36.85
C GLY F 208 5.00 67.32 -36.44
N THR F 209 5.36 66.70 -35.31
CA THR F 209 6.67 66.90 -34.71
C THR F 209 7.62 65.74 -34.93
N GLN F 210 7.12 64.51 -35.02
CA GLN F 210 7.94 63.32 -35.03
C GLN F 210 7.79 62.58 -36.35
N THR F 211 8.91 62.19 -36.96
CA THR F 211 8.91 61.41 -38.18
C THR F 211 9.75 60.16 -37.98
N TYR F 212 9.47 59.14 -38.80
CA TYR F 212 10.07 57.82 -38.69
C TYR F 212 10.65 57.39 -40.03
N ILE F 213 11.65 56.54 -39.98
CA ILE F 213 12.39 56.11 -41.17
C ILE F 213 12.36 54.59 -41.26
N CYS F 214 11.92 54.08 -42.41
CA CYS F 214 12.03 52.65 -42.70
C CYS F 214 13.44 52.32 -43.16
N ASN F 215 14.11 51.44 -42.42
CA ASN F 215 15.43 50.95 -42.78
C ASN F 215 15.32 49.46 -43.09
N VAL F 216 15.53 49.11 -44.36
CA VAL F 216 15.51 47.71 -44.81
C VAL F 216 16.93 47.19 -44.68
N ASN F 217 17.19 46.46 -43.58
CA ASN F 217 18.53 46.01 -43.24
C ASN F 217 18.60 44.49 -43.40
N HIS F 218 19.34 44.03 -44.41
CA HIS F 218 19.58 42.62 -44.63
C HIS F 218 21.09 42.42 -44.78
N LYS F 219 21.67 41.64 -43.86
CA LYS F 219 23.13 41.46 -43.84
C LYS F 219 23.70 40.70 -45.06
N PRO F 220 23.19 39.52 -45.48
CA PRO F 220 23.86 38.82 -46.60
C PRO F 220 23.69 39.50 -47.95
N SER F 221 22.69 40.34 -48.15
CA SER F 221 22.45 40.96 -49.45
C SER F 221 23.08 42.35 -49.58
N ASN F 222 23.73 42.83 -48.51
CA ASN F 222 24.44 44.13 -48.47
C ASN F 222 23.52 45.29 -48.86
N THR F 223 22.33 45.31 -48.25
CA THR F 223 21.25 46.21 -48.66
C THR F 223 20.98 47.21 -47.54
N LYS F 224 21.31 48.48 -47.80
CA LYS F 224 20.97 49.60 -46.93
C LYS F 224 20.17 50.60 -47.76
N VAL F 225 18.84 50.60 -47.58
CA VAL F 225 17.95 51.47 -48.33
C VAL F 225 17.33 52.48 -47.37
N ASP F 226 17.64 53.75 -47.58
CA ASP F 226 16.97 54.85 -46.87
C ASP F 226 15.83 55.34 -47.76
N LYS F 227 14.59 55.07 -47.34
CA LYS F 227 13.40 55.44 -48.11
C LYS F 227 12.70 56.58 -47.40
N LYS F 228 12.51 57.69 -48.12
CA LYS F 228 11.98 58.91 -47.51
C LYS F 228 10.46 58.91 -47.59
N VAL F 229 9.82 59.17 -46.44
CA VAL F 229 8.36 59.28 -46.35
C VAL F 229 7.98 60.74 -46.17
N GLU F 230 6.91 61.15 -46.86
CA GLU F 230 6.47 62.54 -46.85
C GLU F 230 5.02 62.64 -46.40
N PRO F 231 4.67 63.67 -45.63
CA PRO F 231 3.26 63.85 -45.25
C PRO F 231 2.42 64.32 -46.43
N LYS F 232 1.24 63.71 -46.59
CA LYS F 232 0.27 64.13 -47.58
C LYS F 232 -1.12 63.95 -47.02
N SER F 233 -2.07 64.74 -47.56
CA SER F 233 -3.46 64.68 -47.10
C SER F 233 -4.17 63.40 -47.49
N CYS F 234 -3.65 62.67 -48.48
CA CYS F 234 -4.24 61.45 -49.04
C CYS F 234 -5.67 61.64 -49.54
C1 NAG G . -61.93 -15.42 64.97
C2 NAG G . -61.88 -14.02 64.37
C3 NAG G . -62.32 -12.97 65.40
C4 NAG G . -63.66 -13.33 66.02
C5 NAG G . -63.61 -14.77 66.55
C6 NAG G . -64.94 -15.27 67.09
C7 NAG G . -60.28 -13.28 62.62
C8 NAG G . -61.46 -13.11 61.70
N2 NAG G . -60.55 -13.71 63.86
O3 NAG G . -62.41 -11.69 64.77
O4 NAG G . -63.93 -12.45 67.10
O5 NAG G . -63.23 -15.67 65.50
O6 NAG G . -64.94 -15.30 68.51
O7 NAG G . -59.14 -13.04 62.26
C1 NAG G . -65.07 -11.61 66.84
C2 NAG G . -65.67 -11.07 68.14
C3 NAG G . -66.87 -10.18 67.84
C4 NAG G . -66.49 -9.08 66.86
C5 NAG G . -65.85 -9.67 65.61
C6 NAG G . -65.34 -8.63 64.65
C7 NAG G . -65.49 -12.42 70.21
C8 NAG G . -64.38 -11.50 70.65
N2 NAG G . -66.06 -12.17 69.02
O3 NAG G . -67.34 -9.61 69.06
O4 NAG G . -67.66 -8.34 66.49
O5 NAG G . -64.73 -10.50 65.97
O6 NAG G . -66.36 -7.72 64.28
O7 NAG G . -65.85 -13.37 70.91
#